data_1A4E
#
_entry.id   1A4E
#
_cell.length_a   184.172
_cell.length_b   184.172
_cell.length_c   304.977
_cell.angle_alpha   90.00
_cell.angle_beta   90.00
_cell.angle_gamma   120.00
#
_symmetry.space_group_name_H-M   'P 61 2 2'
#
loop_
_entity.id
_entity.type
_entity.pdbx_description
1 polymer 'CATALASE A'
2 non-polymer 'AZIDE ION'
3 non-polymer 'SULFATE ION'
4 non-polymer 'PROTOPORPHYRIN IX CONTAINING FE'
5 water water
#
_entity_poly.entity_id   1
_entity_poly.type   'polypeptide(L)'
_entity_poly.pdbx_seq_one_letter_code
;DVREDRVVTNSTGNPINEPFVTQRIGEHGPLLLQDYNLIDSLAHFNRENIPQRNPHAHGSGAFGYFEVTDDITDICGSAM
FSKIGKRTKCLTRFSTVGGDKGSADTVRDPRGFATKFYTEEGNLDWVYNNTPVFFIRDPSKFPHFIHTQKRNPQTNLRDA
DMFWDFLTTPENQVAIHQVMILFSDRGTPANYRSMHGYSGHTYKWSNKNGDWHYVQVHIKTDQGIKNLTIEEATKIAGSN
PDYCQQDLFEAIQNGNYPSWTVYIQTMTERDAKKLPFSVFDLTKVWPQGQFPLRRVGKIVLNENPLNFFAQVEQAAFAPS
TTVPYQEASADPVLQARLFSYADAHRYRLGPNFHQIPVNCPYASKFFNPAIRDGPMNVNGNFGSEPTYLANDKSYTYIQQ
DRPIQQHQEVWNGPAIPYHWATSPGDVDFVQARNLYRVLGKQPGQQKNLAYNIGIHVEGACPQIQQRVYDMFARVDKGLS
EAIKKVAE
;
_entity_poly.pdbx_strand_id   A,B,C,D
#
# COMPACT_ATOMS: atom_id res chain seq x y z
N ASP A 1 -7.44 2.20 24.95
CA ASP A 1 -6.70 3.29 25.57
C ASP A 1 -5.54 2.83 26.45
N VAL A 2 -4.94 3.77 27.20
CA VAL A 2 -3.79 3.51 28.06
C VAL A 2 -4.11 2.63 29.26
N ARG A 3 -3.31 1.57 29.39
CA ARG A 3 -3.40 0.64 30.51
C ARG A 3 -3.08 1.35 31.82
N GLU A 4 -3.95 1.16 32.84
CA GLU A 4 -3.87 1.82 34.14
C GLU A 4 -2.54 1.75 34.91
N ASP A 5 -1.88 0.59 34.86
CA ASP A 5 -0.58 0.39 35.51
C ASP A 5 0.60 0.99 34.74
N ARG A 6 0.31 1.50 33.53
CA ARG A 6 1.21 2.22 32.64
C ARG A 6 2.55 1.58 32.29
N VAL A 7 2.49 0.26 32.15
CA VAL A 7 3.63 -0.55 31.77
C VAL A 7 3.96 -0.36 30.29
N VAL A 8 5.20 0.03 30.02
CA VAL A 8 5.63 0.21 28.64
C VAL A 8 6.04 -1.14 28.07
N THR A 9 5.42 -1.44 26.92
CA THR A 9 5.60 -2.68 26.20
C THR A 9 6.00 -2.38 24.77
N ASN A 10 6.37 -3.44 24.06
CA ASN A 10 6.58 -3.35 22.62
C ASN A 10 5.21 -3.54 21.95
N SER A 11 5.14 -3.70 20.62
CA SER A 11 3.88 -3.86 19.90
C SER A 11 3.03 -5.05 20.31
N THR A 12 3.68 -6.16 20.67
CA THR A 12 2.96 -7.37 21.03
C THR A 12 2.79 -7.56 22.53
N GLY A 13 2.83 -6.45 23.27
CA GLY A 13 2.53 -6.45 24.70
C GLY A 13 3.59 -6.98 25.64
N ASN A 14 4.77 -7.32 25.12
CA ASN A 14 5.85 -7.84 25.94
C ASN A 14 6.53 -6.68 26.67
N PRO A 15 6.67 -6.72 28.00
CA PRO A 15 7.24 -5.64 28.80
C PRO A 15 8.69 -5.30 28.50
N ILE A 16 8.96 -4.00 28.38
CA ILE A 16 10.32 -3.51 28.16
C ILE A 16 10.88 -3.17 29.55
N ASN A 17 12.04 -3.72 29.92
CA ASN A 17 12.58 -3.50 31.25
C ASN A 17 13.44 -2.26 31.46
N GLU A 18 13.85 -1.64 30.35
CA GLU A 18 14.61 -0.39 30.39
C GLU A 18 14.32 0.36 29.09
N PRO A 19 13.96 1.65 29.11
CA PRO A 19 13.50 2.42 27.96
C PRO A 19 14.35 2.49 26.69
N PHE A 20 15.66 2.66 26.89
CA PHE A 20 16.56 2.87 25.77
C PHE A 20 17.64 1.85 25.49
N VAL A 21 17.74 0.74 26.25
CA VAL A 21 18.79 -0.23 25.97
C VAL A 21 18.70 -0.90 24.61
N THR A 22 19.86 -0.97 23.94
CA THR A 22 19.96 -1.71 22.70
C THR A 22 21.14 -2.68 22.84
N GLN A 23 20.88 -3.92 22.44
CA GLN A 23 21.86 -4.99 22.49
C GLN A 23 22.96 -4.90 21.46
N ARG A 24 24.16 -5.16 21.98
CA ARG A 24 25.40 -5.14 21.22
C ARG A 24 26.39 -6.11 21.86
N ILE A 25 27.54 -6.36 21.22
CA ILE A 25 28.56 -7.20 21.84
C ILE A 25 29.37 -6.30 22.75
N GLY A 26 29.38 -6.63 24.03
CA GLY A 26 30.05 -5.81 25.02
C GLY A 26 29.27 -4.52 25.22
N GLU A 27 29.94 -3.45 25.66
CA GLU A 27 29.26 -2.18 25.86
C GLU A 27 29.33 -1.28 24.63
N HIS A 28 30.37 -1.43 23.79
CA HIS A 28 30.54 -0.59 22.62
C HIS A 28 30.89 -1.33 21.33
N GLY A 29 30.38 -2.56 21.20
CA GLY A 29 30.57 -3.34 19.99
C GLY A 29 29.41 -3.15 19.02
N PRO A 30 29.32 -3.92 17.91
CA PRO A 30 28.28 -3.83 16.90
C PRO A 30 26.91 -4.24 17.42
N LEU A 31 25.89 -3.56 16.88
CA LEU A 31 24.50 -3.83 17.20
C LEU A 31 24.08 -5.19 16.68
N LEU A 32 23.20 -5.86 17.43
CA LEU A 32 22.77 -7.19 17.07
C LEU A 32 21.40 -7.25 16.44
N LEU A 33 21.25 -8.16 15.47
CA LEU A 33 19.97 -8.38 14.80
C LEU A 33 18.88 -8.87 15.74
N GLN A 34 19.23 -9.57 16.83
CA GLN A 34 18.25 -10.12 17.76
C GLN A 34 17.51 -9.09 18.62
N ASP A 35 17.91 -7.81 18.52
CA ASP A 35 17.21 -6.76 19.22
C ASP A 35 15.96 -6.38 18.42
N TYR A 36 14.92 -7.17 18.65
CA TYR A 36 13.66 -6.98 17.97
C TYR A 36 12.88 -5.77 18.49
N ASN A 37 13.11 -5.33 19.73
CA ASN A 37 12.44 -4.15 20.24
C ASN A 37 12.95 -2.90 19.57
N LEU A 38 14.24 -2.85 19.18
CA LEU A 38 14.77 -1.70 18.46
C LEU A 38 14.16 -1.63 17.07
N ILE A 39 14.09 -2.77 16.37
CA ILE A 39 13.51 -2.84 15.03
C ILE A 39 12.02 -2.52 15.08
N ASP A 40 11.32 -2.95 16.13
CA ASP A 40 9.89 -2.70 16.29
C ASP A 40 9.63 -1.20 16.35
N SER A 41 10.42 -0.49 17.16
CA SER A 41 10.26 0.94 17.29
C SER A 41 10.69 1.67 16.02
N LEU A 42 11.88 1.40 15.46
CA LEU A 42 12.35 2.07 14.26
C LEU A 42 11.50 1.81 13.03
N ALA A 43 10.94 0.61 12.90
CA ALA A 43 10.11 0.26 11.75
C ALA A 43 8.73 0.89 11.83
N HIS A 44 8.15 1.02 13.04
CA HIS A 44 6.88 1.70 13.15
C HIS A 44 7.06 3.20 12.93
N PHE A 45 8.21 3.74 13.35
CA PHE A 45 8.56 5.14 13.11
C PHE A 45 8.58 5.41 11.61
N ASN A 46 9.18 4.51 10.83
CA ASN A 46 9.23 4.64 9.39
C ASN A 46 7.90 4.61 8.66
N ARG A 47 6.86 4.17 9.38
CA ARG A 47 5.51 4.02 8.84
C ARG A 47 4.46 4.92 9.48
N GLU A 48 4.88 5.99 10.16
CA GLU A 48 3.95 6.92 10.80
C GLU A 48 3.11 7.77 9.88
N ASN A 49 3.66 8.08 8.71
CA ASN A 49 3.00 8.99 7.78
C ASN A 49 2.17 8.29 6.72
N ILE A 50 1.00 8.87 6.45
CA ILE A 50 0.13 8.49 5.34
C ILE A 50 0.22 9.60 4.27
N PRO A 51 -0.17 9.43 3.01
CA PRO A 51 -0.21 10.52 2.01
C PRO A 51 -1.09 11.67 2.46
N GLN A 52 -0.67 12.92 2.24
CA GLN A 52 -1.51 14.07 2.58
C GLN A 52 -2.64 14.18 1.56
N ARG A 53 -3.76 14.78 1.99
CA ARG A 53 -4.91 15.00 1.12
C ARG A 53 -4.53 15.80 -0.11
N ASN A 54 -5.20 15.49 -1.22
CA ASN A 54 -4.98 16.21 -2.45
C ASN A 54 -6.33 16.70 -2.97
N PRO A 55 -6.69 17.99 -2.84
CA PRO A 55 -5.96 19.03 -2.15
C PRO A 55 -6.38 19.12 -0.70
N HIS A 56 -6.24 20.30 -0.06
CA HIS A 56 -6.60 20.54 1.34
C HIS A 56 -5.80 19.72 2.34
N ALA A 57 -4.51 19.58 2.01
CA ALA A 57 -3.56 18.86 2.86
C ALA A 57 -3.40 19.42 4.26
N HIS A 58 -3.39 20.75 4.39
CA HIS A 58 -3.17 21.42 5.66
C HIS A 58 -4.47 21.82 6.34
N GLY A 59 -4.67 21.41 7.59
CA GLY A 59 -5.92 21.71 8.26
C GLY A 59 -5.95 21.45 9.77
N SER A 60 -7.10 21.85 10.32
CA SER A 60 -7.42 21.80 11.75
C SER A 60 -8.79 21.19 11.94
N GLY A 61 -9.11 20.68 13.14
CA GLY A 61 -10.41 20.07 13.36
C GLY A 61 -10.91 20.22 14.78
N ALA A 62 -12.22 20.01 14.96
CA ALA A 62 -12.87 20.06 16.26
C ALA A 62 -14.20 19.36 16.24
N PHE A 63 -14.61 18.85 17.40
CA PHE A 63 -15.91 18.22 17.60
C PHE A 63 -16.95 19.19 18.16
N GLY A 64 -18.22 18.89 17.88
CA GLY A 64 -19.30 19.68 18.41
C GLY A 64 -20.64 19.02 18.12
N TYR A 65 -21.65 19.85 17.87
CA TYR A 65 -22.98 19.38 17.55
C TYR A 65 -23.76 20.37 16.69
N PHE A 66 -24.72 19.82 15.95
CA PHE A 66 -25.69 20.58 15.21
C PHE A 66 -26.99 20.50 16.04
N GLU A 67 -27.72 21.61 16.13
CA GLU A 67 -28.98 21.65 16.84
C GLU A 67 -30.05 22.28 15.96
N VAL A 68 -31.20 21.60 15.79
CA VAL A 68 -32.31 22.13 15.01
C VAL A 68 -33.01 23.23 15.81
N THR A 69 -33.04 24.45 15.29
CA THR A 69 -33.72 25.54 15.97
C THR A 69 -35.06 25.90 15.33
N ASP A 70 -35.27 25.60 14.04
CA ASP A 70 -36.50 25.91 13.33
C ASP A 70 -37.01 24.71 12.56
N ASP A 71 -38.31 24.70 12.24
CA ASP A 71 -38.91 23.64 11.45
C ASP A 71 -38.63 23.78 9.96
N ILE A 72 -38.00 22.76 9.35
CA ILE A 72 -37.84 22.69 7.90
C ILE A 72 -38.31 21.32 7.41
N THR A 73 -39.17 20.60 8.16
CA THR A 73 -39.62 19.28 7.76
C THR A 73 -40.43 19.27 6.48
N ASP A 74 -40.96 20.44 6.07
CA ASP A 74 -41.66 20.54 4.80
C ASP A 74 -40.74 20.63 3.59
N ILE A 75 -39.44 20.84 3.86
CA ILE A 75 -38.41 20.87 2.82
C ILE A 75 -37.64 19.54 2.87
N CYS A 76 -37.27 19.06 4.07
CA CYS A 76 -36.42 17.89 4.16
C CYS A 76 -36.89 16.92 5.22
N GLY A 77 -37.02 15.66 4.80
CA GLY A 77 -37.50 14.62 5.69
C GLY A 77 -36.41 13.89 6.46
N SER A 78 -35.13 14.30 6.40
CA SER A 78 -34.04 13.64 7.12
C SER A 78 -34.25 13.65 8.62
N ALA A 79 -33.96 12.53 9.27
CA ALA A 79 -34.13 12.36 10.71
C ALA A 79 -33.40 13.39 11.56
N MET A 80 -32.24 13.91 11.11
CA MET A 80 -31.52 14.90 11.89
C MET A 80 -32.31 16.20 12.06
N PHE A 81 -33.24 16.48 11.15
CA PHE A 81 -34.09 17.66 11.21
C PHE A 81 -35.48 17.42 11.79
N SER A 82 -35.89 16.18 12.10
CA SER A 82 -37.26 15.88 12.51
C SER A 82 -37.91 16.64 13.67
N LYS A 83 -37.16 17.08 14.68
CA LYS A 83 -37.71 17.77 15.86
C LYS A 83 -36.85 18.97 16.23
N ILE A 84 -37.50 20.04 16.72
CA ILE A 84 -36.77 21.21 17.17
C ILE A 84 -36.13 20.87 18.52
N GLY A 85 -34.84 21.20 18.59
CA GLY A 85 -34.03 20.96 19.77
C GLY A 85 -33.20 19.70 19.64
N LYS A 86 -33.39 18.92 18.57
CA LYS A 86 -32.65 17.68 18.35
C LYS A 86 -31.20 17.94 17.96
N ARG A 87 -30.30 17.33 18.74
CA ARG A 87 -28.87 17.45 18.51
C ARG A 87 -28.25 16.21 17.88
N THR A 88 -27.35 16.51 16.96
CA THR A 88 -26.58 15.50 16.27
C THR A 88 -25.11 15.84 16.47
N LYS A 89 -24.29 14.90 16.95
CA LYS A 89 -22.86 15.12 17.11
C LYS A 89 -22.21 15.26 15.74
N CYS A 90 -21.19 16.11 15.68
CA CYS A 90 -20.47 16.35 14.44
C CYS A 90 -18.96 16.53 14.63
N LEU A 91 -18.24 16.42 13.51
CA LEU A 91 -16.81 16.69 13.46
C LEU A 91 -16.57 17.64 12.28
N THR A 92 -15.88 18.75 12.51
CA THR A 92 -15.58 19.70 11.44
C THR A 92 -14.08 19.77 11.26
N ARG A 93 -13.65 19.78 9.99
CA ARG A 93 -12.26 20.02 9.67
C ARG A 93 -12.23 21.23 8.75
N PHE A 94 -11.45 22.21 9.20
CA PHE A 94 -11.15 23.40 8.44
C PHE A 94 -9.81 23.22 7.74
N SER A 95 -9.57 23.89 6.61
CA SER A 95 -8.32 23.69 5.89
C SER A 95 -8.04 24.77 4.86
N THR A 96 -6.84 24.79 4.30
CA THR A 96 -6.56 25.64 3.16
C THR A 96 -6.66 24.75 1.92
N VAL A 97 -6.20 25.13 0.72
CA VAL A 97 -6.38 24.28 -0.46
C VAL A 97 -5.09 23.87 -1.15
N GLY A 98 -4.27 24.82 -1.60
CA GLY A 98 -3.10 24.51 -2.42
C GLY A 98 -1.84 24.09 -1.68
N GLY A 99 -1.64 24.55 -0.44
CA GLY A 99 -0.41 24.24 0.28
C GLY A 99 -0.31 22.80 0.80
N ASP A 100 0.94 22.33 0.90
CA ASP A 100 1.23 21.00 1.44
C ASP A 100 1.02 20.96 2.95
N LYS A 101 1.31 19.83 3.60
CA LYS A 101 1.00 19.66 5.00
C LYS A 101 1.68 20.63 5.95
N GLY A 102 2.92 21.06 5.73
CA GLY A 102 3.54 21.99 6.67
C GLY A 102 3.37 23.47 6.37
N SER A 103 2.53 23.82 5.40
CA SER A 103 2.35 25.22 5.00
C SER A 103 1.61 26.05 6.04
N ALA A 104 1.70 27.37 5.89
CA ALA A 104 1.12 28.31 6.84
C ALA A 104 -0.38 28.44 6.78
N ASP A 105 -1.00 28.77 7.92
CA ASP A 105 -2.43 29.00 8.00
C ASP A 105 -2.89 30.28 7.33
N THR A 106 -2.17 31.40 7.55
CA THR A 106 -2.57 32.69 7.01
C THR A 106 -2.03 33.01 5.61
N VAL A 107 -2.43 32.21 4.62
CA VAL A 107 -2.07 32.47 3.22
C VAL A 107 -3.35 32.75 2.44
N ARG A 108 -3.27 33.22 1.19
CA ARG A 108 -4.46 33.48 0.39
C ARG A 108 -4.86 32.19 -0.29
N ASP A 109 -6.08 31.77 0.05
CA ASP A 109 -6.67 30.53 -0.45
C ASP A 109 -8.15 30.52 -0.10
N PRO A 110 -9.01 29.70 -0.72
CA PRO A 110 -10.24 29.25 -0.09
C PRO A 110 -9.92 28.42 1.15
N ARG A 111 -10.85 28.42 2.09
CA ARG A 111 -10.75 27.57 3.25
C ARG A 111 -11.82 26.50 3.14
N GLY A 112 -11.47 25.25 3.42
CA GLY A 112 -12.46 24.20 3.51
C GLY A 112 -13.19 24.28 4.85
N PHE A 113 -14.42 23.78 4.85
CA PHE A 113 -15.29 23.76 6.01
C PHE A 113 -16.13 22.51 5.79
N ALA A 114 -15.55 21.40 6.22
CA ALA A 114 -16.16 20.09 6.07
C ALA A 114 -16.75 19.58 7.37
N THR A 115 -18.06 19.26 7.44
CA THR A 115 -18.64 18.75 8.66
C THR A 115 -19.26 17.36 8.48
N LYS A 116 -19.04 16.48 9.46
CA LYS A 116 -19.56 15.12 9.46
C LYS A 116 -20.59 15.01 10.57
N PHE A 117 -21.81 14.58 10.25
CA PHE A 117 -22.87 14.44 11.24
C PHE A 117 -23.12 12.96 11.43
N TYR A 118 -23.17 12.51 12.68
CA TYR A 118 -23.43 11.12 13.00
C TYR A 118 -24.91 10.96 13.28
N THR A 119 -25.70 10.74 12.22
CA THR A 119 -27.15 10.66 12.38
C THR A 119 -27.65 9.22 12.50
N GLU A 120 -28.92 9.10 12.90
CA GLU A 120 -29.62 7.82 13.01
C GLU A 120 -29.78 7.10 11.67
N GLU A 121 -29.57 7.82 10.57
CA GLU A 121 -29.66 7.25 9.24
C GLU A 121 -28.31 7.23 8.55
N GLY A 122 -27.25 7.21 9.36
CA GLY A 122 -25.89 7.19 8.86
C GLY A 122 -25.24 8.55 8.91
N ASN A 123 -23.97 8.56 8.52
CA ASN A 123 -23.21 9.79 8.49
C ASN A 123 -23.62 10.65 7.30
N LEU A 124 -23.50 11.96 7.54
CA LEU A 124 -23.79 12.96 6.53
C LEU A 124 -22.57 13.88 6.45
N ASP A 125 -21.99 14.05 5.27
CA ASP A 125 -20.90 14.99 5.15
C ASP A 125 -21.30 16.20 4.32
N TRP A 126 -21.15 17.38 4.92
CA TRP A 126 -21.33 18.64 4.23
C TRP A 126 -19.91 19.14 3.97
N VAL A 127 -19.43 18.79 2.78
CA VAL A 127 -18.08 19.14 2.36
C VAL A 127 -18.14 20.46 1.61
N TYR A 128 -18.00 21.52 2.40
CA TYR A 128 -18.18 22.88 1.93
C TYR A 128 -16.90 23.70 1.91
N ASN A 129 -16.88 24.80 1.13
CA ASN A 129 -15.80 25.77 1.19
C ASN A 129 -16.32 27.04 1.81
N ASN A 130 -15.43 27.99 2.12
CA ASN A 130 -15.86 29.23 2.77
C ASN A 130 -16.28 30.31 1.77
N THR A 131 -16.55 29.90 0.54
CA THR A 131 -16.93 30.78 -0.55
C THR A 131 -18.19 30.26 -1.24
N PRO A 132 -19.16 31.11 -1.64
CA PRO A 132 -20.39 30.69 -2.29
C PRO A 132 -20.24 30.00 -3.63
N VAL A 133 -19.11 30.20 -4.31
CA VAL A 133 -18.89 29.63 -5.63
C VAL A 133 -17.52 28.97 -5.74
N PHE A 134 -17.14 28.51 -6.93
CA PHE A 134 -15.82 27.93 -7.15
C PHE A 134 -15.33 28.27 -8.56
N PHE A 135 -14.06 27.95 -8.80
CA PHE A 135 -13.35 28.30 -10.02
C PHE A 135 -13.79 27.57 -11.27
N ILE A 136 -14.42 26.40 -11.14
CA ILE A 136 -14.75 25.61 -12.32
C ILE A 136 -16.18 25.11 -12.33
N ARG A 137 -16.69 24.83 -13.53
CA ARG A 137 -17.98 24.18 -13.68
C ARG A 137 -17.84 22.95 -14.59
N ASP A 138 -16.60 22.58 -14.92
CA ASP A 138 -16.29 21.34 -15.62
C ASP A 138 -15.41 20.47 -14.74
N PRO A 139 -15.82 19.25 -14.37
CA PRO A 139 -15.08 18.38 -13.44
C PRO A 139 -13.69 17.98 -13.93
N SER A 140 -13.57 17.76 -15.24
CA SER A 140 -12.30 17.40 -15.87
C SER A 140 -11.18 18.44 -15.73
N LYS A 141 -11.61 19.66 -15.46
CA LYS A 141 -10.72 20.79 -15.31
C LYS A 141 -10.05 20.81 -13.93
N PHE A 142 -10.56 20.07 -12.94
CA PHE A 142 -10.01 20.07 -11.58
C PHE A 142 -8.57 19.61 -11.42
N PRO A 143 -8.05 18.47 -11.95
CA PRO A 143 -6.63 18.12 -11.90
C PRO A 143 -5.73 19.23 -12.42
N HIS A 144 -6.14 19.82 -13.56
CA HIS A 144 -5.42 20.92 -14.21
C HIS A 144 -5.37 22.16 -13.33
N PHE A 145 -6.53 22.51 -12.76
CA PHE A 145 -6.62 23.68 -11.92
C PHE A 145 -5.76 23.53 -10.66
N ILE A 146 -5.88 22.44 -9.90
CA ILE A 146 -5.11 22.28 -8.67
C ILE A 146 -3.63 22.19 -8.97
N HIS A 147 -3.23 21.64 -10.12
CA HIS A 147 -1.81 21.64 -10.49
C HIS A 147 -1.29 23.07 -10.60
N THR A 148 -2.03 23.99 -11.24
CA THR A 148 -1.59 25.38 -11.39
C THR A 148 -1.61 26.17 -10.09
N GLN A 149 -2.37 25.70 -9.11
CA GLN A 149 -2.39 26.30 -7.78
C GLN A 149 -1.24 25.80 -6.91
N LYS A 150 -0.64 24.66 -7.24
CA LYS A 150 0.43 24.11 -6.44
C LYS A 150 1.83 24.53 -6.88
N ARG A 151 2.78 23.63 -7.19
CA ARG A 151 4.13 24.02 -7.51
C ARG A 151 4.49 23.60 -8.91
N ASN A 152 5.34 24.39 -9.55
CA ASN A 152 5.88 24.10 -10.88
C ASN A 152 6.58 22.73 -10.84
N PRO A 153 6.32 21.81 -11.79
CA PRO A 153 6.89 20.47 -11.85
C PRO A 153 8.41 20.40 -11.84
N GLN A 154 9.07 21.44 -12.34
CA GLN A 154 10.52 21.49 -12.37
C GLN A 154 11.13 22.25 -11.21
N THR A 155 10.79 23.53 -11.06
CA THR A 155 11.39 24.40 -10.06
C THR A 155 10.90 24.16 -8.63
N ASN A 156 9.72 23.51 -8.50
CA ASN A 156 9.01 23.27 -7.24
C ASN A 156 8.67 24.53 -6.44
N LEU A 157 8.49 25.61 -7.21
CA LEU A 157 8.15 26.93 -6.69
C LEU A 157 6.72 27.22 -7.10
N ARG A 158 6.00 28.02 -6.32
CA ARG A 158 4.67 28.43 -6.74
C ARG A 158 4.88 29.46 -7.84
N ASP A 159 4.21 29.14 -8.94
CA ASP A 159 4.39 29.85 -10.18
C ASP A 159 3.18 30.69 -10.58
N ALA A 160 3.37 32.02 -10.57
CA ALA A 160 2.34 32.98 -10.93
C ALA A 160 1.94 32.91 -12.40
N ASP A 161 2.85 32.50 -13.30
CA ASP A 161 2.52 32.33 -14.71
C ASP A 161 1.55 31.18 -14.91
N MET A 162 1.71 30.03 -14.21
CA MET A 162 0.78 28.90 -14.31
C MET A 162 -0.60 29.27 -13.83
N PHE A 163 -0.59 29.90 -12.65
CA PHE A 163 -1.78 30.34 -11.95
C PHE A 163 -2.63 31.17 -12.89
N TRP A 164 -2.05 32.27 -13.40
CA TRP A 164 -2.81 33.15 -14.25
C TRP A 164 -2.98 32.70 -15.68
N ASP A 165 -2.14 31.78 -16.17
CA ASP A 165 -2.29 31.27 -17.52
C ASP A 165 -3.59 30.46 -17.63
N PHE A 166 -3.85 29.62 -16.61
CA PHE A 166 -5.05 28.80 -16.57
C PHE A 166 -6.30 29.66 -16.48
N LEU A 167 -6.33 30.56 -15.49
CA LEU A 167 -7.48 31.40 -15.24
C LEU A 167 -7.84 32.38 -16.34
N THR A 168 -6.86 32.87 -17.13
CA THR A 168 -7.15 33.79 -18.22
C THR A 168 -7.33 33.09 -19.56
N THR A 169 -7.24 31.75 -19.61
CA THR A 169 -7.54 30.99 -20.83
C THR A 169 -9.04 31.18 -21.06
N PRO A 170 -9.50 31.61 -22.25
CA PRO A 170 -10.88 32.03 -22.51
C PRO A 170 -11.98 31.12 -21.97
N GLU A 171 -11.89 29.80 -22.24
CA GLU A 171 -12.89 28.84 -21.77
C GLU A 171 -12.89 28.60 -20.26
N ASN A 172 -11.84 29.07 -19.57
CA ASN A 172 -11.73 28.95 -18.12
C ASN A 172 -12.06 30.23 -17.38
N GLN A 173 -12.33 31.33 -18.07
CA GLN A 173 -12.55 32.66 -17.49
C GLN A 173 -13.85 32.67 -16.68
N VAL A 174 -14.71 31.68 -16.71
CA VAL A 174 -15.88 31.54 -15.86
C VAL A 174 -15.48 31.45 -14.37
N ALA A 175 -14.17 31.31 -14.11
CA ALA A 175 -13.59 31.35 -12.78
C ALA A 175 -13.51 32.73 -12.16
N ILE A 176 -13.85 33.78 -12.93
CA ILE A 176 -13.70 35.17 -12.51
C ILE A 176 -14.49 35.56 -11.28
N HIS A 177 -15.72 35.06 -11.08
CA HIS A 177 -16.47 35.39 -9.88
C HIS A 177 -15.68 34.91 -8.66
N GLN A 178 -15.12 33.70 -8.76
CA GLN A 178 -14.32 33.13 -7.69
C GLN A 178 -12.97 33.82 -7.52
N VAL A 179 -12.29 34.21 -8.60
CA VAL A 179 -11.02 34.93 -8.51
C VAL A 179 -11.19 36.25 -7.75
N MET A 180 -12.33 36.93 -7.94
CA MET A 180 -12.65 38.17 -7.25
C MET A 180 -12.73 37.96 -5.74
N ILE A 181 -13.42 36.89 -5.34
CA ILE A 181 -13.59 36.58 -3.92
C ILE A 181 -12.25 36.21 -3.29
N LEU A 182 -11.45 35.40 -4.01
CA LEU A 182 -10.16 34.94 -3.53
C LEU A 182 -9.22 36.11 -3.26
N PHE A 183 -9.18 37.06 -4.21
CA PHE A 183 -8.30 38.20 -4.08
C PHE A 183 -8.84 39.39 -3.29
N SER A 184 -10.08 39.28 -2.77
CA SER A 184 -10.58 40.23 -1.80
C SER A 184 -9.98 39.81 -0.45
N ASP A 185 -10.12 40.59 0.63
CA ASP A 185 -9.56 40.20 1.91
C ASP A 185 -10.20 38.99 2.60
N ARG A 186 -11.35 38.55 2.06
CA ARG A 186 -11.95 37.30 2.50
C ARG A 186 -11.12 36.08 2.13
N GLY A 187 -10.17 36.23 1.18
CA GLY A 187 -9.23 35.19 0.81
C GLY A 187 -8.17 34.97 1.89
N THR A 188 -8.10 35.85 2.90
CA THR A 188 -7.21 35.70 4.04
C THR A 188 -8.02 35.95 5.31
N PRO A 189 -8.82 34.98 5.82
CA PRO A 189 -9.61 35.11 7.05
C PRO A 189 -8.76 35.33 8.29
N ALA A 190 -9.29 36.03 9.31
CA ALA A 190 -8.55 36.28 10.56
C ALA A 190 -8.28 35.00 11.32
N ASN A 191 -9.28 34.11 11.21
CA ASN A 191 -9.27 32.78 11.77
C ASN A 191 -10.49 32.01 11.27
N TYR A 192 -10.52 30.71 11.59
CA TYR A 192 -11.60 29.82 11.19
C TYR A 192 -12.94 30.10 11.82
N ARG A 193 -12.91 30.80 12.96
CA ARG A 193 -14.13 31.14 13.67
C ARG A 193 -14.84 32.36 13.09
N SER A 194 -14.14 33.10 12.24
CA SER A 194 -14.72 34.31 11.68
C SER A 194 -14.78 34.30 10.16
N MET A 195 -15.35 33.18 9.67
CA MET A 195 -15.61 32.96 8.24
C MET A 195 -16.91 32.16 8.07
N HIS A 196 -17.47 32.19 6.88
CA HIS A 196 -18.68 31.43 6.56
C HIS A 196 -18.40 30.12 5.87
N GLY A 197 -19.44 29.29 5.70
CA GLY A 197 -19.37 28.05 4.94
C GLY A 197 -20.50 28.05 3.94
N TYR A 198 -20.33 27.49 2.74
CA TYR A 198 -21.41 27.48 1.77
C TYR A 198 -21.41 26.15 1.03
N SER A 199 -22.60 25.59 0.69
CA SER A 199 -22.66 24.38 -0.10
C SER A 199 -22.03 24.56 -1.48
N GLY A 200 -22.09 25.77 -2.03
CA GLY A 200 -21.58 26.04 -3.37
C GLY A 200 -22.56 25.52 -4.41
N HIS A 201 -22.70 24.20 -4.42
CA HIS A 201 -23.62 23.52 -5.30
C HIS A 201 -25.03 23.59 -4.78
N THR A 202 -25.92 23.35 -5.74
CA THR A 202 -27.33 23.18 -5.47
C THR A 202 -27.47 21.70 -5.12
N TYR A 203 -28.21 21.40 -4.05
CA TYR A 203 -28.55 20.04 -3.72
C TYR A 203 -30.06 19.89 -3.86
N LYS A 204 -30.57 18.66 -3.84
CA LYS A 204 -32.01 18.46 -3.88
C LYS A 204 -32.43 17.84 -2.57
N TRP A 205 -33.31 18.52 -1.81
CA TRP A 205 -33.82 17.99 -0.55
C TRP A 205 -35.29 17.67 -0.73
N SER A 206 -35.76 16.55 -0.16
CA SER A 206 -37.15 16.15 -0.31
C SER A 206 -37.80 15.97 1.03
N ASN A 207 -39.10 16.28 1.15
CA ASN A 207 -39.79 15.99 2.39
C ASN A 207 -40.39 14.58 2.31
N LYS A 208 -41.02 14.09 3.38
CA LYS A 208 -41.62 12.77 3.37
C LYS A 208 -42.78 12.57 2.41
N ASN A 209 -43.39 13.64 1.87
CA ASN A 209 -44.49 13.50 0.91
C ASN A 209 -43.95 13.23 -0.48
N GLY A 210 -42.70 13.60 -0.77
CA GLY A 210 -42.15 13.44 -2.10
C GLY A 210 -41.97 14.80 -2.77
N ASP A 211 -42.39 15.90 -2.13
CA ASP A 211 -42.18 17.26 -2.64
C ASP A 211 -40.70 17.53 -2.49
N TRP A 212 -40.08 18.17 -3.46
CA TRP A 212 -38.66 18.43 -3.40
C TRP A 212 -38.32 19.83 -3.83
N HIS A 213 -37.13 20.27 -3.40
CA HIS A 213 -36.61 21.59 -3.71
C HIS A 213 -35.13 21.55 -4.00
N TYR A 214 -34.74 22.53 -4.81
CA TYR A 214 -33.34 22.84 -5.02
C TYR A 214 -32.93 23.68 -3.82
N VAL A 215 -31.82 23.36 -3.15
CA VAL A 215 -31.39 24.12 -1.98
C VAL A 215 -29.92 24.52 -2.06
N GLN A 216 -29.58 25.64 -1.41
CA GLN A 216 -28.19 26.04 -1.24
C GLN A 216 -28.04 26.40 0.23
N VAL A 217 -26.98 25.90 0.86
CA VAL A 217 -26.78 26.06 2.29
C VAL A 217 -25.75 27.12 2.62
N HIS A 218 -26.07 27.92 3.62
CA HIS A 218 -25.25 29.02 4.10
C HIS A 218 -24.99 28.79 5.59
N ILE A 219 -23.74 28.67 6.01
CA ILE A 219 -23.37 28.46 7.39
C ILE A 219 -22.68 29.74 7.82
N LYS A 220 -23.47 30.65 8.39
CA LYS A 220 -22.99 31.97 8.74
C LYS A 220 -22.36 32.06 10.12
N THR A 221 -21.16 32.63 10.25
CA THR A 221 -20.52 32.80 11.55
C THR A 221 -21.19 33.80 12.49
N ASP A 222 -21.41 33.30 13.71
CA ASP A 222 -21.99 34.10 14.78
C ASP A 222 -20.97 35.00 15.42
N GLN A 223 -19.68 34.76 15.16
CA GLN A 223 -18.59 35.58 15.67
C GLN A 223 -18.38 36.76 14.72
N GLY A 224 -18.94 36.68 13.50
CA GLY A 224 -18.84 37.74 12.52
C GLY A 224 -17.59 37.66 11.67
N ILE A 225 -17.73 38.06 10.39
CA ILE A 225 -16.63 38.11 9.44
C ILE A 225 -15.54 39.07 9.90
N LYS A 226 -14.32 38.56 9.87
CA LYS A 226 -13.14 39.34 10.20
C LYS A 226 -12.03 38.78 9.32
N ASN A 227 -11.30 39.69 8.69
CA ASN A 227 -10.23 39.33 7.78
C ASN A 227 -8.91 39.97 8.15
N LEU A 228 -7.88 39.54 7.45
CA LEU A 228 -6.53 40.07 7.59
C LEU A 228 -6.17 40.74 6.28
N THR A 229 -5.32 41.76 6.30
CA THR A 229 -4.80 42.31 5.05
C THR A 229 -3.68 41.38 4.59
N ILE A 230 -3.26 41.39 3.33
CA ILE A 230 -2.21 40.47 2.90
C ILE A 230 -0.86 40.69 3.59
N GLU A 231 -0.62 41.91 4.06
CA GLU A 231 0.62 42.24 4.75
C GLU A 231 0.65 41.64 6.14
N GLU A 232 -0.49 41.68 6.85
CA GLU A 232 -0.64 41.04 8.17
C GLU A 232 -0.53 39.53 8.02
N ALA A 233 -1.20 38.99 6.99
CA ALA A 233 -1.18 37.56 6.70
C ALA A 233 0.21 37.02 6.38
N THR A 234 1.02 37.79 5.68
CA THR A 234 2.38 37.40 5.33
C THR A 234 3.31 37.41 6.55
N LYS A 235 3.18 38.40 7.43
CA LYS A 235 3.97 38.48 8.65
C LYS A 235 3.68 37.32 9.58
N ILE A 236 2.39 37.04 9.80
CA ILE A 236 1.96 35.95 10.66
C ILE A 236 2.36 34.60 10.09
N ALA A 237 2.38 34.43 8.75
CA ALA A 237 2.79 33.19 8.12
C ALA A 237 4.23 32.80 8.47
N GLY A 238 5.07 33.81 8.77
CA GLY A 238 6.45 33.60 9.15
C GLY A 238 6.61 33.49 10.65
N SER A 239 5.90 34.28 11.46
CA SER A 239 6.06 34.22 12.90
C SER A 239 5.34 33.04 13.54
N ASN A 240 4.10 32.76 13.11
CA ASN A 240 3.34 31.62 13.59
C ASN A 240 2.60 30.95 12.43
N PRO A 241 3.19 29.95 11.76
CA PRO A 241 2.57 29.15 10.70
C PRO A 241 1.31 28.39 11.11
N ASP A 242 1.14 28.18 12.41
CA ASP A 242 0.00 27.48 12.96
C ASP A 242 -0.95 28.41 13.71
N TYR A 243 -1.07 29.64 13.20
CA TYR A 243 -1.91 30.66 13.80
C TYR A 243 -3.39 30.31 13.93
N CYS A 244 -4.04 29.86 12.85
CA CYS A 244 -5.45 29.50 12.91
C CYS A 244 -5.74 28.23 13.70
N GLN A 245 -4.81 27.26 13.68
CA GLN A 245 -4.91 26.05 14.48
C GLN A 245 -4.83 26.40 15.96
N GLN A 246 -3.92 27.31 16.31
CA GLN A 246 -3.73 27.73 17.69
C GLN A 246 -4.96 28.47 18.18
N ASP A 247 -5.52 29.34 17.33
CA ASP A 247 -6.72 30.09 17.66
C ASP A 247 -7.93 29.19 17.92
N LEU A 248 -8.20 28.19 17.06
CA LEU A 248 -9.33 27.29 17.27
C LEU A 248 -9.19 26.43 18.52
N PHE A 249 -7.98 25.88 18.75
CA PHE A 249 -7.69 25.05 19.91
C PHE A 249 -7.86 25.86 21.19
N GLU A 250 -7.22 27.02 21.28
CA GLU A 250 -7.30 27.87 22.44
C GLU A 250 -8.68 28.44 22.69
N ALA A 251 -9.46 28.80 21.65
CA ALA A 251 -10.81 29.27 21.85
C ALA A 251 -11.70 28.20 22.48
N ILE A 252 -11.63 26.94 22.01
CA ILE A 252 -12.44 25.86 22.59
C ILE A 252 -11.98 25.51 24.00
N GLN A 253 -10.66 25.51 24.24
CA GLN A 253 -10.08 25.21 25.55
C GLN A 253 -10.50 26.22 26.63
N ASN A 254 -10.63 27.49 26.23
CA ASN A 254 -11.06 28.54 27.12
C ASN A 254 -12.57 28.65 27.25
N GLY A 255 -13.36 27.79 26.62
CA GLY A 255 -14.81 27.86 26.75
C GLY A 255 -15.49 28.87 25.84
N ASN A 256 -14.73 29.53 24.96
CA ASN A 256 -15.29 30.47 24.01
C ASN A 256 -15.59 29.72 22.73
N TYR A 257 -16.58 28.82 22.82
CA TYR A 257 -16.97 27.94 21.72
C TYR A 257 -17.54 28.70 20.53
N PRO A 258 -17.00 28.54 19.32
CA PRO A 258 -17.53 29.14 18.11
C PRO A 258 -18.82 28.48 17.61
N SER A 259 -19.72 29.33 17.11
CA SER A 259 -20.97 28.85 16.57
C SER A 259 -21.27 29.51 15.24
N TRP A 260 -22.06 28.80 14.44
CA TRP A 260 -22.48 29.23 13.13
C TRP A 260 -23.98 28.99 13.00
N THR A 261 -24.73 29.87 12.34
CA THR A 261 -26.14 29.66 12.09
C THR A 261 -26.32 29.16 10.66
N VAL A 262 -27.02 28.04 10.55
CA VAL A 262 -27.30 27.39 9.28
C VAL A 262 -28.61 27.90 8.67
N TYR A 263 -28.53 28.35 7.41
CA TYR A 263 -29.65 28.83 6.63
C TYR A 263 -29.70 28.12 5.29
N ILE A 264 -30.87 28.07 4.64
CA ILE A 264 -31.00 27.52 3.30
C ILE A 264 -31.81 28.47 2.42
N GLN A 265 -31.51 28.45 1.13
CA GLN A 265 -32.32 29.11 0.14
C GLN A 265 -33.01 27.98 -0.60
N THR A 266 -34.34 28.02 -0.72
CA THR A 266 -35.07 27.02 -1.48
C THR A 266 -35.63 27.60 -2.77
N MET A 267 -35.83 26.71 -3.73
CA MET A 267 -36.30 27.08 -5.05
C MET A 267 -37.00 25.87 -5.62
N THR A 268 -38.12 26.05 -6.31
CA THR A 268 -38.79 24.93 -6.96
C THR A 268 -38.22 24.76 -8.37
N GLU A 269 -38.65 23.69 -9.07
CA GLU A 269 -38.20 23.41 -10.43
C GLU A 269 -38.69 24.48 -11.42
N ARG A 270 -39.90 25.01 -11.18
CA ARG A 270 -40.50 26.06 -11.99
C ARG A 270 -39.70 27.35 -11.89
N ASP A 271 -39.26 27.70 -10.68
CA ASP A 271 -38.44 28.88 -10.42
C ASP A 271 -37.08 28.80 -11.10
N ALA A 272 -36.48 27.60 -11.09
CA ALA A 272 -35.19 27.37 -11.72
C ALA A 272 -35.20 27.62 -13.22
N LYS A 273 -36.32 27.25 -13.87
CA LYS A 273 -36.54 27.47 -15.31
C LYS A 273 -36.60 28.94 -15.70
N LYS A 274 -37.03 29.78 -14.75
CA LYS A 274 -37.15 31.21 -14.97
C LYS A 274 -35.88 31.99 -14.67
N LEU A 275 -34.84 31.37 -14.08
CA LEU A 275 -33.57 32.06 -13.79
C LEU A 275 -32.77 32.36 -15.05
N PRO A 276 -32.01 33.47 -15.11
CA PRO A 276 -31.11 33.79 -16.22
C PRO A 276 -29.82 32.97 -16.35
N PHE A 277 -29.60 32.09 -15.36
CA PHE A 277 -28.46 31.18 -15.29
C PHE A 277 -28.94 29.80 -14.82
N SER A 278 -28.04 28.81 -14.83
CA SER A 278 -28.36 27.45 -14.41
C SER A 278 -28.19 27.22 -12.91
N VAL A 279 -29.13 26.47 -12.31
CA VAL A 279 -28.99 26.05 -10.92
C VAL A 279 -27.86 25.02 -10.82
N PHE A 280 -27.43 24.42 -11.94
CA PHE A 280 -26.35 23.45 -11.96
C PHE A 280 -24.98 24.09 -12.13
N ASP A 281 -24.94 25.43 -12.17
CA ASP A 281 -23.71 26.18 -12.32
C ASP A 281 -23.17 26.67 -10.99
N LEU A 282 -22.03 26.07 -10.63
CA LEU A 282 -21.27 26.35 -9.41
C LEU A 282 -20.75 27.77 -9.32
N THR A 283 -20.48 28.42 -10.46
CA THR A 283 -19.97 29.79 -10.45
C THR A 283 -21.06 30.87 -10.26
N LYS A 284 -22.33 30.49 -10.04
CA LYS A 284 -23.42 31.45 -9.86
C LYS A 284 -24.03 31.39 -8.46
N VAL A 285 -24.56 32.52 -7.95
CA VAL A 285 -25.28 32.57 -6.69
C VAL A 285 -26.72 33.00 -6.95
N TRP A 286 -27.61 32.57 -6.06
CA TRP A 286 -29.02 32.90 -6.11
C TRP A 286 -29.28 34.23 -5.39
N PRO A 287 -30.04 35.17 -5.97
CA PRO A 287 -30.43 36.43 -5.35
C PRO A 287 -31.14 36.25 -4.00
N GLN A 288 -30.63 36.87 -2.93
CA GLN A 288 -31.28 36.76 -1.64
C GLN A 288 -32.50 37.67 -1.45
N GLY A 289 -32.76 38.58 -2.39
CA GLY A 289 -33.95 39.41 -2.36
C GLY A 289 -35.16 38.54 -2.67
N GLN A 290 -35.01 37.80 -3.78
CA GLN A 290 -36.03 36.87 -4.21
C GLN A 290 -36.08 35.53 -3.48
N PHE A 291 -34.92 34.99 -3.16
CA PHE A 291 -34.79 33.72 -2.47
C PHE A 291 -34.09 33.99 -1.15
N PRO A 292 -34.79 34.44 -0.09
CA PRO A 292 -34.18 34.77 1.21
C PRO A 292 -33.64 33.57 1.99
N LEU A 293 -32.86 33.84 3.04
CA LEU A 293 -32.29 32.79 3.85
C LEU A 293 -33.24 32.35 4.96
N ARG A 294 -33.68 31.09 4.83
CA ARG A 294 -34.54 30.45 5.82
C ARG A 294 -33.69 29.76 6.86
N ARG A 295 -33.94 30.00 8.16
CA ARG A 295 -33.14 29.42 9.22
C ARG A 295 -33.47 27.96 9.56
N VAL A 296 -32.43 27.16 9.84
CA VAL A 296 -32.55 25.73 10.12
C VAL A 296 -32.07 25.42 11.54
N GLY A 297 -30.82 25.80 11.85
CA GLY A 297 -30.24 25.44 13.13
C GLY A 297 -28.87 26.03 13.36
N LYS A 298 -28.11 25.42 14.29
CA LYS A 298 -26.80 25.88 14.71
C LYS A 298 -25.73 24.82 14.77
N ILE A 299 -24.48 25.20 14.51
CA ILE A 299 -23.35 24.31 14.68
C ILE A 299 -22.50 24.97 15.76
N VAL A 300 -22.31 24.29 16.89
CA VAL A 300 -21.43 24.76 17.96
C VAL A 300 -20.25 23.80 18.03
N LEU A 301 -19.01 24.30 17.94
CA LEU A 301 -17.85 23.45 18.12
C LEU A 301 -17.31 23.67 19.53
N ASN A 302 -17.55 22.65 20.37
CA ASN A 302 -17.24 22.72 21.80
C ASN A 302 -16.22 21.72 22.37
N GLU A 303 -15.57 20.91 21.54
CA GLU A 303 -14.65 19.91 22.04
C GLU A 303 -13.45 19.75 21.13
N ASN A 304 -12.25 19.82 21.69
CA ASN A 304 -11.02 19.59 20.94
C ASN A 304 -10.72 18.11 20.74
N PRO A 305 -10.11 17.68 19.63
CA PRO A 305 -9.58 16.34 19.44
C PRO A 305 -8.52 15.99 20.48
N LEU A 306 -8.54 14.74 20.96
CA LEU A 306 -7.50 14.23 21.85
C LEU A 306 -6.21 13.93 21.10
N ASN A 307 -6.33 13.44 19.87
CA ASN A 307 -5.18 13.11 19.06
C ASN A 307 -5.48 13.54 17.63
N PHE A 308 -4.67 14.51 17.17
CA PHE A 308 -4.81 15.08 15.83
C PHE A 308 -4.70 14.06 14.71
N PHE A 309 -3.76 13.12 14.73
CA PHE A 309 -3.60 12.19 13.62
C PHE A 309 -4.78 11.25 13.54
N ALA A 310 -5.13 10.62 14.66
CA ALA A 310 -6.20 9.64 14.71
C ALA A 310 -7.59 10.21 14.43
N GLN A 311 -7.86 11.44 14.87
CA GLN A 311 -9.19 12.01 14.72
C GLN A 311 -9.38 13.03 13.63
N VAL A 312 -8.34 13.75 13.24
CA VAL A 312 -8.47 14.78 12.22
C VAL A 312 -7.75 14.36 10.95
N GLU A 313 -6.47 13.96 11.01
CA GLU A 313 -5.75 13.56 9.81
C GLU A 313 -6.36 12.33 9.14
N GLN A 314 -6.88 11.40 9.95
CA GLN A 314 -7.53 10.20 9.45
C GLN A 314 -9.00 10.40 9.12
N ALA A 315 -9.58 11.56 9.45
CA ALA A 315 -10.97 11.84 9.13
C ALA A 315 -11.16 11.88 7.62
N ALA A 316 -12.29 11.31 7.20
CA ALA A 316 -12.63 11.20 5.79
C ALA A 316 -14.01 11.80 5.54
N PHE A 317 -14.05 12.79 4.65
CA PHE A 317 -15.27 13.50 4.29
C PHE A 317 -15.55 13.32 2.81
N ALA A 318 -16.80 13.03 2.46
CA ALA A 318 -17.20 12.80 1.09
C ALA A 318 -18.63 13.27 0.86
N PRO A 319 -18.94 14.03 -0.20
CA PRO A 319 -20.31 14.41 -0.55
C PRO A 319 -21.23 13.23 -0.86
N SER A 320 -20.69 12.06 -1.19
CA SER A 320 -21.48 10.84 -1.37
C SER A 320 -21.92 10.22 -0.04
N THR A 321 -21.41 10.70 1.09
CA THR A 321 -21.86 10.26 2.41
C THR A 321 -23.05 11.15 2.73
N THR A 322 -24.23 10.67 2.38
CA THR A 322 -25.44 11.43 2.57
C THR A 322 -26.52 10.57 3.20
N VAL A 323 -27.44 11.23 3.92
CA VAL A 323 -28.57 10.54 4.54
C VAL A 323 -29.78 10.54 3.61
N PRO A 324 -30.84 9.76 3.87
CA PRO A 324 -32.12 9.84 3.16
C PRO A 324 -32.66 11.25 3.06
N TYR A 325 -33.32 11.55 1.94
CA TYR A 325 -33.94 12.84 1.60
C TYR A 325 -32.99 13.95 1.22
N GLN A 326 -31.66 13.74 1.27
CA GLN A 326 -30.69 14.74 0.81
C GLN A 326 -29.89 14.11 -0.30
N GLU A 327 -29.99 14.69 -1.49
CA GLU A 327 -29.32 14.17 -2.67
C GLU A 327 -28.62 15.25 -3.48
N ALA A 328 -27.75 14.84 -4.39
CA ALA A 328 -27.00 15.75 -5.22
C ALA A 328 -27.77 16.16 -6.47
N SER A 329 -27.55 17.40 -6.93
CA SER A 329 -28.17 17.85 -8.17
C SER A 329 -27.29 17.46 -9.36
N ALA A 330 -27.72 17.77 -10.59
CA ALA A 330 -26.97 17.43 -11.79
C ALA A 330 -25.82 18.40 -12.06
N ASP A 331 -25.43 19.22 -11.08
CA ASP A 331 -24.24 20.05 -11.15
C ASP A 331 -23.04 19.15 -11.48
N PRO A 332 -22.33 19.33 -12.62
CA PRO A 332 -21.27 18.44 -13.10
C PRO A 332 -20.11 18.24 -12.15
N VAL A 333 -19.77 19.31 -11.41
CA VAL A 333 -18.67 19.28 -10.45
C VAL A 333 -19.09 18.43 -9.25
N LEU A 334 -20.29 18.64 -8.68
CA LEU A 334 -20.78 17.82 -7.57
C LEU A 334 -20.92 16.34 -7.95
N GLN A 335 -21.35 16.09 -9.18
CA GLN A 335 -21.52 14.74 -9.71
C GLN A 335 -20.19 14.02 -9.66
N ALA A 336 -19.10 14.63 -10.15
CA ALA A 336 -17.78 14.02 -10.09
C ALA A 336 -17.26 13.84 -8.67
N ARG A 337 -17.63 14.78 -7.78
CA ARG A 337 -17.25 14.70 -6.37
C ARG A 337 -17.92 13.53 -5.67
N LEU A 338 -19.03 12.99 -6.20
CA LEU A 338 -19.68 11.81 -5.63
C LEU A 338 -18.80 10.57 -5.80
N PHE A 339 -17.89 10.60 -6.77
CA PHE A 339 -16.91 9.54 -6.94
C PHE A 339 -15.60 9.84 -6.22
N SER A 340 -15.00 11.02 -6.45
CA SER A 340 -13.64 11.32 -6.03
C SER A 340 -13.20 11.14 -4.60
N TYR A 341 -14.04 11.54 -3.64
CA TYR A 341 -13.60 11.55 -2.26
C TYR A 341 -13.51 10.16 -1.68
N ALA A 342 -14.54 9.31 -1.82
CA ALA A 342 -14.48 7.95 -1.28
C ALA A 342 -13.38 7.16 -1.96
N ASP A 343 -13.11 7.44 -3.25
CA ASP A 343 -11.99 6.83 -3.95
C ASP A 343 -10.66 7.24 -3.33
N ALA A 344 -10.53 8.53 -2.97
CA ALA A 344 -9.33 9.03 -2.33
C ALA A 344 -9.13 8.44 -0.95
N HIS A 345 -10.22 8.18 -0.22
CA HIS A 345 -10.14 7.59 1.11
C HIS A 345 -9.65 6.15 1.05
N ARG A 346 -10.01 5.40 -0.01
CA ARG A 346 -9.54 4.02 -0.14
C ARG A 346 -8.02 4.01 -0.38
N TYR A 347 -7.45 4.98 -1.11
CA TYR A 347 -6.01 5.09 -1.27
C TYR A 347 -5.29 5.61 -0.02
N ARG A 348 -5.62 6.84 0.38
CA ARG A 348 -5.02 7.57 1.48
C ARG A 348 -5.11 6.88 2.84
N LEU A 349 -6.29 6.35 3.16
CA LEU A 349 -6.51 5.73 4.45
C LEU A 349 -6.53 4.22 4.38
N GLY A 350 -7.15 3.61 3.37
CA GLY A 350 -7.21 2.17 3.24
C GLY A 350 -8.59 1.68 2.86
N PRO A 351 -8.75 0.45 2.34
CA PRO A 351 -10.03 -0.17 1.98
C PRO A 351 -11.10 -0.15 3.06
N ASN A 352 -10.67 -0.31 4.31
CA ASN A 352 -11.56 -0.33 5.45
C ASN A 352 -11.53 0.94 6.30
N PHE A 353 -11.37 2.09 5.63
CA PHE A 353 -11.27 3.38 6.29
C PHE A 353 -12.49 3.75 7.14
N HIS A 354 -13.66 3.21 6.77
CA HIS A 354 -14.89 3.46 7.50
C HIS A 354 -14.95 2.81 8.88
N GLN A 355 -13.95 1.99 9.21
CA GLN A 355 -13.82 1.34 10.50
C GLN A 355 -12.94 2.13 11.45
N ILE A 356 -12.23 3.16 10.95
CA ILE A 356 -11.47 4.09 11.79
C ILE A 356 -12.52 4.83 12.58
N PRO A 357 -12.44 4.95 13.92
CA PRO A 357 -13.48 5.51 14.77
C PRO A 357 -14.19 6.80 14.33
N VAL A 358 -13.48 7.86 13.91
CA VAL A 358 -14.13 9.09 13.44
C VAL A 358 -14.93 8.91 12.17
N ASN A 359 -14.60 7.92 11.34
CA ASN A 359 -15.35 7.65 10.11
C ASN A 359 -16.47 6.64 10.27
N CYS A 360 -16.49 5.99 11.43
CA CYS A 360 -17.50 5.00 11.76
C CYS A 360 -18.84 5.68 12.07
N PRO A 361 -19.97 5.23 11.48
CA PRO A 361 -21.32 5.69 11.81
C PRO A 361 -21.86 5.14 13.11
N TYR A 362 -21.52 5.69 14.29
CA TYR A 362 -21.96 5.02 15.51
C TYR A 362 -23.45 5.01 15.80
N ALA A 363 -24.19 6.00 15.27
CA ALA A 363 -25.63 6.07 15.48
C ALA A 363 -26.45 5.22 14.52
N SER A 364 -25.80 4.69 13.48
CA SER A 364 -26.43 3.80 12.52
C SER A 364 -25.34 2.90 11.96
N LYS A 365 -25.08 1.86 12.75
CA LYS A 365 -24.01 0.92 12.46
C LYS A 365 -24.04 0.26 11.10
N PHE A 366 -22.84 0.18 10.52
CA PHE A 366 -22.62 -0.45 9.24
C PHE A 366 -22.91 -1.94 9.31
N PHE A 367 -23.80 -2.38 8.42
CA PHE A 367 -24.10 -3.78 8.27
C PHE A 367 -24.45 -4.06 6.82
N ASN A 368 -23.55 -4.79 6.19
CA ASN A 368 -23.77 -5.21 4.82
C ASN A 368 -23.06 -6.53 4.65
N PRO A 369 -23.79 -7.63 4.45
CA PRO A 369 -23.23 -8.97 4.30
C PRO A 369 -22.21 -9.15 3.19
N ALA A 370 -22.33 -8.37 2.13
CA ALA A 370 -21.43 -8.49 1.00
C ALA A 370 -20.24 -7.54 1.04
N ILE A 371 -20.12 -6.65 2.05
CA ILE A 371 -18.95 -5.79 2.15
C ILE A 371 -18.12 -6.43 3.27
N ARG A 372 -17.14 -7.23 2.83
CA ARG A 372 -16.33 -8.03 3.74
C ARG A 372 -14.84 -7.99 3.40
N ASP A 373 -14.05 -8.49 4.35
CA ASP A 373 -12.60 -8.66 4.22
C ASP A 373 -11.84 -7.36 3.94
N GLY A 374 -10.72 -7.38 3.20
CA GLY A 374 -9.91 -6.21 2.99
C GLY A 374 -8.86 -6.09 4.10
N PRO A 375 -7.71 -5.46 3.85
CA PRO A 375 -6.72 -5.17 4.87
C PRO A 375 -7.25 -4.33 6.02
N MET A 376 -6.81 -4.76 7.20
CA MET A 376 -7.11 -4.15 8.48
C MET A 376 -8.61 -4.10 8.76
N ASN A 377 -9.23 -5.28 8.56
CA ASN A 377 -10.63 -5.43 8.93
C ASN A 377 -10.56 -5.75 10.41
N VAL A 378 -10.91 -4.75 11.21
CA VAL A 378 -10.75 -4.84 12.65
C VAL A 378 -12.00 -4.94 13.49
N ASN A 379 -13.20 -4.82 12.92
CA ASN A 379 -14.42 -4.89 13.70
C ASN A 379 -15.02 -6.30 13.81
N GLY A 380 -14.32 -7.33 13.34
CA GLY A 380 -14.82 -8.69 13.42
C GLY A 380 -15.32 -9.25 12.10
N ASN A 381 -15.45 -8.43 11.04
CA ASN A 381 -15.91 -8.87 9.72
C ASN A 381 -17.25 -9.63 9.72
N PHE A 382 -18.14 -9.16 10.61
CA PHE A 382 -19.47 -9.72 10.86
C PHE A 382 -19.51 -11.21 11.22
N GLY A 383 -18.37 -11.74 11.71
CA GLY A 383 -18.24 -13.12 12.12
C GLY A 383 -18.55 -14.12 11.02
N SER A 384 -19.41 -15.08 11.38
CA SER A 384 -19.83 -16.13 10.45
C SER A 384 -21.08 -15.81 9.63
N GLU A 385 -21.51 -14.52 9.60
CA GLU A 385 -22.62 -14.06 8.77
C GLU A 385 -22.38 -14.45 7.34
N PRO A 386 -23.36 -15.01 6.60
CA PRO A 386 -23.28 -15.25 5.17
C PRO A 386 -22.78 -14.04 4.39
N THR A 387 -22.00 -14.31 3.35
CA THR A 387 -21.44 -13.26 2.53
C THR A 387 -22.34 -12.82 1.36
N TYR A 388 -23.60 -13.22 1.44
CA TYR A 388 -24.64 -12.85 0.48
C TYR A 388 -25.95 -12.81 1.28
N LEU A 389 -27.09 -12.66 0.60
CA LEU A 389 -28.36 -12.63 1.29
C LEU A 389 -28.95 -14.03 1.37
N ALA A 390 -28.54 -14.74 2.42
CA ALA A 390 -28.98 -16.11 2.66
C ALA A 390 -30.46 -16.16 3.00
N ASN A 391 -31.17 -17.10 2.36
CA ASN A 391 -32.59 -17.22 2.56
C ASN A 391 -33.08 -17.73 3.91
N ASP A 392 -32.18 -18.27 4.75
CA ASP A 392 -32.59 -18.69 6.07
C ASP A 392 -32.21 -17.70 7.19
N LYS A 393 -31.85 -16.50 6.71
CA LYS A 393 -31.53 -15.32 7.50
C LYS A 393 -32.56 -14.24 7.19
N SER A 394 -32.65 -13.28 8.09
CA SER A 394 -33.58 -12.18 7.98
C SER A 394 -32.85 -10.86 7.67
N TYR A 395 -33.39 -9.97 6.83
CA TYR A 395 -32.75 -8.68 6.51
C TYR A 395 -33.81 -7.61 6.40
N THR A 396 -33.50 -6.41 6.89
CA THR A 396 -34.42 -5.29 6.83
C THR A 396 -33.92 -4.16 5.94
N TYR A 397 -34.80 -3.76 5.03
CA TYR A 397 -34.56 -2.63 4.15
C TYR A 397 -35.60 -1.62 4.56
N ILE A 398 -35.19 -0.54 5.24
CA ILE A 398 -36.15 0.48 5.64
C ILE A 398 -36.39 1.47 4.50
N GLN A 399 -37.53 2.19 4.61
CA GLN A 399 -37.96 3.20 3.65
C GLN A 399 -37.99 2.73 2.21
N GLN A 400 -38.58 1.54 2.00
CA GLN A 400 -38.65 0.94 0.66
C GLN A 400 -39.42 1.76 -0.36
N ASP A 401 -40.46 2.49 0.09
CA ASP A 401 -41.25 3.32 -0.81
C ASP A 401 -40.69 4.73 -0.95
N ARG A 402 -39.55 5.07 -0.30
CA ARG A 402 -38.92 6.38 -0.44
C ARG A 402 -38.15 6.45 -1.76
N PRO A 403 -38.40 7.45 -2.61
CA PRO A 403 -37.66 7.67 -3.84
C PRO A 403 -36.26 8.24 -3.62
N ILE A 404 -35.31 7.87 -4.48
CA ILE A 404 -33.98 8.45 -4.42
C ILE A 404 -34.04 9.68 -5.32
N GLN A 405 -34.24 9.53 -6.63
CA GLN A 405 -34.35 10.68 -7.53
C GLN A 405 -35.36 10.48 -8.68
N GLN A 406 -36.15 9.39 -8.65
CA GLN A 406 -37.19 9.08 -9.67
C GLN A 406 -38.26 10.15 -9.81
N HIS A 407 -38.62 10.69 -8.64
CA HIS A 407 -39.65 11.70 -8.49
C HIS A 407 -39.24 13.11 -8.89
N GLN A 408 -37.97 13.28 -9.28
CA GLN A 408 -37.45 14.58 -9.64
C GLN A 408 -37.38 14.80 -11.14
N GLU A 409 -36.31 15.38 -11.73
CA GLU A 409 -36.28 15.67 -13.16
C GLU A 409 -36.30 14.45 -14.06
N VAL A 410 -36.90 14.67 -15.23
CA VAL A 410 -36.91 13.68 -16.29
C VAL A 410 -35.88 14.19 -17.28
N TRP A 411 -34.91 13.35 -17.63
CA TRP A 411 -33.84 13.76 -18.53
C TRP A 411 -34.09 13.24 -19.93
N ASN A 412 -33.59 13.97 -20.94
CA ASN A 412 -33.76 13.57 -22.32
C ASN A 412 -32.51 13.91 -23.11
N GLY A 413 -32.05 12.98 -23.95
CA GLY A 413 -30.88 13.24 -24.76
C GLY A 413 -29.99 12.02 -24.91
N PRO A 414 -29.07 12.05 -25.88
CA PRO A 414 -27.96 11.12 -25.98
C PRO A 414 -26.88 11.38 -24.93
N ALA A 415 -25.89 10.50 -24.92
CA ALA A 415 -24.73 10.65 -24.06
C ALA A 415 -23.85 11.65 -24.79
N ILE A 416 -23.86 12.91 -24.31
CA ILE A 416 -23.10 13.97 -24.93
C ILE A 416 -21.84 14.26 -24.12
N PRO A 417 -20.66 14.20 -24.75
CA PRO A 417 -19.42 14.73 -24.20
C PRO A 417 -19.47 16.25 -24.31
N TYR A 418 -19.53 16.91 -23.16
CA TYR A 418 -19.72 18.34 -23.13
C TYR A 418 -18.69 19.05 -22.27
N HIS A 419 -18.27 20.18 -22.82
CA HIS A 419 -17.33 21.10 -22.17
C HIS A 419 -18.11 22.41 -22.03
N TRP A 420 -18.46 22.72 -20.77
CA TRP A 420 -19.22 23.91 -20.44
C TRP A 420 -18.30 25.14 -20.36
N ALA A 421 -17.68 25.44 -21.50
CA ALA A 421 -16.78 26.58 -21.64
C ALA A 421 -17.44 27.90 -21.28
N THR A 422 -16.65 28.93 -20.97
CA THR A 422 -17.19 30.26 -20.68
C THR A 422 -18.11 30.69 -21.83
N SER A 423 -19.36 30.95 -21.43
CA SER A 423 -20.40 31.41 -22.35
C SER A 423 -20.06 32.71 -23.05
N PRO A 424 -20.49 32.89 -24.31
CA PRO A 424 -20.45 34.17 -25.00
C PRO A 424 -21.23 35.27 -24.29
N GLY A 425 -20.58 36.44 -24.28
CA GLY A 425 -21.21 37.61 -23.70
C GLY A 425 -20.80 37.93 -22.28
N ASP A 426 -21.83 38.34 -21.54
CA ASP A 426 -21.62 38.87 -20.21
C ASP A 426 -22.19 38.04 -19.07
N VAL A 427 -22.97 36.98 -19.33
CA VAL A 427 -23.59 36.18 -18.27
C VAL A 427 -22.65 35.63 -17.20
N ASP A 428 -21.43 35.23 -17.57
CA ASP A 428 -20.42 34.73 -16.63
C ASP A 428 -19.53 35.81 -16.03
N PHE A 429 -19.82 37.07 -16.34
CA PHE A 429 -19.09 38.23 -15.80
C PHE A 429 -19.98 39.16 -14.97
N VAL A 430 -21.32 39.06 -15.12
CA VAL A 430 -22.28 39.91 -14.40
C VAL A 430 -22.09 39.83 -12.89
N GLN A 431 -22.12 38.62 -12.32
CA GLN A 431 -22.01 38.43 -10.88
C GLN A 431 -20.68 38.82 -10.27
N ALA A 432 -19.60 38.75 -11.06
CA ALA A 432 -18.29 39.23 -10.60
C ALA A 432 -18.33 40.75 -10.48
N ARG A 433 -19.06 41.40 -11.39
CA ARG A 433 -19.22 42.84 -11.40
C ARG A 433 -20.14 43.33 -10.29
N ASN A 434 -21.22 42.57 -10.01
CA ASN A 434 -22.13 42.90 -8.91
C ASN A 434 -21.38 42.81 -7.57
N LEU A 435 -20.45 41.84 -7.49
CA LEU A 435 -19.64 41.65 -6.30
C LEU A 435 -18.64 42.80 -6.17
N TYR A 436 -18.12 43.33 -7.29
CA TYR A 436 -17.21 44.47 -7.25
C TYR A 436 -17.93 45.68 -6.69
N ARG A 437 -19.19 45.89 -7.09
CA ARG A 437 -19.97 47.00 -6.58
C ARG A 437 -20.31 46.80 -5.10
N VAL A 438 -20.52 45.56 -4.64
CA VAL A 438 -20.79 45.31 -3.22
C VAL A 438 -19.55 45.58 -2.38
N LEU A 439 -18.35 45.41 -2.97
CA LEU A 439 -17.10 45.79 -2.29
C LEU A 439 -16.92 47.30 -2.23
N GLY A 440 -17.60 48.08 -3.06
CA GLY A 440 -17.55 49.54 -3.00
C GLY A 440 -18.25 50.12 -1.77
N LYS A 441 -19.22 49.36 -1.26
CA LYS A 441 -19.98 49.72 -0.07
C LYS A 441 -19.17 49.57 1.22
N GLN A 442 -18.12 48.75 1.16
CA GLN A 442 -17.24 48.51 2.28
C GLN A 442 -15.95 49.30 2.04
N PRO A 443 -15.57 50.28 2.88
CA PRO A 443 -14.41 51.15 2.68
C PRO A 443 -13.06 50.45 2.73
N GLY A 444 -12.28 50.74 1.70
CA GLY A 444 -10.94 50.21 1.53
C GLY A 444 -10.85 48.91 0.71
N GLN A 445 -11.96 48.18 0.56
CA GLN A 445 -11.96 46.89 -0.14
C GLN A 445 -11.72 46.87 -1.63
N GLN A 446 -12.20 47.87 -2.40
CA GLN A 446 -11.92 47.88 -3.83
C GLN A 446 -10.47 48.19 -4.12
N LYS A 447 -9.89 49.01 -3.25
CA LYS A 447 -8.49 49.39 -3.30
C LYS A 447 -7.61 48.18 -2.94
N ASN A 448 -8.02 47.45 -1.88
CA ASN A 448 -7.31 46.25 -1.44
C ASN A 448 -7.35 45.13 -2.46
N LEU A 449 -8.49 44.93 -3.13
CA LEU A 449 -8.64 43.92 -4.17
C LEU A 449 -7.62 44.16 -5.28
N ALA A 450 -7.50 45.41 -5.74
CA ALA A 450 -6.55 45.78 -6.77
C ALA A 450 -5.12 45.55 -6.34
N TYR A 451 -4.81 45.89 -5.08
CA TYR A 451 -3.47 45.71 -4.52
C TYR A 451 -3.12 44.23 -4.41
N ASN A 452 -4.06 43.40 -3.94
CA ASN A 452 -3.86 41.98 -3.76
C ASN A 452 -3.62 41.25 -5.07
N ILE A 453 -4.38 41.63 -6.10
CA ILE A 453 -4.23 41.06 -7.43
C ILE A 453 -2.91 41.54 -8.01
N GLY A 454 -2.63 42.85 -7.89
CA GLY A 454 -1.46 43.50 -8.44
C GLY A 454 -0.12 42.97 -7.95
N ILE A 455 0.03 42.78 -6.62
CA ILE A 455 1.29 42.26 -6.08
C ILE A 455 1.53 40.79 -6.41
N HIS A 456 0.45 40.06 -6.78
CA HIS A 456 0.55 38.67 -7.18
C HIS A 456 0.89 38.55 -8.67
N VAL A 457 0.18 39.32 -9.53
CA VAL A 457 0.38 39.35 -10.98
C VAL A 457 1.73 39.93 -11.37
N GLU A 458 2.35 40.72 -10.47
CA GLU A 458 3.66 41.31 -10.68
C GLU A 458 4.71 40.28 -11.06
N GLY A 459 4.63 39.12 -10.39
CA GLY A 459 5.53 37.98 -10.62
C GLY A 459 5.41 37.36 -11.99
N ALA A 460 4.24 37.48 -12.63
CA ALA A 460 4.00 36.92 -13.95
C ALA A 460 4.73 37.57 -15.13
N CYS A 461 4.80 36.77 -16.18
CA CYS A 461 5.32 37.14 -17.50
C CYS A 461 4.52 38.33 -18.04
N PRO A 462 5.07 39.38 -18.70
CA PRO A 462 4.31 40.52 -19.23
C PRO A 462 3.17 40.21 -20.18
N GLN A 463 3.27 39.10 -20.95
CA GLN A 463 2.23 38.66 -21.87
C GLN A 463 1.02 38.18 -21.05
N ILE A 464 1.30 37.45 -19.96
CA ILE A 464 0.26 36.96 -19.07
C ILE A 464 -0.28 38.11 -18.24
N GLN A 465 0.53 39.12 -17.90
CA GLN A 465 0.03 40.28 -17.16
C GLN A 465 -1.02 41.03 -17.96
N GLN A 466 -0.80 41.20 -19.26
CA GLN A 466 -1.75 41.87 -20.14
C GLN A 466 -3.07 41.09 -20.21
N ARG A 467 -3.04 39.75 -20.30
CA ARG A 467 -4.27 38.95 -20.33
C ARG A 467 -5.06 39.05 -19.03
N VAL A 468 -4.35 39.24 -17.91
CA VAL A 468 -4.97 39.46 -16.62
C VAL A 468 -5.68 40.82 -16.61
N TYR A 469 -5.02 41.87 -17.12
CA TYR A 469 -5.60 43.21 -17.17
C TYR A 469 -6.82 43.24 -18.07
N ASP A 470 -6.76 42.54 -19.22
CA ASP A 470 -7.89 42.49 -20.13
C ASP A 470 -9.10 41.77 -19.55
N MET A 471 -8.85 40.65 -18.85
CA MET A 471 -9.91 39.86 -18.22
C MET A 471 -10.63 40.67 -17.15
N PHE A 472 -9.83 41.39 -16.33
CA PHE A 472 -10.39 42.25 -15.30
C PHE A 472 -11.02 43.53 -15.83
N ALA A 473 -10.61 43.98 -17.03
CA ALA A 473 -11.20 45.15 -17.68
C ALA A 473 -12.64 44.87 -18.08
N ARG A 474 -12.92 43.58 -18.31
CA ARG A 474 -14.24 43.13 -18.67
C ARG A 474 -15.18 43.14 -17.47
N VAL A 475 -14.63 43.19 -16.25
CA VAL A 475 -15.42 43.32 -15.02
C VAL A 475 -15.62 44.82 -14.80
N ASP A 476 -14.50 45.55 -14.77
CA ASP A 476 -14.48 47.00 -14.57
C ASP A 476 -13.13 47.51 -15.04
N LYS A 477 -13.17 48.48 -15.95
CA LYS A 477 -11.96 49.07 -16.52
C LYS A 477 -11.17 49.87 -15.49
N GLY A 478 -11.86 50.42 -14.49
CA GLY A 478 -11.21 51.14 -13.41
C GLY A 478 -10.40 50.20 -12.54
N LEU A 479 -10.96 49.01 -12.28
CA LEU A 479 -10.30 47.96 -11.50
C LEU A 479 -9.08 47.46 -12.26
N SER A 480 -9.20 47.29 -13.58
CA SER A 480 -8.09 46.87 -14.43
C SER A 480 -6.91 47.83 -14.39
N GLU A 481 -7.21 49.15 -14.42
CA GLU A 481 -6.18 50.17 -14.35
C GLU A 481 -5.46 50.16 -13.00
N ALA A 482 -6.24 50.03 -11.92
CA ALA A 482 -5.71 50.00 -10.57
C ALA A 482 -4.79 48.81 -10.29
N ILE A 483 -5.05 47.67 -10.95
CA ILE A 483 -4.22 46.47 -10.83
C ILE A 483 -2.88 46.72 -11.50
N LYS A 484 -2.91 47.28 -12.72
CA LYS A 484 -1.72 47.58 -13.49
C LYS A 484 -0.75 48.52 -12.78
N LYS A 485 -1.31 49.52 -12.08
CA LYS A 485 -0.53 50.49 -11.33
C LYS A 485 0.24 49.83 -10.20
N VAL A 486 -0.41 48.92 -9.47
CA VAL A 486 0.24 48.22 -8.37
C VAL A 486 1.27 47.24 -8.92
N ALA A 487 0.94 46.53 -10.00
CA ALA A 487 1.82 45.55 -10.63
C ALA A 487 3.07 46.12 -11.25
N GLU A 488 3.04 47.43 -11.57
CA GLU A 488 4.18 48.14 -12.12
C GLU A 488 4.57 49.28 -11.17
N ASP B 1 -19.85 -8.17 15.14
CA ASP B 1 -20.96 -7.43 15.72
C ASP B 1 -21.93 -6.97 14.64
N VAL B 2 -23.06 -7.68 14.58
CA VAL B 2 -24.14 -7.34 13.65
C VAL B 2 -25.21 -6.58 14.43
N ARG B 3 -25.74 -5.48 13.85
CA ARG B 3 -26.81 -4.71 14.47
C ARG B 3 -28.09 -5.55 14.56
N GLU B 4 -28.71 -5.50 15.75
CA GLU B 4 -29.88 -6.32 16.08
C GLU B 4 -31.07 -6.23 15.14
N ASP B 5 -31.40 -5.02 14.67
CA ASP B 5 -32.50 -4.84 13.74
C ASP B 5 -32.23 -5.33 12.32
N ARG B 6 -30.94 -5.66 12.07
CA ARG B 6 -30.42 -6.20 10.83
C ARG B 6 -30.73 -5.39 9.57
N VAL B 7 -30.66 -4.07 9.75
CA VAL B 7 -30.86 -3.10 8.68
C VAL B 7 -29.61 -3.05 7.82
N VAL B 8 -29.78 -3.27 6.52
CA VAL B 8 -28.66 -3.27 5.59
C VAL B 8 -28.39 -1.83 5.18
N THR B 9 -27.11 -1.45 5.33
CA THR B 9 -26.64 -0.11 5.06
C THR B 9 -25.46 -0.19 4.12
N ASN B 10 -24.97 0.97 3.68
CA ASN B 10 -23.71 1.03 2.94
C ASN B 10 -22.59 1.20 3.98
N SER B 11 -21.34 1.45 3.56
CA SER B 11 -20.20 1.62 4.46
C SER B 11 -20.31 2.72 5.50
N THR B 12 -21.02 3.80 5.17
CA THR B 12 -21.18 4.91 6.08
C THR B 12 -22.50 4.94 6.83
N GLY B 13 -23.13 3.77 6.91
CA GLY B 13 -24.31 3.57 7.75
C GLY B 13 -25.62 4.07 7.21
N ASN B 14 -25.65 4.46 5.94
CA ASN B 14 -26.86 4.97 5.33
C ASN B 14 -27.68 3.78 4.83
N PRO B 15 -28.95 3.63 5.20
CA PRO B 15 -29.78 2.48 4.83
C PRO B 15 -30.10 2.33 3.36
N ILE B 16 -29.91 1.12 2.85
CA ILE B 16 -30.21 0.77 1.46
C ILE B 16 -31.67 0.33 1.44
N ASN B 17 -32.51 0.96 0.60
CA ASN B 17 -33.93 0.61 0.63
C ASN B 17 -34.39 -0.52 -0.28
N GLU B 18 -33.46 -1.02 -1.11
CA GLU B 18 -33.69 -2.17 -1.98
C GLU B 18 -32.30 -2.73 -2.27
N PRO B 19 -32.03 -4.02 -2.02
CA PRO B 19 -30.69 -4.62 -2.04
C PRO B 19 -29.86 -4.54 -3.32
N PHE B 20 -30.58 -4.60 -4.45
CA PHE B 20 -29.94 -4.67 -5.74
C PHE B 20 -30.23 -3.57 -6.75
N VAL B 21 -31.01 -2.53 -6.41
CA VAL B 21 -31.28 -1.45 -7.38
C VAL B 21 -30.06 -0.62 -7.74
N THR B 22 -29.90 -0.35 -9.03
CA THR B 22 -28.86 0.54 -9.48
C THR B 22 -29.48 1.58 -10.41
N GLN B 23 -29.04 2.83 -10.26
CA GLN B 23 -29.56 3.96 -11.00
C GLN B 23 -29.08 4.11 -12.42
N ARG B 24 -30.08 4.33 -13.28
CA ARG B 24 -29.92 4.48 -14.72
C ARG B 24 -30.97 5.46 -15.24
N ILE B 25 -30.82 5.94 -16.48
CA ILE B 25 -31.85 6.77 -17.10
C ILE B 25 -32.93 5.85 -17.64
N GLY B 26 -34.17 6.02 -17.17
CA GLY B 26 -35.25 5.11 -17.52
C GLY B 26 -35.03 3.78 -16.81
N GLU B 27 -35.57 2.70 -17.36
CA GLU B 27 -35.38 1.38 -16.77
C GLU B 27 -34.23 0.61 -17.38
N HIS B 28 -33.84 0.94 -18.61
CA HIS B 28 -32.79 0.21 -19.30
C HIS B 28 -31.80 1.13 -19.99
N GLY B 29 -31.59 2.34 -19.44
CA GLY B 29 -30.60 3.28 -19.97
C GLY B 29 -29.23 3.13 -19.31
N PRO B 30 -28.22 3.94 -19.65
CA PRO B 30 -26.87 3.83 -19.09
C PRO B 30 -26.81 4.20 -17.61
N LEU B 31 -25.84 3.58 -16.93
CA LEU B 31 -25.61 3.75 -15.50
C LEU B 31 -25.07 5.13 -15.15
N LEU B 32 -25.50 5.59 -13.97
CA LEU B 32 -25.14 6.91 -13.48
C LEU B 32 -24.02 6.95 -12.45
N LEU B 33 -23.10 7.91 -12.59
CA LEU B 33 -22.01 8.13 -11.64
C LEU B 33 -22.49 8.37 -10.21
N GLN B 34 -23.72 8.92 -10.16
CA GLN B 34 -24.49 9.28 -8.98
C GLN B 34 -24.78 8.13 -8.03
N ASP B 35 -24.74 6.88 -8.52
CA ASP B 35 -24.98 5.73 -7.68
C ASP B 35 -23.73 5.32 -6.92
N TYR B 36 -23.56 6.02 -5.80
CA TYR B 36 -22.43 5.80 -4.93
C TYR B 36 -22.49 4.50 -4.15
N ASN B 37 -23.68 3.90 -3.99
CA ASN B 37 -23.84 2.62 -3.31
C ASN B 37 -23.33 1.47 -4.15
N LEU B 38 -23.51 1.54 -5.49
CA LEU B 38 -22.96 0.55 -6.38
C LEU B 38 -21.44 0.62 -6.32
N ILE B 39 -20.84 1.82 -6.41
CA ILE B 39 -19.40 1.94 -6.38
C ILE B 39 -18.83 1.59 -5.01
N ASP B 40 -19.54 1.84 -3.92
CA ASP B 40 -19.09 1.48 -2.58
C ASP B 40 -18.89 -0.04 -2.47
N SER B 41 -19.86 -0.79 -3.00
CA SER B 41 -19.81 -2.24 -2.97
C SER B 41 -18.74 -2.78 -3.91
N LEU B 42 -18.69 -2.31 -5.15
CA LEU B 42 -17.73 -2.80 -6.12
C LEU B 42 -16.28 -2.46 -5.78
N ALA B 43 -16.02 -1.26 -5.22
CA ALA B 43 -14.68 -0.86 -4.86
C ALA B 43 -14.17 -1.62 -3.65
N HIS B 44 -15.06 -1.99 -2.71
CA HIS B 44 -14.64 -2.78 -1.55
C HIS B 44 -14.38 -4.20 -2.00
N PHE B 45 -15.17 -4.70 -2.96
CA PHE B 45 -14.97 -6.03 -3.50
C PHE B 45 -13.59 -6.10 -4.13
N ASN B 46 -13.18 -5.06 -4.85
CA ASN B 46 -11.86 -5.00 -5.47
C ASN B 46 -10.66 -4.99 -4.53
N ARG B 47 -10.94 -4.75 -3.24
CA ARG B 47 -9.95 -4.65 -2.19
C ARG B 47 -10.12 -5.69 -1.08
N GLU B 48 -10.73 -6.84 -1.35
CA GLU B 48 -10.91 -7.87 -0.34
C GLU B 48 -9.66 -8.65 0.01
N ASN B 49 -8.79 -8.85 -0.99
CA ASN B 49 -7.58 -9.63 -0.84
C ASN B 49 -6.35 -8.88 -0.41
N ILE B 50 -5.61 -9.55 0.46
CA ILE B 50 -4.29 -9.10 0.90
C ILE B 50 -3.29 -10.08 0.27
N PRO B 51 -1.98 -9.81 0.14
CA PRO B 51 -1.01 -10.76 -0.41
C PRO B 51 -0.98 -12.01 0.46
N GLN B 52 -0.82 -13.19 -0.12
CA GLN B 52 -0.69 -14.40 0.67
C GLN B 52 0.67 -14.46 1.35
N ARG B 53 0.73 -15.17 2.48
CA ARG B 53 1.96 -15.46 3.21
C ARG B 53 3.05 -16.03 2.29
N ASN B 54 4.30 -15.63 2.50
CA ASN B 54 5.41 -16.14 1.71
C ASN B 54 6.51 -16.67 2.65
N PRO B 55 6.67 -17.98 2.88
CA PRO B 55 5.78 -19.03 2.39
C PRO B 55 4.65 -19.34 3.38
N HIS B 56 4.12 -20.57 3.31
CA HIS B 56 3.02 -21.06 4.11
C HIS B 56 1.74 -20.30 3.81
N ALA B 57 1.49 -20.03 2.54
CA ALA B 57 0.30 -19.33 2.09
C ALA B 57 -1.04 -20.02 2.40
N HIS B 58 -1.07 -21.34 2.28
CA HIS B 58 -2.27 -22.12 2.49
C HIS B 58 -2.30 -22.71 3.89
N GLY B 59 -3.40 -22.50 4.63
CA GLY B 59 -3.50 -23.02 5.99
C GLY B 59 -4.91 -23.05 6.57
N SER B 60 -4.96 -23.44 7.85
CA SER B 60 -6.17 -23.62 8.65
C SER B 60 -5.90 -23.21 10.08
N GLY B 61 -6.90 -22.90 10.90
CA GLY B 61 -6.63 -22.52 12.27
C GLY B 61 -7.78 -22.79 13.23
N ALA B 62 -7.49 -22.66 14.51
CA ALA B 62 -8.45 -22.89 15.58
C ALA B 62 -7.91 -22.30 16.88
N PHE B 63 -8.82 -21.96 17.78
CA PHE B 63 -8.51 -21.45 19.12
C PHE B 63 -8.58 -22.59 20.13
N GLY B 64 -7.90 -22.40 21.25
CA GLY B 64 -7.89 -23.37 22.33
C GLY B 64 -7.16 -22.82 23.54
N TYR B 65 -6.47 -23.69 24.26
CA TYR B 65 -5.69 -23.27 25.42
C TYR B 65 -4.51 -24.19 25.68
N PHE B 66 -3.55 -23.63 26.40
CA PHE B 66 -2.41 -24.36 26.91
C PHE B 66 -2.67 -24.49 28.41
N GLU B 67 -2.45 -25.68 28.97
CA GLU B 67 -2.59 -25.90 30.41
C GLU B 67 -1.28 -26.44 30.95
N VAL B 68 -0.75 -25.86 32.03
CA VAL B 68 0.46 -26.38 32.67
C VAL B 68 0.08 -27.63 33.45
N THR B 69 0.81 -28.74 33.28
CA THR B 69 0.51 -29.94 34.05
C THR B 69 1.70 -30.36 34.90
N ASP B 70 2.89 -29.85 34.62
CA ASP B 70 4.07 -30.18 35.39
C ASP B 70 4.93 -28.95 35.65
N ASP B 71 5.64 -29.00 36.78
CA ASP B 71 6.50 -27.91 37.16
C ASP B 71 7.79 -27.86 36.35
N ILE B 72 8.02 -26.72 35.69
CA ILE B 72 9.26 -26.43 35.01
C ILE B 72 9.72 -25.04 35.41
N THR B 73 9.30 -24.53 36.58
CA THR B 73 9.73 -23.20 37.02
C THR B 73 11.24 -23.09 37.32
N ASP B 74 11.92 -24.24 37.44
CA ASP B 74 13.37 -24.30 37.60
C ASP B 74 14.07 -24.12 36.25
N ILE B 75 13.36 -24.35 35.15
CA ILE B 75 13.92 -24.14 33.82
C ILE B 75 13.51 -22.77 33.26
N CYS B 76 12.22 -22.39 33.39
CA CYS B 76 11.72 -21.17 32.79
C CYS B 76 10.83 -20.39 33.75
N GLY B 77 11.18 -19.10 33.93
CA GLY B 77 10.45 -18.22 34.83
C GLY B 77 9.27 -17.49 34.20
N SER B 78 8.86 -17.78 32.95
CA SER B 78 7.72 -17.13 32.30
C SER B 78 6.43 -17.37 33.07
N ALA B 79 5.61 -16.31 33.20
CA ALA B 79 4.36 -16.37 33.93
C ALA B 79 3.36 -17.41 33.45
N MET B 80 3.34 -17.75 32.16
CA MET B 80 2.41 -18.75 31.67
C MET B 80 2.68 -20.14 32.24
N PHE B 81 3.91 -20.37 32.73
CA PHE B 81 4.31 -21.63 33.32
C PHE B 81 4.30 -21.59 34.85
N SER B 82 3.98 -20.48 35.51
CA SER B 82 4.14 -20.35 36.96
C SER B 82 3.37 -21.24 37.92
N LYS B 83 2.18 -21.77 37.56
CA LYS B 83 1.41 -22.63 38.46
C LYS B 83 0.85 -23.79 37.66
N ILE B 84 0.71 -24.96 38.30
CA ILE B 84 0.13 -26.14 37.66
C ILE B 84 -1.37 -25.96 37.58
N GLY B 85 -1.86 -26.15 36.36
CA GLY B 85 -3.27 -26.01 36.06
C GLY B 85 -3.59 -24.66 35.41
N LYS B 86 -2.61 -23.75 35.35
CA LYS B 86 -2.81 -22.45 34.76
C LYS B 86 -3.01 -22.55 33.26
N ARG B 87 -4.13 -21.98 32.82
CA ARG B 87 -4.47 -21.95 31.40
C ARG B 87 -4.18 -20.60 30.77
N THR B 88 -3.74 -20.68 29.52
CA THR B 88 -3.44 -19.51 28.71
C THR B 88 -4.12 -19.75 27.39
N LYS B 89 -4.95 -18.80 26.93
CA LYS B 89 -5.65 -18.96 25.66
C LYS B 89 -4.65 -18.91 24.50
N CYS B 90 -4.92 -19.69 23.45
CA CYS B 90 -4.05 -19.68 22.30
C CYS B 90 -4.79 -19.78 20.97
N LEU B 91 -4.07 -19.51 19.88
CA LEU B 91 -4.57 -19.64 18.52
C LEU B 91 -3.51 -20.39 17.74
N THR B 92 -3.89 -21.44 17.01
CA THR B 92 -2.94 -22.20 16.22
C THR B 92 -3.29 -22.10 14.76
N ARG B 93 -2.29 -21.88 13.90
CA ARG B 93 -2.52 -21.96 12.47
C ARG B 93 -1.60 -23.08 11.98
N PHE B 94 -2.23 -24.04 11.32
CA PHE B 94 -1.55 -25.14 10.65
C PHE B 94 -1.45 -24.81 9.17
N SER B 95 -0.43 -25.27 8.45
CA SER B 95 -0.28 -24.90 7.04
C SER B 95 0.66 -25.80 6.26
N THR B 96 0.68 -25.65 4.93
CA THR B 96 1.69 -26.30 4.11
C THR B 96 2.81 -25.27 3.88
N VAL B 97 3.82 -25.51 3.05
CA VAL B 97 4.89 -24.54 2.88
C VAL B 97 4.98 -23.92 1.49
N GLY B 98 5.16 -24.70 0.42
CA GLY B 98 5.42 -24.13 -0.90
C GLY B 98 4.22 -23.69 -1.72
N GLY B 99 3.04 -24.27 -1.48
CA GLY B 99 1.87 -24.00 -2.31
C GLY B 99 1.20 -22.65 -2.08
N ASP B 100 0.53 -22.15 -3.12
CA ASP B 100 -0.21 -20.90 -3.04
C ASP B 100 -1.50 -21.05 -2.26
N LYS B 101 -2.29 -19.98 -2.07
CA LYS B 101 -3.50 -20.04 -1.28
C LYS B 101 -4.52 -21.05 -1.77
N GLY B 102 -4.68 -21.29 -3.07
CA GLY B 102 -5.71 -22.24 -3.47
C GLY B 102 -5.28 -23.70 -3.46
N SER B 103 -4.01 -24.00 -3.16
CA SER B 103 -3.48 -25.35 -3.26
C SER B 103 -4.09 -26.32 -2.28
N ALA B 104 -3.89 -27.61 -2.57
CA ALA B 104 -4.45 -28.71 -1.78
C ALA B 104 -3.81 -28.98 -0.45
N ASP B 105 -4.62 -29.54 0.44
CA ASP B 105 -4.18 -29.91 1.77
C ASP B 105 -3.26 -31.11 1.87
N THR B 106 -3.55 -32.12 1.06
CA THR B 106 -2.79 -33.37 1.11
C THR B 106 -1.72 -33.48 0.03
N VAL B 107 -0.74 -32.57 0.09
CA VAL B 107 0.44 -32.60 -0.78
C VAL B 107 1.65 -32.96 0.08
N ARG B 108 2.80 -33.27 -0.52
CA ARG B 108 3.99 -33.52 0.26
C ARG B 108 4.61 -32.16 0.54
N ASP B 109 4.86 -31.95 1.83
CA ASP B 109 5.46 -30.73 2.35
C ASP B 109 5.70 -30.91 3.84
N PRO B 110 6.51 -30.08 4.51
CA PRO B 110 6.35 -29.82 5.93
C PRO B 110 5.00 -29.15 6.16
N ARG B 111 4.51 -29.33 7.38
CA ARG B 111 3.34 -28.62 7.83
C ARG B 111 3.80 -27.64 8.89
N GLY B 112 3.24 -26.42 8.86
CA GLY B 112 3.48 -25.45 9.91
C GLY B 112 2.56 -25.74 11.08
N PHE B 113 3.01 -25.32 12.26
CA PHE B 113 2.31 -25.51 13.51
C PHE B 113 2.74 -24.30 14.35
N ALA B 114 2.04 -23.20 14.09
CA ALA B 114 2.28 -21.92 14.73
C ALA B 114 1.26 -21.65 15.82
N THR B 115 1.69 -21.38 17.06
CA THR B 115 0.75 -21.13 18.14
C THR B 115 1.06 -19.79 18.81
N LYS B 116 0.00 -19.01 19.02
CA LYS B 116 0.06 -17.72 19.67
C LYS B 116 -0.57 -17.87 21.03
N PHE B 117 0.15 -17.49 22.09
CA PHE B 117 -0.32 -17.61 23.45
C PHE B 117 -0.52 -16.21 23.96
N TYR B 118 -1.70 -15.95 24.52
CA TYR B 118 -2.04 -14.64 25.03
C TYR B 118 -1.71 -14.63 26.50
N THR B 119 -0.43 -14.41 26.84
CA THR B 119 -0.02 -14.44 28.23
C THR B 119 -0.09 -13.06 28.91
N GLU B 120 0.05 -13.04 30.24
CA GLU B 120 0.04 -11.81 31.03
C GLU B 120 1.28 -10.95 30.82
N GLU B 121 2.29 -11.49 30.11
CA GLU B 121 3.51 -10.77 29.78
C GLU B 121 3.60 -10.56 28.27
N GLY B 122 2.44 -10.46 27.63
CA GLY B 122 2.36 -10.26 26.20
C GLY B 122 2.17 -11.56 25.45
N ASN B 123 2.09 -11.45 24.13
CA ASN B 123 1.95 -12.62 23.31
C ASN B 123 3.26 -13.37 23.14
N LEU B 124 3.11 -14.69 22.96
CA LEU B 124 4.25 -15.58 22.74
C LEU B 124 3.92 -16.38 21.49
N ASP B 125 4.78 -16.38 20.48
CA ASP B 125 4.54 -17.21 19.32
C ASP B 125 5.57 -18.33 19.22
N TRP B 126 5.06 -19.56 19.22
CA TRP B 126 5.87 -20.73 18.96
C TRP B 126 5.60 -21.11 17.50
N VAL B 127 6.44 -20.53 16.64
CA VAL B 127 6.34 -20.71 15.21
C VAL B 127 7.21 -21.91 14.83
N TYR B 128 6.56 -23.08 14.93
CA TYR B 128 7.19 -24.38 14.74
C TYR B 128 6.76 -25.09 13.47
N ASN B 129 7.53 -26.09 13.03
CA ASN B 129 7.10 -26.96 11.94
C ASN B 129 6.84 -28.36 12.48
N ASN B 130 6.31 -29.26 11.63
CA ASN B 130 6.03 -30.61 12.09
C ASN B 130 7.20 -31.59 11.89
N THR B 131 8.39 -31.01 11.74
CA THR B 131 9.62 -31.77 11.57
C THR B 131 10.65 -31.28 12.59
N PRO B 132 11.52 -32.15 13.14
CA PRO B 132 12.57 -31.80 14.10
C PRO B 132 13.65 -30.87 13.58
N VAL B 133 13.89 -30.96 12.25
CA VAL B 133 14.94 -30.19 11.60
C VAL B 133 14.41 -29.35 10.43
N PHE B 134 15.29 -28.72 9.65
CA PHE B 134 14.90 -28.01 8.45
C PHE B 134 16.01 -28.17 7.41
N PHE B 135 15.73 -27.68 6.20
CA PHE B 135 16.60 -27.80 5.04
C PHE B 135 17.89 -26.99 5.08
N ILE B 136 17.96 -25.90 5.85
CA ILE B 136 19.11 -25.03 5.82
C ILE B 136 19.63 -24.66 7.19
N ARG B 137 20.90 -24.23 7.25
CA ARG B 137 21.51 -23.71 8.46
C ARG B 137 22.18 -22.36 8.16
N ASP B 138 22.00 -21.86 6.93
CA ASP B 138 22.42 -20.52 6.53
C ASP B 138 21.18 -19.72 6.15
N PRO B 139 20.92 -18.58 6.81
CA PRO B 139 19.72 -17.77 6.58
C PRO B 139 19.58 -17.19 5.17
N SER B 140 20.73 -16.90 4.55
CA SER B 140 20.80 -16.35 3.20
C SER B 140 20.33 -17.29 2.11
N LYS B 141 20.40 -18.58 2.45
CA LYS B 141 19.99 -19.66 1.58
C LYS B 141 18.47 -19.71 1.46
N PHE B 142 17.71 -19.09 2.39
CA PHE B 142 16.25 -19.20 2.43
C PHE B 142 15.48 -18.67 1.22
N PRO B 143 15.64 -17.45 0.66
CA PRO B 143 14.95 -17.01 -0.55
C PRO B 143 15.16 -17.97 -1.73
N HIS B 144 16.41 -18.46 -1.86
CA HIS B 144 16.82 -19.37 -2.91
C HIS B 144 16.11 -20.71 -2.80
N PHE B 145 16.06 -21.25 -1.58
CA PHE B 145 15.42 -22.52 -1.33
C PHE B 145 13.92 -22.46 -1.58
N ILE B 146 13.18 -21.47 -1.05
CA ILE B 146 11.74 -21.38 -1.25
C ILE B 146 11.40 -21.15 -2.72
N HIS B 147 12.25 -20.43 -3.46
CA HIS B 147 12.04 -20.25 -4.89
C HIS B 147 12.06 -21.59 -5.62
N THR B 148 12.97 -22.50 -5.24
CA THR B 148 13.06 -23.81 -5.88
C THR B 148 11.94 -24.76 -5.45
N GLN B 149 11.32 -24.50 -4.30
CA GLN B 149 10.16 -25.26 -3.82
C GLN B 149 8.86 -24.86 -4.51
N LYS B 150 8.85 -23.67 -5.11
CA LYS B 150 7.66 -23.14 -5.74
C LYS B 150 7.60 -23.37 -7.24
N ARG B 151 7.33 -22.35 -8.07
CA ARG B 151 7.16 -22.53 -9.49
C ARG B 151 8.32 -21.96 -10.28
N ASN B 152 8.53 -22.50 -11.48
CA ASN B 152 9.58 -22.06 -12.38
C ASN B 152 9.24 -20.64 -12.82
N PRO B 153 10.18 -19.68 -12.84
CA PRO B 153 9.94 -18.29 -13.19
C PRO B 153 9.30 -18.06 -14.55
N GLN B 154 9.55 -18.95 -15.52
CA GLN B 154 8.96 -18.82 -16.84
C GLN B 154 7.69 -19.65 -17.05
N THR B 155 7.82 -20.97 -16.82
CA THR B 155 6.74 -21.92 -17.11
C THR B 155 5.59 -21.95 -16.11
N ASN B 156 5.85 -21.41 -14.91
CA ASN B 156 4.95 -21.39 -13.75
C ASN B 156 4.56 -22.79 -13.26
N LEU B 157 5.39 -23.78 -13.62
CA LEU B 157 5.21 -25.16 -13.22
C LEU B 157 6.14 -25.50 -12.07
N ARG B 158 5.76 -26.49 -11.25
CA ARG B 158 6.67 -26.93 -10.20
C ARG B 158 7.71 -27.77 -10.93
N ASP B 159 8.96 -27.42 -10.66
CA ASP B 159 10.10 -27.98 -11.38
C ASP B 159 11.02 -28.84 -10.54
N ALA B 160 11.09 -30.12 -10.92
CA ALA B 160 11.93 -31.09 -10.23
C ALA B 160 13.42 -30.82 -10.44
N ASP B 161 13.82 -30.20 -11.56
CA ASP B 161 15.21 -29.81 -11.76
C ASP B 161 15.61 -28.72 -10.79
N MET B 162 14.78 -27.68 -10.52
CA MET B 162 15.12 -26.66 -9.53
C MET B 162 15.23 -27.27 -8.13
N PHE B 163 14.21 -28.08 -7.80
CA PHE B 163 14.08 -28.71 -6.50
C PHE B 163 15.33 -29.49 -6.15
N TRP B 164 15.69 -30.46 -6.99
CA TRP B 164 16.86 -31.27 -6.71
C TRP B 164 18.19 -30.63 -7.03
N ASP B 165 18.25 -29.64 -7.93
CA ASP B 165 19.50 -28.94 -8.19
C ASP B 165 19.96 -28.16 -6.98
N PHE B 166 19.06 -27.49 -6.26
CA PHE B 166 19.43 -26.77 -5.07
C PHE B 166 19.90 -27.74 -3.99
N LEU B 167 19.12 -28.80 -3.73
CA LEU B 167 19.43 -29.76 -2.67
C LEU B 167 20.69 -30.59 -2.87
N THR B 168 21.03 -30.95 -4.11
CA THR B 168 22.22 -31.73 -4.38
C THR B 168 23.49 -30.88 -4.54
N THR B 169 23.40 -29.53 -4.56
CA THR B 169 24.58 -28.67 -4.63
C THR B 169 25.40 -28.93 -3.37
N PRO B 170 26.70 -29.23 -3.45
CA PRO B 170 27.49 -29.79 -2.36
C PRO B 170 27.39 -29.08 -1.02
N GLU B 171 27.44 -27.73 -1.06
CA GLU B 171 27.34 -26.91 0.15
C GLU B 171 25.93 -26.81 0.73
N ASN B 172 24.93 -27.29 0.00
CA ASN B 172 23.54 -27.30 0.47
C ASN B 172 23.10 -28.68 0.92
N GLN B 173 23.89 -29.75 0.72
CA GLN B 173 23.56 -31.15 0.98
C GLN B 173 23.33 -31.36 2.48
N VAL B 174 23.60 -30.45 3.39
CA VAL B 174 23.26 -30.54 4.81
C VAL B 174 21.74 -30.62 5.00
N ALA B 175 20.97 -30.41 3.91
CA ALA B 175 19.53 -30.56 3.87
C ALA B 175 19.05 -32.01 3.92
N ILE B 176 19.96 -32.98 3.72
CA ILE B 176 19.64 -34.41 3.58
C ILE B 176 18.84 -35.03 4.75
N HIS B 177 19.08 -34.64 6.01
CA HIS B 177 18.30 -35.16 7.15
C HIS B 177 16.84 -34.77 6.95
N GLN B 178 16.62 -33.50 6.56
CA GLN B 178 15.28 -33.02 6.30
C GLN B 178 14.65 -33.63 5.05
N VAL B 179 15.42 -33.84 3.96
CA VAL B 179 14.88 -34.42 2.74
C VAL B 179 14.40 -35.84 3.02
N MET B 180 15.11 -36.57 3.92
CA MET B 180 14.74 -37.91 4.34
C MET B 180 13.39 -37.92 5.04
N ILE B 181 13.17 -36.95 5.95
CA ILE B 181 11.89 -36.82 6.65
C ILE B 181 10.78 -36.40 5.70
N LEU B 182 11.06 -35.46 4.78
CA LEU B 182 10.09 -34.94 3.83
C LEU B 182 9.52 -36.02 2.93
N PHE B 183 10.40 -36.88 2.41
CA PHE B 183 9.97 -37.92 1.51
C PHE B 183 9.54 -39.22 2.15
N SER B 184 9.51 -39.28 3.48
CA SER B 184 8.90 -40.42 4.14
C SER B 184 7.39 -40.15 4.16
N ASP B 185 6.55 -41.06 4.68
CA ASP B 185 5.13 -40.81 4.74
C ASP B 185 4.70 -39.76 5.76
N ARG B 186 5.64 -39.36 6.63
CA ARG B 186 5.45 -38.25 7.56
C ARG B 186 5.31 -36.94 6.78
N GLY B 187 5.80 -36.92 5.52
CA GLY B 187 5.68 -35.77 4.62
C GLY B 187 4.26 -35.53 4.13
N THR B 188 3.38 -36.54 4.28
CA THR B 188 1.96 -36.39 3.96
C THR B 188 1.10 -36.88 5.14
N PRO B 189 0.87 -36.10 6.22
CA PRO B 189 0.04 -36.46 7.36
C PRO B 189 -1.40 -36.74 6.96
N ALA B 190 -2.11 -37.55 7.75
CA ALA B 190 -3.51 -37.87 7.47
C ALA B 190 -4.44 -36.68 7.69
N ASN B 191 -3.96 -35.82 8.60
CA ASN B 191 -4.60 -34.58 8.99
C ASN B 191 -3.71 -33.83 9.99
N TYR B 192 -4.13 -32.63 10.39
CA TYR B 192 -3.37 -31.81 11.34
C TYR B 192 -3.38 -32.30 12.79
N ARG B 193 -4.39 -33.12 13.12
CA ARG B 193 -4.52 -33.71 14.45
C ARG B 193 -3.60 -34.91 14.64
N SER B 194 -2.96 -35.37 13.57
CA SER B 194 -2.16 -36.58 13.60
C SER B 194 -0.68 -36.32 13.32
N MET B 195 -0.17 -35.17 13.75
CA MET B 195 1.24 -34.81 13.55
C MET B 195 1.81 -34.09 14.76
N HIS B 196 3.14 -34.07 14.86
CA HIS B 196 3.83 -33.40 15.95
C HIS B 196 4.26 -31.99 15.55
N GLY B 197 4.61 -31.17 16.53
CA GLY B 197 5.21 -29.86 16.32
C GLY B 197 6.58 -29.89 16.99
N TYR B 198 7.58 -29.15 16.52
CA TYR B 198 8.92 -29.16 17.14
C TYR B 198 9.49 -27.77 16.97
N SER B 199 10.21 -27.25 17.98
CA SER B 199 10.81 -25.94 17.85
C SER B 199 11.82 -25.85 16.72
N GLY B 200 12.48 -26.98 16.42
CA GLY B 200 13.51 -27.06 15.39
C GLY B 200 14.83 -26.51 15.92
N HIS B 201 14.79 -25.23 16.25
CA HIS B 201 15.93 -24.53 16.82
C HIS B 201 16.03 -24.77 18.33
N THR B 202 17.24 -24.45 18.78
CA THR B 202 17.56 -24.40 20.20
C THR B 202 17.15 -23.01 20.65
N TYR B 203 16.41 -22.92 21.75
CA TYR B 203 16.08 -21.66 22.35
C TYR B 203 16.77 -21.59 23.70
N LYS B 204 16.79 -20.43 24.36
CA LYS B 204 17.39 -20.31 25.68
C LYS B 204 16.32 -19.88 26.65
N TRP B 205 15.97 -20.76 27.60
CA TRP B 205 15.00 -20.42 28.63
C TRP B 205 15.73 -20.22 29.95
N SER B 206 15.30 -19.22 30.74
CA SER B 206 15.93 -18.90 32.01
C SER B 206 14.95 -18.92 33.15
N ASN B 207 15.38 -19.34 34.36
CA ASN B 207 14.52 -19.23 35.53
C ASN B 207 14.74 -17.88 36.19
N LYS B 208 14.04 -17.61 37.29
CA LYS B 208 14.16 -16.33 37.97
C LYS B 208 15.48 -16.08 38.68
N ASN B 209 16.24 -17.15 38.97
CA ASN B 209 17.57 -17.03 39.57
C ASN B 209 18.68 -16.69 38.58
N GLY B 210 18.42 -16.69 37.27
CA GLY B 210 19.43 -16.39 36.28
C GLY B 210 20.08 -17.63 35.69
N ASP B 211 19.69 -18.83 36.15
CA ASP B 211 20.20 -20.08 35.59
C ASP B 211 19.51 -20.30 34.25
N TRP B 212 20.24 -20.71 33.21
CA TRP B 212 19.64 -20.90 31.91
C TRP B 212 19.98 -22.22 31.26
N HIS B 213 19.13 -22.63 30.31
CA HIS B 213 19.34 -23.86 29.57
C HIS B 213 19.04 -23.70 28.08
N TYR B 214 19.73 -24.51 27.28
CA TYR B 214 19.41 -24.66 25.87
C TYR B 214 18.23 -25.61 25.87
N VAL B 215 17.17 -25.25 25.14
CA VAL B 215 15.92 -25.99 25.14
C VAL B 215 15.45 -26.34 23.74
N GLN B 216 14.89 -27.54 23.54
CA GLN B 216 14.21 -27.88 22.29
C GLN B 216 12.83 -28.38 22.69
N VAL B 217 11.79 -27.90 21.98
CA VAL B 217 10.42 -28.22 22.35
C VAL B 217 9.77 -29.22 21.41
N HIS B 218 9.04 -30.16 22.01
CA HIS B 218 8.34 -31.23 21.30
C HIS B 218 6.87 -31.16 21.66
N ILE B 219 6.00 -31.06 20.65
CA ILE B 219 4.56 -30.99 20.85
C ILE B 219 4.03 -32.27 20.21
N LYS B 220 3.82 -33.28 21.06
CA LYS B 220 3.43 -34.61 20.62
C LYS B 220 1.93 -34.84 20.55
N THR B 221 1.41 -35.30 19.41
CA THR B 221 -0.02 -35.55 19.29
C THR B 221 -0.55 -36.70 20.13
N ASP B 222 -1.60 -36.39 20.88
CA ASP B 222 -2.29 -37.39 21.69
C ASP B 222 -3.20 -38.27 20.86
N GLN B 223 -3.44 -37.89 19.60
CA GLN B 223 -4.22 -38.69 18.68
C GLN B 223 -3.36 -39.74 17.98
N GLY B 224 -2.03 -39.59 18.03
CA GLY B 224 -1.11 -40.52 17.39
C GLY B 224 -0.77 -40.12 15.97
N ILE B 225 0.44 -40.50 15.53
CA ILE B 225 0.88 -40.25 14.17
C ILE B 225 0.12 -41.16 13.21
N LYS B 226 -0.47 -40.52 12.21
CA LYS B 226 -1.21 -41.21 11.18
C LYS B 226 -0.88 -40.47 9.90
N ASN B 227 -0.52 -41.25 8.87
CA ASN B 227 -0.08 -40.75 7.58
C ASN B 227 -0.83 -41.37 6.42
N LEU B 228 -0.66 -40.70 5.28
CA LEU B 228 -1.18 -41.16 4.01
C LEU B 228 0.00 -41.61 3.16
N THR B 229 -0.31 -42.47 2.18
CA THR B 229 0.66 -42.82 1.17
C THR B 229 0.51 -41.77 0.08
N ILE B 230 1.51 -41.57 -0.79
CA ILE B 230 1.43 -40.52 -1.79
C ILE B 230 0.30 -40.74 -2.79
N GLU B 231 -0.15 -41.99 -2.98
CA GLU B 231 -1.27 -42.30 -3.87
C GLU B 231 -2.58 -41.82 -3.28
N GLU B 232 -2.77 -42.05 -1.97
CA GLU B 232 -3.97 -41.60 -1.27
C GLU B 232 -4.00 -40.08 -1.22
N ALA B 233 -2.84 -39.47 -0.97
CA ALA B 233 -2.71 -38.01 -0.89
C ALA B 233 -3.01 -37.31 -2.20
N THR B 234 -2.55 -37.88 -3.33
CA THR B 234 -2.80 -37.34 -4.65
C THR B 234 -4.27 -37.49 -5.02
N LYS B 235 -4.94 -38.60 -4.65
CA LYS B 235 -6.36 -38.79 -4.91
C LYS B 235 -7.25 -37.83 -4.14
N ILE B 236 -6.92 -37.60 -2.86
CA ILE B 236 -7.66 -36.65 -2.02
C ILE B 236 -7.36 -35.22 -2.48
N ALA B 237 -6.18 -34.91 -3.02
CA ALA B 237 -5.88 -33.56 -3.49
C ALA B 237 -6.78 -33.09 -4.65
N GLY B 238 -7.33 -34.04 -5.42
CA GLY B 238 -8.23 -33.73 -6.51
C GLY B 238 -9.68 -33.76 -6.08
N SER B 239 -10.02 -34.77 -5.28
CA SER B 239 -11.35 -35.02 -4.75
C SER B 239 -11.84 -34.01 -3.71
N ASN B 240 -10.92 -33.63 -2.82
CA ASN B 240 -11.20 -32.70 -1.73
C ASN B 240 -9.93 -31.94 -1.35
N PRO B 241 -9.64 -30.80 -2.00
CA PRO B 241 -8.48 -29.94 -1.72
C PRO B 241 -8.43 -29.37 -0.32
N ASP B 242 -9.56 -29.43 0.40
CA ASP B 242 -9.67 -28.87 1.74
C ASP B 242 -9.95 -29.91 2.80
N TYR B 243 -9.37 -31.10 2.58
CA TYR B 243 -9.54 -32.25 3.44
C TYR B 243 -9.15 -32.03 4.89
N CYS B 244 -7.93 -31.51 5.15
CA CYS B 244 -7.47 -31.27 6.51
C CYS B 244 -8.20 -30.10 7.18
N GLN B 245 -8.61 -29.07 6.42
CA GLN B 245 -9.41 -27.97 6.96
C GLN B 245 -10.76 -28.49 7.42
N GLN B 246 -11.37 -29.33 6.59
CA GLN B 246 -12.65 -29.95 6.91
C GLN B 246 -12.52 -30.87 8.11
N ASP B 247 -11.42 -31.62 8.19
CA ASP B 247 -11.18 -32.52 9.30
C ASP B 247 -11.07 -31.78 10.63
N LEU B 248 -10.27 -30.71 10.67
CA LEU B 248 -10.08 -29.92 11.86
C LEU B 248 -11.37 -29.24 12.29
N PHE B 249 -12.09 -28.64 11.32
CA PHE B 249 -13.33 -27.93 11.62
C PHE B 249 -14.37 -28.86 12.20
N GLU B 250 -14.62 -30.01 11.54
CA GLU B 250 -15.60 -30.97 12.02
C GLU B 250 -15.23 -31.64 13.32
N ALA B 251 -13.94 -31.93 13.58
CA ALA B 251 -13.53 -32.54 14.84
C ALA B 251 -13.91 -31.65 16.02
N ILE B 252 -13.60 -30.35 15.92
CA ILE B 252 -13.93 -29.39 16.96
C ILE B 252 -15.44 -29.15 17.04
N GLN B 253 -16.12 -29.12 15.89
CA GLN B 253 -17.56 -28.95 15.83
C GLN B 253 -18.30 -30.10 16.51
N ASN B 254 -17.80 -31.33 16.36
CA ASN B 254 -18.41 -32.50 16.94
C ASN B 254 -17.91 -32.81 18.35
N GLY B 255 -17.09 -31.92 18.92
CA GLY B 255 -16.60 -32.05 20.28
C GLY B 255 -15.39 -32.95 20.45
N ASN B 256 -14.87 -33.56 19.39
CA ASN B 256 -13.69 -34.39 19.48
C ASN B 256 -12.43 -33.53 19.29
N TYR B 257 -12.15 -32.80 20.38
CA TYR B 257 -11.07 -31.83 20.44
C TYR B 257 -9.69 -32.45 20.38
N PRO B 258 -8.81 -32.01 19.47
CA PRO B 258 -7.44 -32.53 19.38
C PRO B 258 -6.54 -31.97 20.47
N SER B 259 -5.70 -32.83 21.06
CA SER B 259 -4.75 -32.34 22.03
C SER B 259 -3.36 -32.87 21.76
N TRP B 260 -2.40 -32.13 22.28
CA TRP B 260 -0.99 -32.43 22.14
C TRP B 260 -0.36 -32.29 23.51
N THR B 261 0.64 -33.12 23.83
CA THR B 261 1.38 -32.98 25.08
C THR B 261 2.70 -32.29 24.73
N VAL B 262 3.05 -31.26 25.49
CA VAL B 262 4.26 -30.50 25.28
C VAL B 262 5.38 -30.99 26.20
N TYR B 263 6.55 -31.25 25.61
CA TYR B 263 7.73 -31.71 26.32
C TYR B 263 8.90 -30.84 25.93
N ILE B 264 9.98 -30.84 26.73
CA ILE B 264 11.21 -30.16 26.37
C ILE B 264 12.41 -31.05 26.65
N GLN B 265 13.50 -30.77 25.94
CA GLN B 265 14.81 -31.36 26.18
C GLN B 265 15.66 -30.20 26.65
N THR B 266 16.32 -30.33 27.79
CA THR B 266 17.20 -29.30 28.27
C THR B 266 18.65 -29.75 28.23
N MET B 267 19.53 -28.76 28.30
CA MET B 267 20.96 -28.96 28.15
C MET B 267 21.69 -27.74 28.69
N THR B 268 22.80 -27.93 29.39
CA THR B 268 23.61 -26.80 29.84
C THR B 268 24.64 -26.43 28.77
N GLU B 269 25.36 -25.34 29.02
CA GLU B 269 26.41 -24.89 28.12
C GLU B 269 27.57 -25.89 28.08
N ARG B 270 27.89 -26.51 29.24
CA ARG B 270 28.90 -27.54 29.39
C ARG B 270 28.56 -28.78 28.56
N ASP B 271 27.29 -29.24 28.58
CA ASP B 271 26.87 -30.35 27.74
C ASP B 271 26.97 -30.01 26.26
N ALA B 272 26.67 -28.75 25.92
CA ALA B 272 26.74 -28.28 24.54
C ALA B 272 28.15 -28.34 23.98
N LYS B 273 29.15 -28.08 24.83
CA LYS B 273 30.56 -28.17 24.45
C LYS B 273 31.00 -29.60 24.24
N LYS B 274 30.38 -30.56 24.92
CA LYS B 274 30.73 -31.96 24.74
C LYS B 274 30.04 -32.62 23.55
N LEU B 275 29.06 -31.96 22.91
CA LEU B 275 28.34 -32.56 21.78
C LEU B 275 29.18 -32.69 20.52
N PRO B 276 29.02 -33.75 19.71
CA PRO B 276 29.69 -33.93 18.41
C PRO B 276 29.28 -33.00 17.27
N PHE B 277 28.30 -32.14 17.55
CA PHE B 277 27.76 -31.15 16.63
C PHE B 277 27.35 -29.88 17.40
N SER B 278 26.87 -28.88 16.67
CA SER B 278 26.50 -27.61 17.26
C SER B 278 25.03 -27.54 17.71
N VAL B 279 24.78 -26.91 18.87
CA VAL B 279 23.42 -26.65 19.32
C VAL B 279 22.75 -25.58 18.45
N PHE B 280 23.56 -24.84 17.69
CA PHE B 280 23.08 -23.79 16.79
C PHE B 280 22.80 -24.33 15.39
N ASP B 281 22.87 -25.65 15.18
CA ASP B 281 22.61 -26.22 13.88
C ASP B 281 21.22 -26.83 13.84
N LEU B 282 20.44 -26.24 12.94
CA LEU B 282 19.05 -26.61 12.71
C LEU B 282 18.87 -28.00 12.12
N THR B 283 19.87 -28.51 11.39
CA THR B 283 19.76 -29.82 10.78
C THR B 283 20.09 -30.98 11.72
N LYS B 284 20.33 -30.72 13.01
CA LYS B 284 20.67 -31.74 13.99
C LYS B 284 19.63 -31.87 15.08
N VAL B 285 19.35 -33.11 15.50
CA VAL B 285 18.48 -33.37 16.64
C VAL B 285 19.36 -33.84 17.79
N TRP B 286 18.87 -33.59 19.00
CA TRP B 286 19.51 -34.01 20.23
C TRP B 286 19.01 -35.41 20.58
N PRO B 287 19.90 -36.34 20.96
CA PRO B 287 19.55 -37.72 21.31
C PRO B 287 18.68 -37.78 22.56
N GLN B 288 17.58 -38.53 22.52
CA GLN B 288 16.69 -38.63 23.67
C GLN B 288 17.13 -39.56 24.80
N GLY B 289 18.15 -40.40 24.56
CA GLY B 289 18.69 -41.27 25.58
C GLY B 289 19.34 -40.44 26.68
N GLN B 290 20.24 -39.56 26.24
CA GLN B 290 20.97 -38.68 27.11
C GLN B 290 20.17 -37.47 27.53
N PHE B 291 19.32 -36.94 26.63
CA PHE B 291 18.54 -35.74 26.91
C PHE B 291 17.06 -36.06 26.75
N PRO B 292 16.43 -36.63 27.78
CA PRO B 292 15.08 -37.17 27.72
C PRO B 292 14.00 -36.10 27.62
N LEU B 293 12.77 -36.49 27.26
CA LEU B 293 11.67 -35.54 27.16
C LEU B 293 11.09 -35.32 28.55
N ARG B 294 11.15 -34.07 29.00
CA ARG B 294 10.58 -33.67 30.28
C ARG B 294 9.22 -33.05 29.99
N ARG B 295 8.15 -33.42 30.72
CA ARG B 295 6.82 -32.92 30.41
C ARG B 295 6.50 -31.53 30.98
N VAL B 296 5.80 -30.73 30.17
CA VAL B 296 5.44 -29.37 30.54
C VAL B 296 3.93 -29.20 30.67
N GLY B 297 3.15 -29.50 29.62
CA GLY B 297 1.71 -29.29 29.69
C GLY B 297 0.96 -29.76 28.46
N LYS B 298 -0.20 -29.18 28.18
CA LYS B 298 -1.06 -29.60 27.09
C LYS B 298 -1.55 -28.45 26.21
N ILE B 299 -1.75 -28.71 24.93
CA ILE B 299 -2.43 -27.76 24.05
C ILE B 299 -3.70 -28.48 23.60
N VAL B 300 -4.88 -27.93 23.90
CA VAL B 300 -6.15 -28.48 23.44
C VAL B 300 -6.75 -27.44 22.49
N LEU B 301 -7.20 -27.84 21.30
CA LEU B 301 -7.88 -26.92 20.40
C LEU B 301 -9.36 -27.28 20.43
N ASN B 302 -10.16 -26.37 20.98
CA ASN B 302 -11.57 -26.64 21.22
C ASN B 302 -12.56 -25.62 20.68
N GLU B 303 -12.11 -24.70 19.81
CA GLU B 303 -12.96 -23.65 19.30
C GLU B 303 -12.60 -23.26 17.88
N ASN B 304 -13.59 -23.34 17.00
CA ASN B 304 -13.43 -22.90 15.62
C ASN B 304 -13.51 -21.38 15.48
N PRO B 305 -12.78 -20.75 14.56
CA PRO B 305 -12.93 -19.33 14.22
C PRO B 305 -14.33 -19.03 13.71
N LEU B 306 -14.83 -17.81 13.98
CA LEU B 306 -16.10 -17.37 13.42
C LEU B 306 -15.91 -16.89 11.99
N ASN B 307 -14.76 -16.30 11.69
CA ASN B 307 -14.49 -15.79 10.37
C ASN B 307 -13.03 -16.09 10.04
N PHE B 308 -12.87 -16.93 9.02
CA PHE B 308 -11.55 -17.34 8.59
C PHE B 308 -10.66 -16.16 8.24
N PHE B 309 -11.13 -15.17 7.45
CA PHE B 309 -10.29 -14.08 7.01
C PHE B 309 -9.77 -13.23 8.17
N ALA B 310 -10.69 -12.78 9.01
CA ALA B 310 -10.35 -11.88 10.10
C ALA B 310 -9.48 -12.50 11.18
N GLN B 311 -9.67 -13.79 11.44
CA GLN B 311 -8.97 -14.45 12.53
C GLN B 311 -7.80 -15.33 12.18
N VAL B 312 -7.81 -15.96 11.00
CA VAL B 312 -6.75 -16.88 10.60
C VAL B 312 -5.88 -16.24 9.53
N GLU B 313 -6.51 -15.71 8.48
CA GLU B 313 -5.76 -15.09 7.40
C GLU B 313 -5.05 -13.82 7.87
N GLN B 314 -5.68 -13.05 8.76
CA GLN B 314 -5.04 -11.86 9.29
C GLN B 314 -4.10 -12.12 10.48
N ALA B 315 -3.99 -13.38 10.93
CA ALA B 315 -3.15 -13.72 12.06
C ALA B 315 -1.68 -13.59 11.71
N ALA B 316 -0.94 -12.99 12.64
CA ALA B 316 0.48 -12.73 12.47
C ALA B 316 1.28 -13.43 13.56
N PHE B 317 2.19 -14.31 13.13
CA PHE B 317 3.03 -15.10 14.03
C PHE B 317 4.49 -14.77 13.76
N ALA B 318 5.27 -14.56 14.83
CA ALA B 318 6.68 -14.18 14.73
C ALA B 318 7.52 -14.75 15.88
N PRO B 319 8.70 -15.33 15.63
CA PRO B 319 9.63 -15.77 16.67
C PRO B 319 10.10 -14.65 17.60
N SER B 320 10.04 -13.41 17.11
CA SER B 320 10.39 -12.24 17.90
C SER B 320 9.32 -11.84 18.90
N THR B 321 8.12 -12.43 18.76
CA THR B 321 7.05 -12.23 19.73
C THR B 321 7.30 -13.30 20.80
N THR B 322 7.97 -12.85 21.85
CA THR B 322 8.35 -13.75 22.92
C THR B 322 8.17 -13.06 24.26
N VAL B 323 7.90 -13.86 25.29
CA VAL B 323 7.74 -13.32 26.64
C VAL B 323 9.07 -13.34 27.38
N PRO B 324 9.23 -12.61 28.50
CA PRO B 324 10.37 -12.72 29.39
C PRO B 324 10.71 -14.16 29.77
N TYR B 325 12.03 -14.38 29.89
CA TYR B 325 12.68 -15.66 30.23
C TYR B 325 12.74 -16.66 29.08
N GLN B 326 12.24 -16.29 27.89
CA GLN B 326 12.34 -17.12 26.69
C GLN B 326 12.99 -16.26 25.61
N GLU B 327 14.17 -16.70 25.20
CA GLU B 327 14.96 -16.01 24.20
C GLU B 327 15.46 -16.94 23.11
N ALA B 328 15.92 -16.36 22.00
CA ALA B 328 16.44 -17.14 20.89
C ALA B 328 17.93 -17.43 21.07
N SER B 329 18.42 -18.52 20.47
CA SER B 329 19.84 -18.82 20.51
C SER B 329 20.55 -18.24 19.29
N ALA B 330 21.86 -18.42 19.21
CA ALA B 330 22.67 -17.91 18.10
C ALA B 330 22.60 -18.79 16.86
N ASP B 331 21.55 -19.63 16.75
CA ASP B 331 21.28 -20.39 15.54
C ASP B 331 21.03 -19.35 14.45
N PRO B 332 21.82 -19.32 13.35
CA PRO B 332 21.79 -18.28 12.33
C PRO B 332 20.45 -18.14 11.60
N VAL B 333 19.73 -19.27 11.47
CA VAL B 333 18.42 -19.28 10.84
C VAL B 333 17.40 -18.63 11.77
N LEU B 334 17.39 -18.97 13.07
CA LEU B 334 16.49 -18.36 14.04
C LEU B 334 16.76 -16.87 14.20
N GLN B 335 18.04 -16.49 14.16
CA GLN B 335 18.45 -15.10 14.25
C GLN B 335 17.84 -14.27 13.12
N ALA B 336 17.88 -14.76 11.87
CA ALA B 336 17.27 -14.07 10.74
C ALA B 336 15.75 -14.00 10.81
N ARG B 337 15.14 -15.05 11.39
CA ARG B 337 13.70 -15.14 11.58
C ARG B 337 13.19 -14.11 12.59
N LEU B 338 14.07 -13.66 13.48
CA LEU B 338 13.74 -12.61 14.43
C LEU B 338 13.44 -11.28 13.72
N PHE B 339 13.98 -11.10 12.49
CA PHE B 339 13.71 -9.95 11.66
C PHE B 339 12.56 -10.21 10.70
N SER B 340 12.66 -11.28 9.92
CA SER B 340 11.76 -11.54 8.81
C SER B 340 10.26 -11.56 8.99
N TYR B 341 9.75 -12.12 10.09
CA TYR B 341 8.32 -12.26 10.24
C TYR B 341 7.62 -10.94 10.52
N ALA B 342 8.07 -10.15 11.51
CA ALA B 342 7.43 -8.88 11.83
C ALA B 342 7.47 -7.90 10.65
N ASP B 343 8.55 -8.00 9.85
CA ASP B 343 8.73 -7.22 8.63
C ASP B 343 7.70 -7.63 7.58
N ALA B 344 7.47 -8.95 7.44
CA ALA B 344 6.49 -9.45 6.50
C ALA B 344 5.11 -8.99 6.92
N HIS B 345 4.84 -8.90 8.24
CA HIS B 345 3.55 -8.48 8.76
C HIS B 345 3.26 -7.02 8.44
N ARG B 346 4.29 -6.17 8.50
CA ARG B 346 4.14 -4.74 8.20
C ARG B 346 3.74 -4.53 6.75
N TYR B 347 4.24 -5.38 5.86
CA TYR B 347 3.86 -5.35 4.46
C TYR B 347 2.48 -5.93 4.17
N ARG B 348 2.31 -7.19 4.57
CA ARG B 348 1.13 -8.01 4.27
C ARG B 348 -0.16 -7.57 4.93
N LEU B 349 -0.04 -7.11 6.17
CA LEU B 349 -1.20 -6.69 6.92
C LEU B 349 -1.25 -5.20 7.13
N GLY B 350 -0.10 -4.55 7.34
CA GLY B 350 -0.06 -3.11 7.55
C GLY B 350 0.79 -2.74 8.75
N PRO B 351 1.24 -1.48 8.87
CA PRO B 351 2.03 -0.94 9.98
C PRO B 351 1.45 -1.18 11.37
N ASN B 352 0.13 -1.19 11.43
CA ASN B 352 -0.59 -1.40 12.68
C ASN B 352 -1.26 -2.77 12.78
N PHE B 353 -0.62 -3.82 12.20
CA PHE B 353 -1.12 -5.19 12.23
C PHE B 353 -1.43 -5.69 13.63
N HIS B 354 -0.67 -5.20 14.63
CA HIS B 354 -0.85 -5.59 16.03
C HIS B 354 -2.15 -5.09 16.64
N GLN B 355 -2.86 -4.21 15.93
CA GLN B 355 -4.16 -3.73 16.35
C GLN B 355 -5.30 -4.60 15.84
N ILE B 356 -5.04 -5.52 14.90
CA ILE B 356 -6.02 -6.49 14.43
C ILE B 356 -6.32 -7.41 15.63
N PRO B 357 -7.60 -7.63 16.02
CA PRO B 357 -7.99 -8.37 17.22
C PRO B 357 -7.24 -9.64 17.58
N VAL B 358 -7.02 -10.57 16.63
CA VAL B 358 -6.26 -11.79 16.90
C VAL B 358 -4.79 -11.55 17.17
N ASN B 359 -4.20 -10.45 16.71
CA ASN B 359 -2.80 -10.13 16.99
C ASN B 359 -2.60 -9.24 18.21
N CYS B 360 -3.70 -8.71 18.74
CA CYS B 360 -3.68 -7.83 19.89
C CYS B 360 -3.31 -8.61 21.16
N PRO B 361 -2.35 -8.12 21.96
CA PRO B 361 -2.00 -8.71 23.27
C PRO B 361 -3.08 -8.44 24.30
N TYR B 362 -4.21 -9.15 24.31
CA TYR B 362 -5.29 -8.74 25.19
C TYR B 362 -5.03 -8.90 26.68
N ALA B 363 -4.18 -9.86 27.06
CA ALA B 363 -3.88 -10.06 28.47
C ALA B 363 -2.73 -9.19 28.99
N SER B 364 -2.13 -8.38 28.11
CA SER B 364 -1.05 -7.47 28.46
C SER B 364 -1.01 -6.41 27.38
N LYS B 365 -1.88 -5.41 27.54
CA LYS B 365 -2.07 -4.35 26.57
C LYS B 365 -0.84 -3.58 26.10
N PHE B 366 -0.84 -3.34 24.79
CA PHE B 366 0.19 -2.54 24.16
C PHE B 366 0.12 -1.10 24.65
N PHE B 367 1.23 -0.61 25.18
CA PHE B 367 1.34 0.77 25.58
C PHE B 367 2.79 1.19 25.39
N ASN B 368 2.98 2.12 24.47
CA ASN B 368 4.30 2.66 24.25
C ASN B 368 4.10 4.06 23.69
N PRO B 369 4.60 5.10 24.38
CA PRO B 369 4.44 6.51 24.01
C PRO B 369 4.97 6.87 22.63
N ALA B 370 6.03 6.19 22.20
CA ALA B 370 6.67 6.49 20.94
C ALA B 370 6.28 5.64 19.74
N ILE B 371 5.44 4.61 19.92
CA ILE B 371 4.95 3.81 18.80
C ILE B 371 3.55 4.37 18.51
N ARG B 372 3.52 5.34 17.59
CA ARG B 372 2.30 6.09 17.26
C ARG B 372 2.05 6.23 15.77
N ASP B 373 0.82 6.69 15.47
CA ASP B 373 0.35 7.01 14.13
C ASP B 373 0.35 5.85 13.14
N GLY B 374 0.61 6.06 11.85
CA GLY B 374 0.59 4.97 10.88
C GLY B 374 -0.82 4.78 10.36
N PRO B 375 -1.00 4.29 9.13
CA PRO B 375 -2.31 4.01 8.56
C PRO B 375 -3.12 3.00 9.37
N MET B 376 -4.44 3.26 9.43
CA MET B 376 -5.41 2.43 10.12
C MET B 376 -5.07 2.21 11.59
N ASN B 377 -4.80 3.33 12.26
CA ASN B 377 -4.59 3.32 13.70
C ASN B 377 -5.98 3.52 14.28
N VAL B 378 -6.57 2.39 14.68
CA VAL B 378 -7.96 2.33 15.12
C VAL B 378 -8.19 2.25 16.61
N ASN B 379 -7.16 2.11 17.45
CA ASN B 379 -7.42 1.97 18.89
C ASN B 379 -7.39 3.27 19.67
N GLY B 380 -7.36 4.42 19.00
CA GLY B 380 -7.36 5.71 19.67
C GLY B 380 -5.99 6.40 19.67
N ASN B 381 -4.91 5.69 19.28
CA ASN B 381 -3.54 6.20 19.23
C ASN B 381 -3.07 6.86 20.53
N PHE B 382 -3.52 6.27 21.65
CA PHE B 382 -3.26 6.71 23.02
C PHE B 382 -3.70 8.12 23.36
N GLY B 383 -4.61 8.70 22.54
CA GLY B 383 -5.15 10.02 22.77
C GLY B 383 -4.08 11.11 22.81
N SER B 384 -4.22 11.95 23.83
CA SER B 384 -3.30 13.07 24.01
C SER B 384 -2.00 12.73 24.74
N GLU B 385 -1.74 11.44 25.02
CA GLU B 385 -0.49 10.99 25.64
C GLU B 385 0.72 11.53 24.90
N PRO B 386 1.73 12.08 25.59
CA PRO B 386 3.00 12.47 24.99
C PRO B 386 3.64 11.41 24.10
N THR B 387 4.25 11.89 23.03
CA THR B 387 4.92 11.03 22.07
C THR B 387 6.36 10.70 22.45
N TYR B 388 6.66 10.84 23.74
CA TYR B 388 7.96 10.59 24.30
C TYR B 388 7.77 10.39 25.80
N LEU B 389 8.86 10.14 26.52
CA LEU B 389 8.79 9.95 27.96
C LEU B 389 8.86 11.30 28.68
N ALA B 390 7.68 11.94 28.77
CA ALA B 390 7.53 13.23 29.42
C ALA B 390 7.78 13.12 30.91
N ASN B 391 8.55 14.06 31.47
CA ASN B 391 8.89 14.02 32.88
C ASN B 391 7.77 14.37 33.86
N ASP B 392 6.68 14.99 33.39
CA ASP B 392 5.52 15.25 34.23
C ASP B 392 4.52 14.09 34.20
N LYS B 393 4.78 13.09 33.36
CA LYS B 393 3.98 11.88 33.25
C LYS B 393 4.72 10.72 33.90
N SER B 394 4.00 9.63 34.18
CA SER B 394 4.58 8.46 34.83
C SER B 394 4.65 7.25 33.89
N TYR B 395 5.74 6.45 33.96
CA TYR B 395 5.91 5.27 33.11
C TYR B 395 6.50 4.12 33.93
N THR B 396 5.89 2.93 33.83
CA THR B 396 6.36 1.76 34.56
C THR B 396 7.11 0.78 33.68
N TYR B 397 8.34 0.50 34.08
CA TYR B 397 9.18 -0.48 33.41
C TYR B 397 9.37 -1.61 34.39
N ILE B 398 8.73 -2.75 34.13
CA ILE B 398 8.83 -3.88 35.05
C ILE B 398 10.00 -4.79 34.71
N GLN B 399 10.35 -5.64 35.69
CA GLN B 399 11.45 -6.63 35.62
C GLN B 399 12.78 -6.04 35.15
N GLN B 400 13.11 -4.91 35.79
CA GLN B 400 14.31 -4.15 35.48
C GLN B 400 15.64 -4.85 35.67
N ASP B 401 15.63 -5.82 36.59
CA ASP B 401 16.82 -6.59 36.87
C ASP B 401 16.92 -7.90 36.11
N ARG B 402 15.85 -8.32 35.44
CA ARG B 402 15.86 -9.54 34.64
C ARG B 402 16.77 -9.31 33.44
N PRO B 403 17.79 -10.17 33.26
CA PRO B 403 18.67 -10.13 32.10
C PRO B 403 17.97 -10.61 30.83
N ILE B 404 18.36 -10.03 29.70
CA ILE B 404 17.85 -10.51 28.42
C ILE B 404 18.81 -11.61 28.00
N GLN B 405 20.07 -11.32 27.66
CA GLN B 405 21.01 -12.38 27.29
C GLN B 405 22.42 -12.20 27.86
N GLN B 406 22.69 -11.17 28.70
CA GLN B 406 24.02 -10.88 29.27
C GLN B 406 24.64 -12.00 30.11
N HIS B 407 23.74 -12.66 30.86
CA HIS B 407 24.07 -13.76 31.76
C HIS B 407 24.43 -15.06 31.06
N GLN B 408 24.32 -15.08 29.75
CA GLN B 408 24.56 -16.28 28.97
C GLN B 408 25.94 -16.29 28.33
N GLU B 409 26.12 -16.66 27.06
CA GLU B 409 27.43 -16.79 26.44
C GLU B 409 28.22 -15.50 26.25
N VAL B 410 29.54 -15.66 26.24
CA VAL B 410 30.46 -14.57 25.94
C VAL B 410 30.98 -14.94 24.56
N TRP B 411 30.89 -13.96 23.65
CA TRP B 411 31.31 -14.16 22.28
C TRP B 411 32.64 -13.46 22.05
N ASN B 412 33.44 -14.05 21.16
CA ASN B 412 34.74 -13.48 20.80
C ASN B 412 34.90 -13.63 19.30
N GLY B 413 35.55 -12.65 18.68
CA GLY B 413 35.80 -12.74 17.25
C GLY B 413 35.51 -11.45 16.53
N PRO B 414 36.07 -11.22 15.34
CA PRO B 414 35.70 -10.12 14.46
C PRO B 414 34.33 -10.35 13.81
N ALA B 415 33.87 -9.41 12.99
CA ALA B 415 32.64 -9.61 12.24
C ALA B 415 33.04 -10.48 11.05
N ILE B 416 32.73 -11.78 11.08
CA ILE B 416 33.11 -12.67 9.99
C ILE B 416 31.94 -12.94 9.05
N PRO B 417 32.13 -12.71 7.73
CA PRO B 417 31.26 -13.17 6.66
C PRO B 417 31.37 -14.68 6.62
N TYR B 418 30.36 -15.42 7.06
CA TYR B 418 30.47 -16.87 7.11
C TYR B 418 29.32 -17.59 6.42
N HIS B 419 29.73 -18.63 5.68
CA HIS B 419 28.83 -19.52 4.98
C HIS B 419 29.08 -20.90 5.56
N TRP B 420 28.12 -21.36 6.36
CA TRP B 420 28.17 -22.66 7.01
C TRP B 420 27.81 -23.79 6.04
N ALA B 421 28.62 -23.95 5.00
CA ALA B 421 28.46 -24.98 3.98
C ALA B 421 28.52 -26.39 4.57
N THR B 422 28.05 -27.42 3.85
CA THR B 422 28.15 -28.81 4.32
C THR B 422 29.57 -29.12 4.77
N SER B 423 29.68 -29.53 6.03
CA SER B 423 30.93 -29.90 6.66
C SER B 423 31.57 -31.10 5.98
N PRO B 424 32.91 -31.19 5.85
CA PRO B 424 33.60 -32.38 5.35
C PRO B 424 33.39 -33.55 6.30
N GLY B 425 33.46 -34.73 5.70
CA GLY B 425 33.28 -35.95 6.47
C GLY B 425 31.82 -36.42 6.45
N ASP B 426 31.46 -37.06 7.54
CA ASP B 426 30.15 -37.68 7.64
C ASP B 426 29.21 -37.08 8.67
N VAL B 427 29.65 -36.05 9.41
CA VAL B 427 28.86 -35.44 10.48
C VAL B 427 27.47 -34.95 10.06
N ASP B 428 27.32 -34.43 8.83
CA ASP B 428 26.04 -33.97 8.32
C ASP B 428 25.23 -35.03 7.59
N PHE B 429 25.73 -36.27 7.58
CA PHE B 429 25.02 -37.39 6.99
C PHE B 429 24.69 -38.46 8.01
N VAL B 430 25.36 -38.45 9.17
CA VAL B 430 25.15 -39.43 10.23
C VAL B 430 23.69 -39.58 10.67
N GLN B 431 23.04 -38.48 11.07
CA GLN B 431 21.65 -38.52 11.55
C GLN B 431 20.63 -38.87 10.50
N ALA B 432 20.91 -38.56 9.23
CA ALA B 432 20.03 -38.97 8.13
C ALA B 432 20.03 -40.48 8.02
N ARG B 433 21.21 -41.07 8.24
CA ARG B 433 21.39 -42.51 8.17
C ARG B 433 20.77 -43.23 9.37
N ASN B 434 20.88 -42.70 10.59
CA ASN B 434 20.23 -43.36 11.72
C ASN B 434 18.71 -43.21 11.63
N LEU B 435 18.23 -42.18 10.90
CA LEU B 435 16.80 -42.00 10.65
C LEU B 435 16.35 -43.09 9.68
N TYR B 436 17.19 -43.45 8.69
CA TYR B 436 16.88 -44.52 7.76
C TYR B 436 16.75 -45.86 8.48
N ARG B 437 17.62 -46.10 9.47
CA ARG B 437 17.58 -47.29 10.29
C ARG B 437 16.34 -47.33 11.18
N VAL B 438 15.89 -46.17 11.69
CA VAL B 438 14.68 -46.08 12.51
C VAL B 438 13.46 -46.35 11.63
N LEU B 439 13.56 -46.02 10.32
CA LEU B 439 12.49 -46.33 9.38
C LEU B 439 12.44 -47.82 9.09
N GLY B 440 13.57 -48.53 9.28
CA GLY B 440 13.66 -49.98 9.11
C GLY B 440 12.84 -50.75 10.13
N LYS B 441 12.64 -50.18 11.32
CA LYS B 441 11.83 -50.78 12.36
C LYS B 441 10.35 -50.85 11.99
N GLN B 442 9.85 -49.90 11.18
CA GLN B 442 8.47 -49.91 10.72
C GLN B 442 8.35 -50.60 9.35
N PRO B 443 7.54 -51.67 9.21
CA PRO B 443 7.34 -52.40 7.96
C PRO B 443 6.76 -51.59 6.81
N GLY B 444 7.48 -51.59 5.69
CA GLY B 444 7.06 -50.90 4.48
C GLY B 444 7.55 -49.45 4.33
N GLN B 445 8.06 -48.82 5.39
CA GLN B 445 8.51 -47.43 5.31
C GLN B 445 9.77 -47.13 4.53
N GLN B 446 10.72 -48.08 4.44
CA GLN B 446 11.92 -47.88 3.64
C GLN B 446 11.66 -48.07 2.15
N LYS B 447 10.67 -48.90 1.81
CA LYS B 447 10.24 -49.11 0.43
C LYS B 447 9.49 -47.87 -0.03
N ASN B 448 8.62 -47.37 0.86
CA ASN B 448 7.86 -46.15 0.60
C ASN B 448 8.78 -44.96 0.49
N LEU B 449 9.86 -44.83 1.28
CA LEU B 449 10.79 -43.71 1.13
C LEU B 449 11.41 -43.68 -0.26
N ALA B 450 11.89 -44.85 -0.71
CA ALA B 450 12.52 -44.99 -2.00
C ALA B 450 11.58 -44.72 -3.16
N TYR B 451 10.32 -45.15 -3.00
CA TYR B 451 9.29 -44.93 -4.01
C TYR B 451 8.90 -43.45 -4.09
N ASN B 452 8.70 -42.81 -2.93
CA ASN B 452 8.32 -41.40 -2.83
C ASN B 452 9.39 -40.49 -3.43
N ILE B 453 10.66 -40.83 -3.26
CA ILE B 453 11.73 -40.06 -3.87
C ILE B 453 11.78 -40.39 -5.35
N GLY B 454 11.66 -41.68 -5.70
CA GLY B 454 11.78 -42.16 -7.06
C GLY B 454 10.78 -41.56 -8.04
N ILE B 455 9.49 -41.48 -7.66
CA ILE B 455 8.47 -40.90 -8.53
C ILE B 455 8.60 -39.39 -8.71
N HIS B 456 9.31 -38.72 -7.79
CA HIS B 456 9.56 -37.29 -7.86
C HIS B 456 10.80 -37.00 -8.70
N VAL B 457 11.89 -37.74 -8.47
CA VAL B 457 13.16 -37.59 -9.18
C VAL B 457 13.05 -37.97 -10.65
N GLU B 458 12.12 -38.88 -10.97
CA GLU B 458 11.84 -39.33 -12.32
C GLU B 458 11.64 -38.18 -13.31
N GLY B 459 10.97 -37.12 -12.84
CA GLY B 459 10.69 -35.95 -13.64
C GLY B 459 11.88 -35.00 -13.81
N ALA B 460 13.10 -35.39 -13.43
CA ALA B 460 14.26 -34.53 -13.57
C ALA B 460 15.19 -34.94 -14.69
N CYS B 461 16.09 -33.99 -14.99
CA CYS B 461 17.14 -34.08 -16.00
C CYS B 461 18.16 -35.15 -15.60
N PRO B 462 18.70 -35.97 -16.52
CA PRO B 462 19.61 -37.09 -16.23
C PRO B 462 20.84 -36.82 -15.37
N GLN B 463 21.55 -35.69 -15.56
CA GLN B 463 22.72 -35.38 -14.73
C GLN B 463 22.33 -34.93 -13.31
N ILE B 464 21.14 -34.33 -13.13
CA ILE B 464 20.64 -33.96 -11.81
C ILE B 464 20.18 -35.23 -11.10
N GLN B 465 19.55 -36.17 -11.82
CA GLN B 465 19.12 -37.45 -11.25
C GLN B 465 20.31 -38.24 -10.73
N GLN B 466 21.42 -38.20 -11.46
CA GLN B 466 22.62 -38.90 -11.06
C GLN B 466 23.16 -38.31 -9.76
N ARG B 467 23.08 -36.99 -9.61
CA ARG B 467 23.51 -36.32 -8.38
C ARG B 467 22.63 -36.64 -7.18
N VAL B 468 21.34 -36.92 -7.42
CA VAL B 468 20.42 -37.32 -6.38
C VAL B 468 20.84 -38.71 -5.89
N TYR B 469 21.16 -39.62 -6.82
CA TYR B 469 21.58 -40.98 -6.50
C TYR B 469 22.89 -40.96 -5.75
N ASP B 470 23.84 -40.09 -6.13
CA ASP B 470 25.10 -39.99 -5.43
C ASP B 470 24.97 -39.44 -4.02
N MET B 471 24.03 -38.53 -3.80
CA MET B 471 23.77 -37.98 -2.47
C MET B 471 23.13 -39.02 -1.57
N PHE B 472 22.14 -39.77 -2.07
CA PHE B 472 21.49 -40.80 -1.26
C PHE B 472 22.33 -42.05 -1.04
N ALA B 473 23.31 -42.31 -1.92
CA ALA B 473 24.26 -43.41 -1.75
C ALA B 473 25.17 -43.12 -0.56
N ARG B 474 25.37 -41.84 -0.26
CA ARG B 474 26.18 -41.43 0.86
C ARG B 474 25.46 -41.69 2.19
N VAL B 475 24.15 -41.94 2.15
CA VAL B 475 23.38 -42.31 3.32
C VAL B 475 23.34 -43.84 3.39
N ASP B 476 22.99 -44.46 2.26
CA ASP B 476 22.87 -45.92 2.14
C ASP B 476 22.85 -46.25 0.66
N LYS B 477 23.76 -47.13 0.22
CA LYS B 477 23.84 -47.50 -1.18
C LYS B 477 22.65 -48.33 -1.66
N GLY B 478 22.01 -49.07 -0.73
CA GLY B 478 20.82 -49.85 -1.05
C GLY B 478 19.60 -48.95 -1.31
N LEU B 479 19.58 -47.81 -0.60
CA LEU B 479 18.55 -46.78 -0.72
C LEU B 479 18.68 -46.15 -2.09
N SER B 480 19.90 -45.79 -2.46
CA SER B 480 20.18 -45.17 -3.75
C SER B 480 19.79 -46.05 -4.93
N GLU B 481 20.02 -47.37 -4.80
CA GLU B 481 19.66 -48.34 -5.82
C GLU B 481 18.16 -48.46 -5.99
N ALA B 482 17.42 -48.43 -4.88
CA ALA B 482 15.98 -48.50 -4.89
C ALA B 482 15.32 -47.25 -5.48
N ILE B 483 15.93 -46.07 -5.28
CA ILE B 483 15.43 -44.82 -5.84
C ILE B 483 15.61 -44.83 -7.35
N LYS B 484 16.79 -45.30 -7.79
CA LYS B 484 17.13 -45.40 -9.20
C LYS B 484 16.19 -46.35 -9.95
N LYS B 485 15.81 -47.44 -9.27
CA LYS B 485 14.90 -48.44 -9.81
C LYS B 485 13.48 -47.91 -9.99
N VAL B 486 13.01 -47.03 -9.10
CA VAL B 486 11.68 -46.45 -9.23
C VAL B 486 11.71 -45.35 -10.29
N ALA B 487 12.73 -44.48 -10.28
CA ALA B 487 12.86 -43.39 -11.24
C ALA B 487 12.93 -43.85 -12.70
N GLU B 488 13.29 -45.14 -12.90
CA GLU B 488 13.34 -45.75 -14.22
C GLU B 488 12.18 -46.71 -14.49
N ASP C 1 16.45 -7.29 -17.72
CA ASP C 1 17.70 -7.25 -18.48
C ASP C 1 18.87 -7.67 -17.60
N VAL C 2 19.64 -8.67 -18.04
CA VAL C 2 20.79 -9.15 -17.29
C VAL C 2 22.10 -8.60 -17.85
N ARG C 3 22.97 -8.11 -16.95
CA ARG C 3 24.30 -7.63 -17.32
C ARG C 3 25.13 -8.81 -17.79
N GLU C 4 25.79 -8.66 -18.95
CA GLU C 4 26.52 -9.75 -19.59
C GLU C 4 27.75 -10.32 -18.89
N ASP C 5 28.40 -9.54 -18.02
CA ASP C 5 29.49 -10.05 -17.20
C ASP C 5 28.96 -10.85 -15.98
N ARG C 6 27.64 -10.80 -15.78
CA ARG C 6 26.88 -11.54 -14.77
C ARG C 6 27.32 -11.49 -13.32
N VAL C 7 27.75 -10.29 -12.95
CA VAL C 7 28.17 -10.00 -11.59
C VAL C 7 26.94 -9.82 -10.72
N VAL C 8 26.89 -10.63 -9.66
CA VAL C 8 25.83 -10.57 -8.69
C VAL C 8 26.09 -9.43 -7.72
N THR C 9 25.06 -8.60 -7.60
CA THR C 9 25.08 -7.40 -6.79
C THR C 9 23.91 -7.42 -5.81
N ASN C 10 23.84 -6.45 -4.88
CA ASN C 10 22.64 -6.29 -4.07
C ASN C 10 21.70 -5.34 -4.83
N SER C 11 20.60 -4.85 -4.25
CA SER C 11 19.65 -3.97 -4.94
C SER C 11 20.24 -2.66 -5.47
N THR C 12 21.24 -2.12 -4.76
CA THR C 12 21.87 -0.89 -5.19
C THR C 12 23.18 -1.08 -5.96
N GLY C 13 23.30 -2.23 -6.62
CA GLY C 13 24.40 -2.51 -7.53
C GLY C 13 25.77 -2.75 -6.91
N ASN C 14 25.86 -2.89 -5.60
CA ASN C 14 27.13 -3.12 -4.94
C ASN C 14 27.46 -4.61 -5.03
N PRO C 15 28.66 -5.03 -5.49
CA PRO C 15 29.02 -6.43 -5.72
C PRO C 15 29.07 -7.30 -4.47
N ILE C 16 28.47 -8.48 -4.57
CA ILE C 16 28.51 -9.46 -3.48
C ILE C 16 29.70 -10.39 -3.71
N ASN C 17 30.50 -10.44 -2.63
CA ASN C 17 31.72 -11.23 -2.48
C ASN C 17 31.65 -12.74 -2.62
N GLU C 18 30.66 -13.28 -1.91
CA GLU C 18 30.43 -14.70 -1.77
C GLU C 18 28.92 -14.80 -1.63
N PRO C 19 28.21 -15.68 -2.35
CA PRO C 19 26.75 -15.71 -2.41
C PRO C 19 25.95 -15.83 -1.11
N PHE C 20 26.50 -16.62 -0.18
CA PHE C 20 25.80 -16.95 1.05
C PHE C 20 26.42 -16.53 2.37
N VAL C 21 27.51 -15.75 2.39
CA VAL C 21 28.07 -15.34 3.67
C VAL C 21 27.14 -14.40 4.42
N THR C 22 27.01 -14.61 5.72
CA THR C 22 26.34 -13.63 6.57
C THR C 22 27.23 -13.39 7.78
N GLN C 23 27.30 -12.10 8.14
CA GLN C 23 28.10 -11.61 9.25
C GLN C 23 27.53 -11.90 10.64
N ARG C 24 28.49 -12.34 11.46
CA ARG C 24 28.26 -12.73 12.85
C ARG C 24 29.54 -12.50 13.65
N ILE C 25 29.48 -12.52 14.99
CA ILE C 25 30.68 -12.42 15.80
C ILE C 25 31.35 -13.80 15.80
N GLY C 26 32.59 -13.85 15.31
CA GLY C 26 33.29 -15.09 15.13
C GLY C 26 32.63 -15.91 14.03
N GLU C 27 32.69 -17.24 14.09
CA GLU C 27 32.08 -18.06 13.07
C GLU C 27 30.70 -18.59 13.41
N HIS C 28 30.38 -18.65 14.72
CA HIS C 28 29.11 -19.20 15.18
C HIS C 28 28.44 -18.40 16.28
N GLY C 29 28.74 -17.09 16.35
CA GLY C 29 28.09 -16.17 17.27
C GLY C 29 26.84 -15.52 16.65
N PRO C 30 26.13 -14.61 17.33
CA PRO C 30 24.87 -14.05 16.86
C PRO C 30 25.02 -13.15 15.62
N LEU C 31 23.94 -13.05 14.85
CA LEU C 31 23.94 -12.26 13.61
C LEU C 31 23.97 -10.76 13.86
N LEU C 32 24.69 -10.05 12.99
CA LEU C 32 24.87 -8.62 13.13
C LEU C 32 23.90 -7.77 12.32
N LEU C 33 23.44 -6.65 12.90
CA LEU C 33 22.54 -5.72 12.22
C LEU C 33 23.16 -5.13 10.95
N GLN C 34 24.47 -4.88 10.95
CA GLN C 34 25.18 -4.28 9.82
C GLN C 34 25.25 -5.10 8.54
N ASP C 35 24.71 -6.33 8.55
CA ASP C 35 24.66 -7.09 7.32
C ASP C 35 23.40 -6.68 6.54
N TYR C 36 23.60 -5.59 5.80
CA TYR C 36 22.56 -5.02 4.96
C TYR C 36 22.24 -5.84 3.73
N ASN C 37 23.16 -6.70 3.24
CA ASN C 37 22.88 -7.57 2.12
C ASN C 37 21.91 -8.69 2.48
N LEU C 38 21.96 -9.16 3.75
CA LEU C 38 21.05 -10.20 4.22
C LEU C 38 19.66 -9.60 4.34
N ILE C 39 19.56 -8.42 4.96
CA ILE C 39 18.27 -7.76 5.11
C ILE C 39 17.70 -7.32 3.77
N ASP C 40 18.51 -6.92 2.79
CA ASP C 40 18.04 -6.55 1.46
C ASP C 40 17.35 -7.73 0.79
N SER C 41 17.99 -8.90 0.87
CA SER C 41 17.43 -10.11 0.29
C SER C 41 16.18 -10.57 1.03
N LEU C 42 16.18 -10.62 2.36
CA LEU C 42 15.03 -11.11 3.11
C LEU C 42 13.83 -10.20 3.05
N ALA C 43 14.07 -8.88 3.10
CA ALA C 43 13.01 -7.89 3.03
C ALA C 43 12.40 -7.89 1.64
N HIS C 44 13.17 -8.06 0.55
CA HIS C 44 12.56 -8.13 -0.76
C HIS C 44 11.77 -9.41 -0.91
N PHE C 45 12.25 -10.50 -0.27
CA PHE C 45 11.58 -11.79 -0.30
C PHE C 45 10.19 -11.64 0.30
N ASN C 46 10.10 -10.90 1.41
CA ASN C 46 8.84 -10.63 2.07
C ASN C 46 7.81 -9.85 1.27
N ARG C 47 8.27 -9.15 0.23
CA ARG C 47 7.42 -8.29 -0.57
C ARG C 47 7.21 -8.81 -1.98
N GLU C 48 7.38 -10.12 -2.21
CA GLU C 48 7.22 -10.68 -3.55
C GLU C 48 5.81 -10.74 -4.08
N ASN C 49 4.87 -10.93 -3.16
CA ASN C 49 3.49 -11.11 -3.52
C ASN C 49 2.64 -9.86 -3.55
N ILE C 50 1.80 -9.82 -4.59
CA ILE C 50 0.77 -8.80 -4.74
C ILE C 50 -0.57 -9.51 -4.48
N PRO C 51 -1.68 -8.85 -4.11
CA PRO C 51 -2.99 -9.50 -3.96
C PRO C 51 -3.41 -10.21 -5.25
N GLN C 52 -3.97 -11.42 -5.14
CA GLN C 52 -4.46 -12.12 -6.32
C GLN C 52 -5.72 -11.43 -6.85
N ARG C 53 -5.98 -11.61 -8.15
CA ARG C 53 -7.17 -11.08 -8.79
C ARG C 53 -8.43 -11.58 -8.11
N ASN C 54 -9.43 -10.69 -8.01
CA ASN C 54 -10.70 -11.05 -7.41
C ASN C 54 -11.79 -10.74 -8.44
N PRO C 55 -12.38 -11.68 -9.19
CA PRO C 55 -11.98 -13.09 -9.23
C PRO C 55 -10.97 -13.37 -10.34
N HIS C 56 -10.92 -14.62 -10.83
CA HIS C 56 -9.98 -15.10 -11.85
C HIS C 56 -8.53 -15.05 -11.35
N ALA C 57 -8.31 -15.46 -10.10
CA ALA C 57 -6.97 -15.46 -9.50
C ALA C 57 -5.96 -16.37 -10.17
N HIS C 58 -6.45 -17.52 -10.64
CA HIS C 58 -5.63 -18.56 -11.22
C HIS C 58 -5.66 -18.53 -12.74
N GLY C 59 -4.50 -18.44 -13.40
CA GLY C 59 -4.48 -18.41 -14.84
C GLY C 59 -3.12 -18.57 -15.47
N SER C 60 -3.17 -18.54 -16.81
CA SER C 60 -2.05 -18.72 -17.71
C SER C 60 -2.08 -17.67 -18.80
N GLY C 61 -0.97 -17.46 -19.49
CA GLY C 61 -0.89 -16.47 -20.54
C GLY C 61 0.14 -16.79 -21.62
N ALA C 62 0.02 -16.05 -22.73
CA ALA C 62 0.92 -16.17 -23.87
C ALA C 62 0.77 -14.97 -24.80
N PHE C 63 1.84 -14.64 -25.51
CA PHE C 63 1.82 -13.57 -26.50
C PHE C 63 1.49 -14.10 -27.88
N GLY C 64 1.11 -13.21 -28.80
CA GLY C 64 0.80 -13.59 -30.16
C GLY C 64 0.46 -12.39 -31.01
N TYR C 65 -0.48 -12.58 -31.94
CA TYR C 65 -0.94 -11.51 -32.80
C TYR C 65 -2.36 -11.75 -33.30
N PHE C 66 -2.97 -10.65 -33.71
CA PHE C 66 -4.26 -10.67 -34.36
C PHE C 66 -3.95 -10.27 -35.80
N GLU C 67 -4.56 -10.95 -36.75
CA GLU C 67 -4.37 -10.65 -38.16
C GLU C 67 -5.75 -10.48 -38.79
N VAL C 68 -5.96 -9.36 -39.50
CA VAL C 68 -7.21 -9.09 -40.20
C VAL C 68 -7.34 -9.98 -41.44
N THR C 69 -8.34 -10.86 -41.57
CA THR C 69 -8.48 -11.67 -42.79
C THR C 69 -9.61 -11.21 -43.70
N ASP C 70 -10.46 -10.30 -43.20
CA ASP C 70 -11.60 -9.80 -43.97
C ASP C 70 -11.81 -8.32 -43.73
N ASP C 71 -12.52 -7.65 -44.65
CA ASP C 71 -12.82 -6.24 -44.49
C ASP C 71 -14.15 -6.04 -43.78
N ILE C 72 -14.08 -5.46 -42.58
CA ILE C 72 -15.27 -5.11 -41.83
C ILE C 72 -15.25 -3.62 -41.53
N THR C 73 -14.62 -2.80 -42.39
CA THR C 73 -14.53 -1.35 -42.18
C THR C 73 -15.86 -0.60 -42.32
N ASP C 74 -16.86 -1.26 -42.91
CA ASP C 74 -18.22 -0.76 -42.96
C ASP C 74 -18.87 -0.82 -41.56
N ILE C 75 -18.39 -1.72 -40.69
CA ILE C 75 -18.87 -1.85 -39.31
C ILE C 75 -18.00 -1.07 -38.31
N CYS C 76 -16.67 -1.20 -38.41
CA CYS C 76 -15.77 -0.61 -37.43
C CYS C 76 -14.63 0.18 -38.06
N GLY C 77 -14.46 1.42 -37.60
CA GLY C 77 -13.43 2.28 -38.14
C GLY C 77 -12.11 2.27 -37.39
N SER C 78 -11.92 1.34 -36.44
CA SER C 78 -10.69 1.24 -35.66
C SER C 78 -9.50 0.90 -36.55
N ALA C 79 -8.36 1.57 -36.31
CA ALA C 79 -7.14 1.37 -37.08
C ALA C 79 -6.67 -0.07 -37.15
N MET C 80 -6.89 -0.91 -36.13
CA MET C 80 -6.46 -2.30 -36.15
C MET C 80 -7.15 -3.15 -37.21
N PHE C 81 -8.31 -2.70 -37.70
CA PHE C 81 -9.04 -3.40 -38.74
C PHE C 81 -8.89 -2.76 -40.11
N SER C 82 -8.08 -1.70 -40.26
CA SER C 82 -8.02 -0.93 -41.49
C SER C 82 -7.56 -1.59 -42.78
N LYS C 83 -6.66 -2.59 -42.72
CA LYS C 83 -6.15 -3.29 -43.90
C LYS C 83 -6.18 -4.79 -43.71
N ILE C 84 -6.44 -5.57 -44.75
CA ILE C 84 -6.39 -7.03 -44.68
C ILE C 84 -4.92 -7.42 -44.66
N GLY C 85 -4.59 -8.31 -43.72
CA GLY C 85 -3.22 -8.77 -43.53
C GLY C 85 -2.54 -8.03 -42.38
N LYS C 86 -3.13 -6.93 -41.89
CA LYS C 86 -2.58 -6.15 -40.79
C LYS C 86 -2.56 -6.92 -39.47
N ARG C 87 -1.36 -6.92 -38.90
CA ARG C 87 -1.12 -7.59 -37.63
C ARG C 87 -0.95 -6.65 -36.48
N THR C 88 -1.47 -7.09 -35.33
CA THR C 88 -1.35 -6.33 -34.10
C THR C 88 -0.94 -7.33 -33.03
N LYS C 89 0.16 -7.07 -32.32
CA LYS C 89 0.63 -7.93 -31.26
C LYS C 89 -0.38 -7.99 -30.12
N CYS C 90 -0.56 -9.17 -29.54
CA CYS C 90 -1.47 -9.28 -28.41
C CYS C 90 -0.93 -10.14 -27.27
N LEU C 91 -1.58 -10.03 -26.11
CA LEU C 91 -1.29 -10.85 -24.94
C LEU C 91 -2.62 -11.41 -24.45
N THR C 92 -2.71 -12.73 -24.39
CA THR C 92 -3.91 -13.36 -23.87
C THR C 92 -3.59 -13.97 -22.51
N ARG C 93 -4.53 -13.84 -21.58
CA ARG C 93 -4.44 -14.52 -20.31
C ARG C 93 -5.75 -15.28 -20.19
N PHE C 94 -5.58 -16.60 -20.10
CA PHE C 94 -6.67 -17.52 -19.83
C PHE C 94 -6.74 -17.77 -18.34
N SER C 95 -7.88 -18.16 -17.77
CA SER C 95 -8.00 -18.36 -16.33
C SER C 95 -9.25 -19.07 -15.88
N THR C 96 -9.37 -19.46 -14.61
CA THR C 96 -10.63 -19.96 -14.09
C THR C 96 -11.31 -18.80 -13.32
N VAL C 97 -12.37 -19.01 -12.54
CA VAL C 97 -13.04 -17.90 -11.87
C VAL C 97 -12.99 -17.91 -10.35
N GLY C 98 -13.57 -18.94 -9.71
CA GLY C 98 -13.74 -18.98 -8.27
C GLY C 98 -12.51 -19.30 -7.44
N GLY C 99 -11.67 -20.20 -7.95
CA GLY C 99 -10.52 -20.69 -7.21
C GLY C 99 -9.44 -19.65 -6.94
N ASP C 100 -8.72 -19.84 -5.85
CA ASP C 100 -7.60 -18.97 -5.52
C ASP C 100 -6.40 -19.28 -6.40
N LYS C 101 -5.33 -18.51 -6.24
CA LYS C 101 -4.12 -18.63 -7.03
C LYS C 101 -3.54 -20.04 -7.11
N GLY C 102 -3.55 -20.84 -6.05
CA GLY C 102 -2.95 -22.15 -6.18
C GLY C 102 -3.88 -23.26 -6.60
N SER C 103 -5.11 -22.95 -7.04
CA SER C 103 -6.07 -23.99 -7.36
C SER C 103 -5.78 -24.69 -8.67
N ALA C 104 -6.41 -25.85 -8.84
CA ALA C 104 -6.18 -26.68 -10.02
C ALA C 104 -6.80 -26.17 -11.30
N ASP C 105 -6.21 -26.55 -12.43
CA ASP C 105 -6.73 -26.16 -13.73
C ASP C 105 -8.00 -26.84 -14.18
N THR C 106 -8.13 -28.13 -13.85
CA THR C 106 -9.25 -28.89 -14.34
C THR C 106 -10.37 -29.05 -13.30
N VAL C 107 -10.96 -27.89 -13.00
CA VAL C 107 -12.12 -27.80 -12.12
C VAL C 107 -13.30 -27.29 -12.93
N ARG C 108 -14.55 -27.40 -12.45
CA ARG C 108 -15.70 -26.87 -13.17
C ARG C 108 -15.82 -25.38 -12.89
N ASP C 109 -15.76 -24.60 -13.97
CA ASP C 109 -15.84 -23.15 -13.92
C ASP C 109 -15.94 -22.57 -15.30
N PRO C 110 -16.39 -21.31 -15.50
CA PRO C 110 -16.09 -20.52 -16.69
C PRO C 110 -14.58 -20.32 -16.80
N ARG C 111 -14.09 -20.14 -18.01
CA ARG C 111 -12.70 -19.80 -18.20
C ARG C 111 -12.66 -18.38 -18.76
N GLY C 112 -11.72 -17.59 -18.26
CA GLY C 112 -11.50 -16.27 -18.80
C GLY C 112 -10.66 -16.40 -20.07
N PHE C 113 -10.91 -15.46 -20.97
CA PHE C 113 -10.20 -15.37 -22.25
C PHE C 113 -10.07 -13.86 -22.48
N ALA C 114 -9.06 -13.28 -21.83
CA ALA C 114 -8.78 -11.86 -21.94
C ALA C 114 -7.62 -11.57 -22.88
N THR C 115 -7.82 -10.73 -23.91
CA THR C 115 -6.76 -10.39 -24.84
C THR C 115 -6.50 -8.89 -24.87
N LYS C 116 -5.23 -8.50 -24.88
CA LYS C 116 -4.82 -7.10 -24.95
C LYS C 116 -4.21 -6.91 -26.32
N PHE C 117 -4.63 -5.92 -27.10
CA PHE C 117 -4.08 -5.67 -28.42
C PHE C 117 -3.37 -4.33 -28.31
N TYR C 118 -2.13 -4.26 -28.75
CA TYR C 118 -1.35 -3.04 -28.68
C TYR C 118 -1.51 -2.28 -30.01
N THR C 119 -2.57 -1.46 -30.14
CA THR C 119 -2.83 -0.80 -31.41
C THR C 119 -2.24 0.61 -31.49
N GLU C 120 -2.30 1.20 -32.69
CA GLU C 120 -1.82 2.56 -32.97
C GLU C 120 -2.67 3.65 -32.31
N GLU C 121 -3.87 3.26 -31.88
CA GLU C 121 -4.79 4.15 -31.20
C GLU C 121 -4.91 3.77 -29.72
N GLY C 122 -3.86 3.11 -29.19
CA GLY C 122 -3.79 2.70 -27.80
C GLY C 122 -4.19 1.24 -27.61
N ASN C 123 -4.11 0.76 -26.37
CA ASN C 123 -4.46 -0.64 -26.12
C ASN C 123 -5.95 -0.88 -26.12
N LEU C 124 -6.30 -2.09 -26.54
CA LEU C 124 -7.68 -2.54 -26.62
C LEU C 124 -7.73 -3.81 -25.79
N ASP C 125 -8.62 -3.91 -24.80
CA ASP C 125 -8.77 -5.15 -24.07
C ASP C 125 -10.12 -5.79 -24.37
N TRP C 126 -10.08 -7.03 -24.84
CA TRP C 126 -11.28 -7.83 -25.02
C TRP C 126 -11.30 -8.80 -23.84
N VAL C 127 -11.98 -8.37 -22.78
CA VAL C 127 -12.08 -9.15 -21.55
C VAL C 127 -13.34 -10.01 -21.62
N TYR C 128 -13.12 -11.19 -22.21
CA TYR C 128 -14.16 -12.16 -22.51
C TYR C 128 -14.14 -13.41 -21.64
N ASN C 129 -15.22 -14.19 -21.64
CA ASN C 129 -15.22 -15.49 -21.00
C ASN C 129 -15.43 -16.59 -22.04
N ASN C 130 -15.39 -17.87 -21.65
CA ASN C 130 -15.56 -18.93 -22.63
C ASN C 130 -17.01 -19.37 -22.83
N THR C 131 -17.94 -18.55 -22.34
CA THR C 131 -19.37 -18.82 -22.41
C THR C 131 -20.09 -17.64 -23.06
N PRO C 132 -21.18 -17.84 -23.84
CA PRO C 132 -21.93 -16.79 -24.53
C PRO C 132 -22.63 -15.81 -23.61
N VAL C 133 -23.06 -16.32 -22.44
CA VAL C 133 -23.82 -15.55 -21.46
C VAL C 133 -23.11 -15.45 -20.11
N PHE C 134 -23.81 -14.99 -19.07
CA PHE C 134 -23.25 -14.99 -17.73
C PHE C 134 -24.38 -15.15 -16.73
N PHE C 135 -24.02 -15.30 -15.44
CA PHE C 135 -24.97 -15.58 -14.37
C PHE C 135 -25.90 -14.44 -13.98
N ILE C 136 -25.48 -13.19 -14.20
CA ILE C 136 -26.25 -12.05 -13.77
C ILE C 136 -26.48 -10.98 -14.85
N ARG C 137 -27.51 -10.16 -14.65
CA ARG C 137 -27.76 -9.00 -15.50
C ARG C 137 -27.93 -7.75 -14.63
N ASP C 138 -27.72 -7.87 -13.32
CA ASP C 138 -27.67 -6.74 -12.39
C ASP C 138 -26.26 -6.66 -11.83
N PRO C 139 -25.52 -5.55 -12.00
CA PRO C 139 -24.11 -5.45 -11.58
C PRO C 139 -23.91 -5.51 -10.08
N SER C 140 -24.93 -5.11 -9.31
CA SER C 140 -24.91 -5.13 -7.87
C SER C 140 -24.91 -6.54 -7.29
N LYS C 141 -25.35 -7.48 -8.12
CA LYS C 141 -25.39 -8.88 -7.76
C LYS C 141 -24.00 -9.53 -7.78
N PHE C 142 -23.03 -8.96 -8.51
CA PHE C 142 -21.70 -9.54 -8.64
C PHE C 142 -20.92 -9.80 -7.35
N PRO C 143 -20.74 -8.93 -6.34
CA PRO C 143 -20.09 -9.28 -5.07
C PRO C 143 -20.74 -10.48 -4.39
N HIS C 144 -22.07 -10.49 -4.35
CA HIS C 144 -22.85 -11.56 -3.74
C HIS C 144 -22.61 -12.90 -4.41
N PHE C 145 -22.66 -12.90 -5.75
CA PHE C 145 -22.45 -14.08 -6.55
C PHE C 145 -21.05 -14.67 -6.41
N ILE C 146 -19.95 -13.90 -6.56
CA ILE C 146 -18.60 -14.45 -6.43
C ILE C 146 -18.35 -14.99 -5.02
N HIS C 147 -18.95 -14.36 -4.00
CA HIS C 147 -18.86 -14.83 -2.63
C HIS C 147 -19.42 -16.24 -2.50
N THR C 148 -20.56 -16.53 -3.15
CA THR C 148 -21.15 -17.86 -3.07
C THR C 148 -20.41 -18.89 -3.88
N GLN C 149 -19.62 -18.44 -4.88
CA GLN C 149 -18.78 -19.30 -5.68
C GLN C 149 -17.47 -19.65 -4.98
N LYS C 150 -17.10 -18.92 -3.93
CA LYS C 150 -15.84 -19.17 -3.25
C LYS C 150 -15.95 -19.99 -1.97
N ARG C 151 -15.52 -19.50 -0.81
CA ARG C 151 -15.50 -20.27 0.41
C ARG C 151 -16.38 -19.67 1.48
N ASN C 152 -17.07 -20.53 2.23
CA ASN C 152 -17.89 -20.17 3.37
C ASN C 152 -17.09 -19.29 4.33
N PRO C 153 -17.64 -18.17 4.86
CA PRO C 153 -16.90 -17.23 5.71
C PRO C 153 -16.26 -17.84 6.97
N GLN C 154 -16.90 -18.86 7.52
CA GLN C 154 -16.39 -19.52 8.72
C GLN C 154 -15.54 -20.76 8.47
N THR C 155 -16.11 -21.75 7.77
CA THR C 155 -15.47 -23.04 7.52
C THR C 155 -14.34 -23.01 6.50
N ASN C 156 -14.33 -21.94 5.67
CA ASN C 156 -13.42 -21.74 4.55
C ASN C 156 -13.44 -22.90 3.55
N LEU C 157 -14.57 -23.61 3.52
CA LEU C 157 -14.78 -24.70 2.58
C LEU C 157 -15.72 -24.21 1.50
N ARG C 158 -15.61 -24.78 0.29
CA ARG C 158 -16.56 -24.46 -0.77
C ARG C 158 -17.86 -25.12 -0.35
N ASP C 159 -18.90 -24.30 -0.41
CA ASP C 159 -20.18 -24.64 0.14
C ASP C 159 -21.29 -24.74 -0.91
N ALA C 160 -21.84 -25.95 -1.04
CA ALA C 160 -22.91 -26.21 -2.00
C ALA C 160 -24.22 -25.53 -1.62
N ASP C 161 -24.47 -25.29 -0.33
CA ASP C 161 -25.66 -24.56 0.08
C ASP C 161 -25.63 -23.12 -0.39
N MET C 162 -24.52 -22.36 -0.21
CA MET C 162 -24.42 -20.96 -0.64
C MET C 162 -24.64 -20.85 -2.14
N PHE C 163 -23.89 -21.72 -2.83
CA PHE C 163 -23.84 -21.79 -4.28
C PHE C 163 -25.25 -21.92 -4.84
N TRP C 164 -26.00 -22.94 -4.41
CA TRP C 164 -27.34 -23.15 -4.94
C TRP C 164 -28.40 -22.26 -4.32
N ASP C 165 -28.16 -21.72 -3.12
CA ASP C 165 -29.11 -20.82 -2.48
C ASP C 165 -29.18 -19.52 -3.26
N PHE C 166 -28.03 -18.97 -3.67
CA PHE C 166 -28.02 -17.76 -4.49
C PHE C 166 -28.72 -17.99 -5.82
N LEU C 167 -28.30 -19.03 -6.56
CA LEU C 167 -28.83 -19.33 -7.88
C LEU C 167 -30.32 -19.69 -7.94
N THR C 168 -30.91 -20.23 -6.87
CA THR C 168 -32.33 -20.60 -6.88
C THR C 168 -33.24 -19.57 -6.24
N THR C 169 -32.65 -18.47 -5.74
CA THR C 169 -33.42 -17.34 -5.23
C THR C 169 -34.19 -16.79 -6.42
N PRO C 170 -35.52 -16.63 -6.35
CA PRO C 170 -36.40 -16.32 -7.48
C PRO C 170 -35.91 -15.21 -8.42
N GLU C 171 -35.53 -14.06 -7.86
CA GLU C 171 -35.05 -12.92 -8.61
C GLU C 171 -33.70 -13.10 -9.29
N ASN C 172 -32.97 -14.16 -8.93
CA ASN C 172 -31.68 -14.49 -9.50
C ASN C 172 -31.72 -15.65 -10.49
N GLN C 173 -32.86 -16.33 -10.68
CA GLN C 173 -32.99 -17.55 -11.48
C GLN C 173 -32.75 -17.22 -12.96
N VAL C 174 -32.58 -15.99 -13.39
CA VAL C 174 -32.21 -15.61 -14.76
C VAL C 174 -30.81 -16.18 -15.10
N ALA C 175 -30.10 -16.63 -14.06
CA ALA C 175 -28.82 -17.32 -14.16
C ALA C 175 -28.89 -18.70 -14.80
N ILE C 176 -30.11 -19.25 -14.94
CA ILE C 176 -30.32 -20.61 -15.42
C ILE C 176 -29.68 -20.94 -16.77
N HIS C 177 -29.59 -20.04 -17.77
CA HIS C 177 -28.96 -20.36 -19.05
C HIS C 177 -27.46 -20.67 -18.85
N GLN C 178 -26.80 -19.83 -18.04
CA GLN C 178 -25.41 -20.00 -17.68
C GLN C 178 -25.18 -21.19 -16.75
N VAL C 179 -26.09 -21.48 -15.83
CA VAL C 179 -25.97 -22.65 -14.97
C VAL C 179 -25.96 -23.91 -15.83
N MET C 180 -26.74 -23.94 -16.93
CA MET C 180 -26.80 -25.06 -17.86
C MET C 180 -25.49 -25.27 -18.62
N ILE C 181 -24.86 -24.18 -19.11
CA ILE C 181 -23.58 -24.27 -19.81
C ILE C 181 -22.46 -24.68 -18.86
N LEU C 182 -22.49 -24.16 -17.63
CA LEU C 182 -21.49 -24.46 -16.62
C LEU C 182 -21.47 -25.94 -16.26
N PHE C 183 -22.67 -26.52 -16.08
CA PHE C 183 -22.78 -27.91 -15.70
C PHE C 183 -22.80 -28.90 -16.84
N SER C 184 -22.59 -28.43 -18.07
CA SER C 184 -22.34 -29.34 -19.18
C SER C 184 -20.84 -29.63 -19.14
N ASP C 185 -20.33 -30.54 -19.98
CA ASP C 185 -18.90 -30.81 -20.00
C ASP C 185 -18.04 -29.69 -20.56
N ARG C 186 -18.71 -28.66 -21.11
CA ARG C 186 -18.06 -27.42 -21.55
C ARG C 186 -17.53 -26.67 -20.31
N GLY C 187 -18.09 -26.95 -19.13
CA GLY C 187 -17.62 -26.40 -17.87
C GLY C 187 -16.28 -26.99 -17.43
N THR C 188 -15.82 -28.07 -18.06
CA THR C 188 -14.52 -28.67 -17.77
C THR C 188 -13.77 -28.88 -19.08
N PRO C 189 -13.25 -27.86 -19.78
CA PRO C 189 -12.55 -28.03 -21.06
C PRO C 189 -11.26 -28.84 -20.97
N ALA C 190 -10.87 -29.53 -22.04
CA ALA C 190 -9.64 -30.33 -22.05
C ALA C 190 -8.39 -29.49 -21.83
N ASN C 191 -8.45 -28.26 -22.34
CA ASN C 191 -7.39 -27.28 -22.23
C ASN C 191 -7.87 -25.95 -22.81
N TYR C 192 -7.07 -24.91 -22.61
CA TYR C 192 -7.33 -23.56 -23.11
C TYR C 192 -7.32 -23.43 -24.62
N ARG C 193 -6.65 -24.36 -25.31
CA ARG C 193 -6.55 -24.33 -26.76
C ARG C 193 -7.81 -24.89 -27.40
N SER C 194 -8.61 -25.65 -26.66
CA SER C 194 -9.82 -26.19 -27.23
C SER C 194 -11.13 -25.74 -26.58
N MET C 195 -11.25 -24.41 -26.51
CA MET C 195 -12.42 -23.70 -26.00
C MET C 195 -12.62 -22.39 -26.77
N HIS C 196 -13.85 -21.88 -26.77
CA HIS C 196 -14.17 -20.61 -27.41
C HIS C 196 -14.12 -19.43 -26.46
N GLY C 197 -14.18 -18.21 -27.03
CA GLY C 197 -14.22 -16.97 -26.29
C GLY C 197 -15.43 -16.18 -26.79
N TYR C 198 -16.13 -15.46 -25.91
CA TYR C 198 -17.29 -14.69 -26.33
C TYR C 198 -17.33 -13.36 -25.62
N SER C 199 -17.83 -12.38 -26.35
CA SER C 199 -18.05 -11.03 -25.90
C SER C 199 -18.98 -11.01 -24.69
N GLY C 200 -20.06 -11.81 -24.75
CA GLY C 200 -21.08 -11.88 -23.71
C GLY C 200 -22.08 -10.74 -23.93
N HIS C 201 -21.58 -9.54 -23.67
CA HIS C 201 -22.31 -8.31 -23.86
C HIS C 201 -22.34 -7.88 -25.33
N THR C 202 -23.29 -6.98 -25.55
CA THR C 202 -23.42 -6.29 -26.81
C THR C 202 -22.48 -5.09 -26.72
N TYR C 203 -21.77 -4.76 -27.79
CA TYR C 203 -20.96 -3.55 -27.84
C TYR C 203 -21.45 -2.71 -29.01
N LYS C 204 -21.04 -1.45 -29.10
CA LYS C 204 -21.39 -0.61 -30.20
C LYS C 204 -20.14 -0.22 -30.96
N TRP C 205 -20.08 -0.72 -32.19
CA TRP C 205 -18.97 -0.40 -33.07
C TRP C 205 -19.47 0.51 -34.19
N SER C 206 -18.68 1.49 -34.57
CA SER C 206 -19.11 2.37 -35.65
C SER C 206 -18.01 2.63 -36.67
N ASN C 207 -18.42 2.94 -37.90
CA ASN C 207 -17.50 3.24 -38.98
C ASN C 207 -17.14 4.72 -39.01
N LYS C 208 -16.25 5.14 -39.92
CA LYS C 208 -15.84 6.53 -40.04
C LYS C 208 -16.88 7.52 -40.54
N ASN C 209 -18.01 7.01 -41.06
CA ASN C 209 -19.14 7.82 -41.50
C ASN C 209 -20.21 8.00 -40.42
N GLY C 210 -19.97 7.52 -39.20
CA GLY C 210 -20.92 7.69 -38.10
C GLY C 210 -22.05 6.68 -38.04
N ASP C 211 -22.00 5.66 -38.89
CA ASP C 211 -22.99 4.59 -38.84
C ASP C 211 -22.51 3.57 -37.81
N TRP C 212 -23.45 3.06 -37.00
CA TRP C 212 -23.10 2.12 -35.95
C TRP C 212 -23.99 0.89 -35.91
N HIS C 213 -23.47 -0.12 -35.22
CA HIS C 213 -24.14 -1.40 -35.02
C HIS C 213 -23.89 -1.94 -33.64
N TYR C 214 -24.90 -2.68 -33.19
CA TYR C 214 -24.77 -3.50 -32.00
C TYR C 214 -24.00 -4.74 -32.48
N VAL C 215 -22.96 -5.12 -31.74
CA VAL C 215 -22.06 -6.21 -32.13
C VAL C 215 -21.88 -7.19 -30.98
N GLN C 216 -21.70 -8.46 -31.31
CA GLN C 216 -21.29 -9.47 -30.35
C GLN C 216 -20.18 -10.26 -31.04
N VAL C 217 -19.10 -10.49 -30.29
CA VAL C 217 -17.92 -11.15 -30.83
C VAL C 217 -17.82 -12.61 -30.41
N HIS C 218 -17.38 -13.45 -31.34
CA HIS C 218 -17.22 -14.89 -31.14
C HIS C 218 -15.79 -15.26 -31.54
N ILE C 219 -15.01 -15.84 -30.63
CA ILE C 219 -13.64 -16.24 -30.90
C ILE C 219 -13.65 -17.76 -30.86
N LYS C 220 -13.76 -18.35 -32.05
CA LYS C 220 -13.88 -19.80 -32.18
C LYS C 220 -12.57 -20.55 -32.31
N THR C 221 -12.35 -21.63 -31.55
CA THR C 221 -11.13 -22.42 -31.65
C THR C 221 -10.98 -23.22 -32.93
N ASP C 222 -9.79 -23.06 -33.52
CA ASP C 222 -9.42 -23.80 -34.70
C ASP C 222 -8.94 -25.21 -34.37
N GLN C 223 -8.62 -25.45 -33.10
CA GLN C 223 -8.23 -26.76 -32.64
C GLN C 223 -9.46 -27.63 -32.40
N GLY C 224 -10.64 -27.02 -32.29
CA GLY C 224 -11.89 -27.73 -32.06
C GLY C 224 -12.21 -27.87 -30.58
N ILE C 225 -13.51 -27.92 -30.24
CA ILE C 225 -13.95 -28.08 -28.86
C ILE C 225 -13.66 -29.49 -28.39
N LYS C 226 -12.95 -29.54 -27.27
CA LYS C 226 -12.64 -30.78 -26.62
C LYS C 226 -12.82 -30.55 -25.12
N ASN C 227 -13.55 -31.48 -24.51
CA ASN C 227 -13.86 -31.43 -23.09
C ASN C 227 -13.46 -32.70 -22.33
N LEU C 228 -13.37 -32.53 -21.01
CA LEU C 228 -13.12 -33.61 -20.09
C LEU C 228 -14.43 -33.95 -19.40
N THR C 229 -14.59 -35.16 -18.87
CA THR C 229 -15.75 -35.49 -18.05
C THR C 229 -15.38 -35.05 -16.63
N ILE C 230 -16.32 -34.99 -15.68
CA ILE C 230 -15.95 -34.54 -14.34
C ILE C 230 -15.04 -35.53 -13.62
N GLU C 231 -15.14 -36.85 -13.88
CA GLU C 231 -14.27 -37.84 -13.26
C GLU C 231 -12.84 -37.67 -13.75
N GLU C 232 -12.64 -37.43 -15.06
CA GLU C 232 -11.31 -37.18 -15.61
C GLU C 232 -10.69 -35.90 -15.05
N ALA C 233 -11.49 -34.84 -14.99
CA ALA C 233 -11.05 -33.54 -14.49
C ALA C 233 -10.65 -33.60 -13.03
N THR C 234 -11.38 -34.37 -12.22
CA THR C 234 -11.08 -34.53 -10.80
C THR C 234 -9.78 -35.33 -10.60
N LYS C 235 -9.55 -36.38 -11.40
CA LYS C 235 -8.32 -37.15 -11.33
C LYS C 235 -7.12 -36.31 -11.72
N ILE C 236 -7.23 -35.48 -12.76
CA ILE C 236 -6.12 -34.61 -13.16
C ILE C 236 -5.94 -33.47 -12.16
N ALA C 237 -6.98 -33.03 -11.44
CA ALA C 237 -6.83 -31.97 -10.45
C ALA C 237 -5.86 -32.33 -9.34
N GLY C 238 -5.81 -33.61 -8.95
CA GLY C 238 -4.89 -34.11 -7.94
C GLY C 238 -3.52 -34.44 -8.52
N SER C 239 -3.57 -35.12 -9.67
CA SER C 239 -2.41 -35.55 -10.40
C SER C 239 -1.53 -34.41 -10.91
N ASN C 240 -2.05 -33.49 -11.72
CA ASN C 240 -1.32 -32.32 -12.19
C ASN C 240 -2.23 -31.11 -12.06
N PRO C 241 -2.11 -30.30 -10.99
CA PRO C 241 -2.87 -29.07 -10.78
C PRO C 241 -2.65 -28.01 -11.86
N ASP C 242 -1.52 -28.13 -12.56
CA ASP C 242 -1.15 -27.17 -13.58
C ASP C 242 -1.24 -27.72 -15.00
N TYR C 243 -2.14 -28.70 -15.20
CA TYR C 243 -2.32 -29.35 -16.48
C TYR C 243 -2.51 -28.43 -17.68
N CYS C 244 -3.44 -27.45 -17.60
CA CYS C 244 -3.70 -26.52 -18.70
C CYS C 244 -2.59 -25.51 -18.90
N GLN C 245 -1.87 -25.09 -17.85
CA GLN C 245 -0.70 -24.24 -17.99
C GLN C 245 0.40 -24.96 -18.77
N GLN C 246 0.64 -26.23 -18.39
CA GLN C 246 1.65 -27.08 -18.99
C GLN C 246 1.34 -27.33 -20.46
N ASP C 247 0.07 -27.58 -20.77
CA ASP C 247 -0.37 -27.81 -22.13
C ASP C 247 -0.17 -26.58 -23.02
N LEU C 248 -0.50 -25.36 -22.54
CA LEU C 248 -0.30 -24.16 -23.32
C LEU C 248 1.18 -23.88 -23.54
N PHE C 249 2.01 -24.00 -22.48
CA PHE C 249 3.44 -23.76 -22.59
C PHE C 249 4.09 -24.71 -23.57
N GLU C 250 3.85 -26.03 -23.40
CA GLU C 250 4.45 -27.03 -24.26
C GLU C 250 3.98 -26.97 -25.71
N ALA C 251 2.70 -26.65 -25.96
CA ALA C 251 2.22 -26.53 -27.33
C ALA C 251 2.92 -25.41 -28.06
N ILE C 252 3.14 -24.25 -27.42
CA ILE C 252 3.84 -23.14 -28.06
C ILE C 252 5.35 -23.41 -28.20
N GLN C 253 5.94 -24.07 -27.20
CA GLN C 253 7.36 -24.41 -27.21
C GLN C 253 7.71 -25.40 -28.32
N ASN C 254 6.77 -26.32 -28.61
CA ASN C 254 6.92 -27.30 -29.67
C ASN C 254 6.49 -26.75 -31.03
N GLY C 255 6.08 -25.48 -31.13
CA GLY C 255 5.70 -24.87 -32.37
C GLY C 255 4.27 -25.19 -32.80
N ASN C 256 3.45 -25.83 -31.96
CA ASN C 256 2.05 -26.09 -32.30
C ASN C 256 1.16 -24.98 -31.77
N TYR C 257 1.32 -23.84 -32.43
CA TYR C 257 0.63 -22.62 -32.04
C TYR C 257 -0.88 -22.70 -32.19
N PRO C 258 -1.63 -22.47 -31.10
CA PRO C 258 -3.07 -22.37 -31.13
C PRO C 258 -3.58 -21.10 -31.80
N SER C 259 -4.65 -21.27 -32.57
CA SER C 259 -5.28 -20.14 -33.22
C SER C 259 -6.79 -20.23 -33.07
N TRP C 260 -7.40 -19.06 -33.22
CA TRP C 260 -8.84 -18.89 -33.09
C TRP C 260 -9.32 -17.99 -34.21
N THR C 261 -10.53 -18.25 -34.77
CA THR C 261 -11.11 -17.37 -35.76
C THR C 261 -12.18 -16.46 -35.13
N VAL C 262 -11.97 -15.14 -35.30
CA VAL C 262 -12.86 -14.10 -34.79
C VAL C 262 -13.99 -13.80 -35.77
N TYR C 263 -15.23 -13.85 -35.27
CA TYR C 263 -16.45 -13.56 -36.02
C TYR C 263 -17.28 -12.54 -35.26
N ILE C 264 -18.11 -11.77 -35.95
CA ILE C 264 -19.01 -10.85 -35.27
C ILE C 264 -20.43 -11.06 -35.77
N GLN C 265 -21.37 -10.75 -34.87
CA GLN C 265 -22.78 -10.66 -35.20
C GLN C 265 -23.08 -9.18 -35.10
N THR C 266 -23.75 -8.64 -36.11
CA THR C 266 -24.13 -7.24 -36.10
C THR C 266 -25.64 -7.13 -36.12
N MET C 267 -26.11 -5.97 -35.69
CA MET C 267 -27.54 -5.69 -35.58
C MET C 267 -27.69 -4.18 -35.59
N THR C 268 -28.73 -3.65 -36.22
CA THR C 268 -28.96 -2.21 -36.17
C THR C 268 -29.87 -1.89 -34.98
N GLU C 269 -30.05 -0.58 -34.73
CA GLU C 269 -30.94 -0.12 -33.68
C GLU C 269 -32.39 -0.58 -33.94
N ARG C 270 -32.87 -0.49 -35.20
CA ARG C 270 -34.20 -0.95 -35.57
C ARG C 270 -34.41 -2.44 -35.32
N ASP C 271 -33.42 -3.29 -35.67
CA ASP C 271 -33.50 -4.72 -35.41
C ASP C 271 -33.60 -5.04 -33.93
N ALA C 272 -32.88 -4.28 -33.09
CA ALA C 272 -32.87 -4.49 -31.65
C ALA C 272 -34.25 -4.36 -30.99
N LYS C 273 -35.07 -3.40 -31.44
CA LYS C 273 -36.41 -3.19 -30.88
C LYS C 273 -37.44 -4.22 -31.33
N LYS C 274 -37.12 -5.01 -32.35
CA LYS C 274 -38.01 -6.09 -32.79
C LYS C 274 -37.72 -7.39 -32.04
N LEU C 275 -36.57 -7.52 -31.35
CA LEU C 275 -36.22 -8.73 -30.59
C LEU C 275 -37.15 -9.03 -29.42
N PRO C 276 -37.47 -10.29 -29.14
CA PRO C 276 -38.29 -10.71 -28.00
C PRO C 276 -37.62 -10.60 -26.63
N PHE C 277 -36.36 -10.16 -26.62
CA PHE C 277 -35.58 -9.91 -25.41
C PHE C 277 -34.72 -8.67 -25.68
N SER C 278 -34.02 -8.19 -24.65
CA SER C 278 -33.20 -7.00 -24.74
C SER C 278 -31.78 -7.25 -25.23
N VAL C 279 -31.23 -6.37 -26.10
CA VAL C 279 -29.82 -6.46 -26.49
C VAL C 279 -28.88 -6.12 -25.33
N PHE C 280 -29.40 -5.50 -24.27
CA PHE C 280 -28.62 -5.15 -23.10
C PHE C 280 -28.61 -6.27 -22.06
N ASP C 281 -29.18 -7.45 -22.38
CA ASP C 281 -29.28 -8.55 -21.43
C ASP C 281 -28.21 -9.61 -21.72
N LEU C 282 -27.30 -9.73 -20.74
CA LEU C 282 -26.17 -10.65 -20.76
C LEU C 282 -26.54 -12.13 -20.78
N THR C 283 -27.72 -12.48 -20.24
CA THR C 283 -28.15 -13.87 -20.21
C THR C 283 -28.80 -14.36 -21.51
N LYS C 284 -28.81 -13.53 -22.57
CA LYS C 284 -29.42 -13.89 -23.84
C LYS C 284 -28.43 -13.93 -24.99
N VAL C 285 -28.63 -14.89 -25.90
CA VAL C 285 -27.84 -15.00 -27.11
C VAL C 285 -28.72 -14.64 -28.29
N TRP C 286 -28.04 -14.15 -29.34
CA TRP C 286 -28.69 -13.76 -30.58
C TRP C 286 -28.73 -14.95 -31.52
N PRO C 287 -29.91 -15.36 -32.03
CA PRO C 287 -30.05 -16.43 -33.00
C PRO C 287 -29.19 -16.24 -34.24
N GLN C 288 -28.38 -17.25 -34.56
CA GLN C 288 -27.48 -17.19 -35.70
C GLN C 288 -28.15 -17.29 -37.06
N GLY C 289 -29.37 -17.86 -37.08
CA GLY C 289 -30.16 -17.95 -38.30
C GLY C 289 -30.48 -16.55 -38.80
N GLN C 290 -30.94 -15.68 -37.89
CA GLN C 290 -31.29 -14.30 -38.24
C GLN C 290 -30.09 -13.36 -38.26
N PHE C 291 -29.10 -13.63 -37.41
CA PHE C 291 -27.93 -12.76 -37.30
C PHE C 291 -26.69 -13.63 -37.47
N PRO C 292 -26.27 -13.91 -38.71
CA PRO C 292 -25.17 -14.83 -39.01
C PRO C 292 -23.79 -14.34 -38.58
N LEU C 293 -22.90 -15.31 -38.35
CA LEU C 293 -21.52 -14.98 -38.02
C LEU C 293 -20.78 -14.46 -39.25
N ARG C 294 -20.08 -13.35 -39.03
CA ARG C 294 -19.34 -12.70 -40.08
C ARG C 294 -17.86 -12.70 -39.70
N ARG C 295 -16.97 -13.32 -40.49
CA ARG C 295 -15.55 -13.38 -40.15
C ARG C 295 -14.77 -12.07 -40.24
N VAL C 296 -13.83 -11.90 -39.29
CA VAL C 296 -13.03 -10.70 -39.13
C VAL C 296 -11.53 -11.00 -39.25
N GLY C 297 -11.01 -11.92 -38.42
CA GLY C 297 -9.60 -12.23 -38.44
C GLY C 297 -9.23 -13.47 -37.66
N LYS C 298 -7.96 -13.50 -37.26
CA LYS C 298 -7.37 -14.60 -36.51
C LYS C 298 -6.51 -14.17 -35.34
N ILE C 299 -6.59 -14.88 -34.21
CA ILE C 299 -5.68 -14.65 -33.10
C ILE C 299 -4.80 -15.88 -33.08
N VAL C 300 -3.47 -15.70 -33.17
CA VAL C 300 -2.54 -16.81 -33.11
C VAL C 300 -1.63 -16.54 -31.93
N LEU C 301 -1.60 -17.45 -30.96
CA LEU C 301 -0.68 -17.33 -29.84
C LEU C 301 0.55 -18.20 -30.14
N ASN C 302 1.71 -17.54 -30.23
CA ASN C 302 2.93 -18.19 -30.68
C ASN C 302 4.22 -17.88 -29.92
N GLU C 303 4.10 -17.24 -28.76
CA GLU C 303 5.27 -16.87 -27.98
C GLU C 303 4.95 -16.98 -26.51
N ASN C 304 5.75 -17.76 -25.78
CA ASN C 304 5.61 -17.86 -24.33
C ASN C 304 6.21 -16.65 -23.63
N PRO C 305 5.66 -16.24 -22.48
CA PRO C 305 6.26 -15.26 -21.59
C PRO C 305 7.64 -15.70 -21.12
N LEU C 306 8.58 -14.76 -21.00
CA LEU C 306 9.87 -15.03 -20.40
C LEU C 306 9.75 -15.10 -18.89
N ASN C 307 8.91 -14.24 -18.30
CA ASN C 307 8.69 -14.23 -16.87
C ASN C 307 7.19 -14.12 -16.59
N PHE C 308 6.66 -15.17 -15.94
CA PHE C 308 5.23 -15.24 -15.60
C PHE C 308 4.76 -14.12 -14.68
N PHE C 309 5.47 -13.78 -13.59
CA PHE C 309 5.03 -12.72 -12.69
C PHE C 309 4.95 -11.36 -13.38
N ALA C 310 6.06 -10.95 -13.99
CA ALA C 310 6.18 -9.65 -14.63
C ALA C 310 5.26 -9.43 -15.81
N GLN C 311 4.96 -10.49 -16.56
CA GLN C 311 4.17 -10.39 -17.77
C GLN C 311 2.75 -10.90 -17.74
N VAL C 312 2.46 -11.94 -16.94
CA VAL C 312 1.11 -12.48 -16.87
C VAL C 312 0.45 -12.04 -15.58
N GLU C 313 1.12 -12.17 -14.44
CA GLU C 313 0.54 -11.78 -13.16
C GLU C 313 0.37 -10.27 -13.05
N GLN C 314 1.30 -9.47 -13.56
CA GLN C 314 1.16 -8.03 -13.53
C GLN C 314 0.33 -7.46 -14.68
N ALA C 315 -0.18 -8.30 -15.58
CA ALA C 315 -1.03 -7.87 -16.67
C ALA C 315 -2.36 -7.36 -16.17
N ALA C 316 -2.82 -6.30 -16.81
CA ALA C 316 -4.04 -5.61 -16.43
C ALA C 316 -4.96 -5.47 -17.64
N PHE C 317 -6.15 -6.06 -17.51
CA PHE C 317 -7.16 -6.06 -18.55
C PHE C 317 -8.40 -5.36 -18.01
N ALA C 318 -8.99 -4.49 -18.84
CA ALA C 318 -10.15 -3.69 -18.49
C ALA C 318 -11.03 -3.44 -19.71
N PRO C 319 -12.37 -3.61 -19.67
CA PRO C 319 -13.29 -3.23 -20.75
C PRO C 319 -13.19 -1.74 -21.11
N SER C 320 -12.81 -0.90 -20.15
CA SER C 320 -12.64 0.53 -20.37
C SER C 320 -11.40 0.90 -21.19
N THR C 321 -10.53 -0.10 -21.43
CA THR C 321 -9.38 0.07 -22.30
C THR C 321 -9.90 -0.29 -23.67
N THR C 322 -10.29 0.76 -24.38
CA THR C 322 -10.88 0.60 -25.69
C THR C 322 -10.35 1.66 -26.63
N VAL C 323 -10.26 1.26 -27.91
CA VAL C 323 -9.81 2.16 -28.97
C VAL C 323 -10.99 2.92 -29.57
N PRO C 324 -10.78 3.99 -30.36
CA PRO C 324 -11.80 4.66 -31.17
C PRO C 324 -12.66 3.70 -31.95
N TYR C 325 -13.93 4.08 -32.07
CA TYR C 325 -14.99 3.38 -32.80
C TYR C 325 -15.47 2.10 -32.16
N GLN C 326 -14.98 1.79 -30.94
CA GLN C 326 -15.43 0.63 -30.19
C GLN C 326 -15.81 1.11 -28.81
N GLU C 327 -17.10 1.00 -28.54
CA GLU C 327 -17.69 1.45 -27.29
C GLU C 327 -18.57 0.39 -26.65
N ALA C 328 -18.88 0.59 -25.38
CA ALA C 328 -19.76 -0.28 -24.63
C ALA C 328 -21.24 0.03 -24.83
N SER C 329 -22.11 -0.99 -24.72
CA SER C 329 -23.54 -0.75 -24.80
C SER C 329 -24.06 -0.43 -23.40
N ALA C 330 -25.36 -0.14 -23.29
CA ALA C 330 -26.00 0.16 -22.02
C ALA C 330 -26.30 -1.10 -21.19
N ASP C 331 -25.72 -2.27 -21.53
CA ASP C 331 -25.82 -3.47 -20.72
C ASP C 331 -25.32 -3.12 -19.31
N PRO C 332 -26.13 -3.23 -18.25
CA PRO C 332 -25.80 -2.77 -16.90
C PRO C 332 -24.54 -3.39 -16.31
N VAL C 333 -24.32 -4.67 -16.65
CA VAL C 333 -23.16 -5.41 -16.17
C VAL C 333 -21.93 -4.84 -16.85
N LEU C 334 -21.94 -4.64 -18.18
CA LEU C 334 -20.80 -4.04 -18.86
C LEU C 334 -20.48 -2.63 -18.36
N GLN C 335 -21.53 -1.86 -18.07
CA GLN C 335 -21.43 -0.50 -17.59
C GLN C 335 -20.67 -0.43 -16.28
N ALA C 336 -20.94 -1.36 -15.35
CA ALA C 336 -20.22 -1.41 -14.09
C ALA C 336 -18.79 -1.91 -14.27
N ARG C 337 -18.55 -2.82 -15.23
CA ARG C 337 -17.21 -3.32 -15.53
C ARG C 337 -16.30 -2.23 -16.09
N LEU C 338 -16.90 -1.17 -16.67
CA LEU C 338 -16.19 -0.02 -17.16
C LEU C 338 -15.53 0.74 -16.03
N PHE C 339 -16.06 0.62 -14.80
CA PHE C 339 -15.43 1.17 -13.61
C PHE C 339 -14.53 0.16 -12.90
N SER C 340 -15.06 -1.05 -12.63
CA SER C 340 -14.42 -2.05 -11.78
C SER C 340 -13.00 -2.51 -12.04
N TYR C 341 -12.64 -2.80 -13.28
CA TYR C 341 -11.32 -3.33 -13.58
C TYR C 341 -10.19 -2.35 -13.36
N ALA C 342 -10.26 -1.14 -13.92
CA ALA C 342 -9.23 -0.14 -13.73
C ALA C 342 -9.07 0.24 -12.26
N ASP C 343 -10.16 0.16 -11.49
CA ASP C 343 -10.12 0.42 -10.05
C ASP C 343 -9.36 -0.67 -9.30
N ALA C 344 -9.61 -1.93 -9.70
CA ALA C 344 -8.93 -3.08 -9.13
C ALA C 344 -7.45 -3.01 -9.44
N HIS C 345 -7.08 -2.53 -10.64
CA HIS C 345 -5.70 -2.42 -11.06
C HIS C 345 -4.90 -1.41 -10.24
N ARG C 346 -5.55 -0.31 -9.85
CA ARG C 346 -4.91 0.72 -9.05
C ARG C 346 -4.61 0.20 -7.65
N TYR C 347 -5.40 -0.77 -7.16
CA TYR C 347 -5.15 -1.40 -5.88
C TYR C 347 -4.10 -2.51 -5.97
N ARG C 348 -4.40 -3.50 -6.80
CA ARG C 348 -3.62 -4.71 -7.06
C ARG C 348 -2.19 -4.43 -7.48
N LEU C 349 -2.06 -3.61 -8.51
CA LEU C 349 -0.77 -3.28 -9.10
C LEU C 349 -0.21 -1.94 -8.63
N GLY C 350 -1.06 -0.92 -8.52
CA GLY C 350 -0.61 0.39 -8.08
C GLY C 350 -1.11 1.51 -9.00
N PRO C 351 -1.03 2.77 -8.56
CA PRO C 351 -1.44 3.97 -9.30
C PRO C 351 -0.91 4.11 -10.71
N ASN C 352 0.36 3.74 -10.87
CA ASN C 352 1.03 3.80 -12.15
C ASN C 352 1.19 2.45 -12.82
N PHE C 353 0.18 1.60 -12.67
CA PHE C 353 0.18 0.25 -13.24
C PHE C 353 0.38 0.21 -14.75
N HIS C 354 -0.03 1.29 -15.42
CA HIS C 354 0.06 1.40 -16.88
C HIS C 354 1.48 1.62 -17.40
N GLN C 355 2.39 1.89 -16.46
CA GLN C 355 3.81 2.00 -16.74
C GLN C 355 4.53 0.65 -16.64
N ILE C 356 3.88 -0.41 -16.14
CA ILE C 356 4.46 -1.75 -16.14
C ILE C 356 4.51 -2.15 -17.62
N PRO C 357 5.62 -2.63 -18.17
CA PRO C 357 5.81 -2.90 -19.58
C PRO C 357 4.68 -3.58 -20.34
N VAL C 358 4.09 -4.69 -19.82
CA VAL C 358 3.02 -5.36 -20.56
C VAL C 358 1.71 -4.57 -20.62
N ASN C 359 1.53 -3.61 -19.71
CA ASN C 359 0.35 -2.75 -19.72
C ASN C 359 0.56 -1.45 -20.47
N CYS C 360 1.82 -1.20 -20.82
CA CYS C 360 2.22 0.01 -21.52
C CYS C 360 1.73 -0.03 -22.98
N PRO C 361 1.06 1.03 -23.48
CA PRO C 361 0.67 1.14 -24.90
C PRO C 361 1.87 1.50 -25.78
N TYR C 362 2.68 0.52 -26.20
CA TYR C 362 3.90 0.87 -26.91
C TYR C 362 3.69 1.45 -28.30
N ALA C 363 2.61 1.05 -28.98
CA ALA C 363 2.32 1.56 -30.32
C ALA C 363 1.62 2.92 -30.34
N SER C 364 1.26 3.43 -29.16
CA SER C 364 0.63 4.72 -29.01
C SER C 364 0.91 5.15 -27.57
N LYS C 365 2.11 5.70 -27.38
CA LYS C 365 2.58 6.14 -26.07
C LYS C 365 1.66 7.07 -25.28
N PHE C 366 1.65 6.79 -23.97
CA PHE C 366 0.90 7.57 -23.01
C PHE C 366 1.50 8.96 -22.86
N PHE C 367 0.65 9.97 -23.07
CA PHE C 367 1.02 11.35 -22.86
C PHE C 367 -0.20 12.15 -22.43
N ASN C 368 -0.12 12.73 -21.25
CA ASN C 368 -1.19 13.58 -20.74
C ASN C 368 -0.53 14.45 -19.69
N PRO C 369 -0.47 15.78 -19.90
CA PRO C 369 0.13 16.73 -18.98
C PRO C 369 -0.45 16.70 -17.58
N ALA C 370 -1.73 16.34 -17.42
CA ALA C 370 -2.35 16.31 -16.10
C ALA C 370 -2.32 14.97 -15.38
N ILE C 371 -1.89 13.87 -16.01
CA ILE C 371 -1.77 12.58 -15.31
C ILE C 371 -0.29 12.43 -14.95
N ARG C 372 0.00 12.88 -13.72
CA ARG C 372 1.35 12.96 -13.20
C ARG C 372 1.54 12.34 -11.82
N ASP C 373 2.82 12.21 -11.47
CA ASP C 373 3.28 11.75 -10.15
C ASP C 373 2.76 10.38 -9.72
N GLY C 374 2.54 10.12 -8.41
CA GLY C 374 2.08 8.82 -7.96
C GLY C 374 3.25 7.91 -7.61
N PRO C 375 3.12 6.94 -6.69
CA PRO C 375 4.19 6.01 -6.35
C PRO C 375 4.65 5.19 -7.53
N MET C 376 5.97 5.01 -7.60
CA MET C 376 6.63 4.26 -8.66
C MET C 376 6.38 4.80 -10.07
N ASN C 377 6.55 6.14 -10.20
CA ASN C 377 6.51 6.76 -11.51
C ASN C 377 7.93 6.59 -12.05
N VAL C 378 8.07 5.62 -12.97
CA VAL C 378 9.36 5.24 -13.49
C VAL C 378 9.69 5.69 -14.92
N ASN C 379 8.76 6.24 -15.71
CA ASN C 379 9.08 6.60 -17.08
C ASN C 379 9.56 8.04 -17.26
N GLY C 380 9.84 8.76 -16.17
CA GLY C 380 10.33 10.13 -16.26
C GLY C 380 9.31 11.18 -15.86
N ASN C 381 8.01 10.84 -15.83
CA ASN C 381 6.93 11.73 -15.44
C ASN C 381 6.86 13.02 -16.27
N PHE C 382 7.10 12.82 -17.57
CA PHE C 382 7.14 13.85 -18.59
C PHE C 382 8.09 15.01 -18.35
N GLY C 383 9.08 14.79 -17.46
CA GLY C 383 10.09 15.79 -17.16
C GLY C 383 9.52 17.11 -16.69
N SER C 384 9.98 18.18 -17.32
CA SER C 384 9.52 19.51 -16.97
C SER C 384 8.27 20.00 -17.69
N GLU C 385 7.55 19.11 -18.40
CA GLU C 385 6.29 19.43 -19.04
C GLU C 385 5.32 20.05 -18.04
N PRO C 386 4.63 21.14 -18.39
CA PRO C 386 3.54 21.70 -17.59
C PRO C 386 2.48 20.68 -17.20
N THR C 387 1.95 20.84 -15.99
CA THR C 387 0.95 19.91 -15.46
C THR C 387 -0.49 20.32 -15.75
N TYR C 388 -0.61 21.14 -16.80
CA TYR C 388 -1.88 21.61 -17.34
C TYR C 388 -1.61 21.93 -18.80
N LEU C 389 -2.62 22.42 -19.53
CA LEU C 389 -2.44 22.81 -20.91
C LEU C 389 -1.90 24.23 -21.02
N ALA C 390 -0.57 24.36 -20.94
CA ALA C 390 0.09 25.66 -21.04
C ALA C 390 -0.06 26.29 -22.42
N ASN C 391 -0.38 27.59 -22.46
CA ASN C 391 -0.60 28.28 -23.72
C ASN C 391 0.66 28.51 -24.53
N ASP C 392 1.84 28.53 -23.90
CA ASP C 392 3.09 28.64 -24.64
C ASP C 392 3.58 27.30 -25.15
N LYS C 393 2.80 26.21 -24.97
CA LYS C 393 3.14 24.91 -25.50
C LYS C 393 2.01 24.34 -26.35
N SER C 394 2.38 23.35 -27.17
CA SER C 394 1.47 22.75 -28.15
C SER C 394 0.92 21.38 -27.74
N TYR C 395 -0.34 21.10 -28.04
CA TYR C 395 -0.99 19.83 -27.68
C TYR C 395 -1.91 19.40 -28.82
N THR C 396 -1.83 18.14 -29.21
CA THR C 396 -2.63 17.62 -30.30
C THR C 396 -3.74 16.71 -29.81
N TYR C 397 -4.94 17.06 -30.26
CA TYR C 397 -6.13 16.27 -29.99
C TYR C 397 -6.60 15.79 -31.34
N ILE C 398 -6.42 14.49 -31.60
CA ILE C 398 -6.86 13.93 -32.86
C ILE C 398 -8.31 13.46 -32.77
N GLN C 399 -8.89 13.27 -33.97
CA GLN C 399 -10.27 12.84 -34.19
C GLN C 399 -11.28 13.68 -33.42
N GLN C 400 -11.05 15.00 -33.50
CA GLN C 400 -11.83 15.99 -32.78
C GLN C 400 -13.32 15.99 -33.02
N ASP C 401 -13.75 15.71 -34.25
CA ASP C 401 -15.16 15.68 -34.57
C ASP C 401 -15.75 14.27 -34.69
N ARG C 402 -14.95 13.26 -34.34
CA ARG C 402 -15.44 11.89 -34.29
C ARG C 402 -16.31 11.76 -33.03
N PRO C 403 -17.55 11.24 -33.12
CA PRO C 403 -18.40 11.05 -31.94
C PRO C 403 -18.00 9.85 -31.08
N ILE C 404 -18.32 9.95 -29.78
CA ILE C 404 -18.12 8.84 -28.87
C ILE C 404 -19.46 8.09 -28.84
N GLN C 405 -20.54 8.66 -28.29
CA GLN C 405 -21.82 7.99 -28.28
C GLN C 405 -23.00 8.92 -28.58
N GLN C 406 -22.77 10.21 -28.90
CA GLN C 406 -23.84 11.19 -29.22
C GLN C 406 -24.69 10.79 -30.42
N HIS C 407 -24.01 10.20 -31.40
CA HIS C 407 -24.59 9.73 -32.65
C HIS C 407 -25.47 8.49 -32.54
N GLN C 408 -25.61 7.96 -31.32
CA GLN C 408 -26.36 6.74 -31.08
C GLN C 408 -27.72 6.94 -30.41
N GLU C 409 -28.14 6.12 -29.44
CA GLU C 409 -29.45 6.21 -28.79
C GLU C 409 -29.73 7.48 -28.02
N VAL C 410 -31.00 7.86 -28.04
CA VAL C 410 -31.45 8.99 -27.26
C VAL C 410 -32.18 8.41 -26.07
N TRP C 411 -31.66 8.74 -24.89
CA TRP C 411 -32.22 8.24 -23.65
C TRP C 411 -33.25 9.19 -23.10
N ASN C 412 -34.25 8.62 -22.45
CA ASN C 412 -35.29 9.41 -21.86
C ASN C 412 -35.83 8.75 -20.60
N GLY C 413 -35.91 9.57 -19.55
CA GLY C 413 -36.45 9.11 -18.30
C GLY C 413 -35.79 9.81 -17.12
N PRO C 414 -36.34 9.64 -15.92
CA PRO C 414 -35.68 10.01 -14.69
C PRO C 414 -34.58 9.01 -14.28
N ALA C 415 -33.86 9.37 -13.23
CA ALA C 415 -32.87 8.49 -12.63
C ALA C 415 -33.67 7.45 -11.82
N ILE C 416 -33.85 6.25 -12.38
CA ILE C 416 -34.60 5.19 -11.72
C ILE C 416 -33.64 4.17 -11.10
N PRO C 417 -33.75 3.86 -9.80
CA PRO C 417 -33.14 2.70 -9.18
C PRO C 417 -33.88 1.46 -9.64
N TYR C 418 -33.15 0.62 -10.36
CA TYR C 418 -33.76 -0.56 -10.93
C TYR C 418 -33.05 -1.88 -10.65
N HIS C 419 -33.92 -2.88 -10.40
CA HIS C 419 -33.53 -4.25 -10.16
C HIS C 419 -34.21 -5.08 -11.25
N TRP C 420 -33.38 -5.55 -12.18
CA TRP C 420 -33.83 -6.35 -13.31
C TRP C 420 -33.98 -7.82 -12.92
N ALA C 421 -34.87 -8.08 -11.94
CA ALA C 421 -35.16 -9.42 -11.46
C ALA C 421 -35.70 -10.34 -12.55
N THR C 422 -35.66 -11.66 -12.35
CA THR C 422 -36.19 -12.63 -13.31
C THR C 422 -37.60 -12.24 -13.75
N SER C 423 -37.74 -12.06 -15.06
CA SER C 423 -38.99 -11.66 -15.68
C SER C 423 -40.12 -12.69 -15.54
N PRO C 424 -41.41 -12.29 -15.51
CA PRO C 424 -42.57 -13.18 -15.51
C PRO C 424 -42.63 -14.08 -16.72
N GLY C 425 -43.21 -15.26 -16.54
CA GLY C 425 -43.35 -16.16 -17.67
C GLY C 425 -42.10 -16.97 -18.00
N ASP C 426 -42.06 -17.39 -19.26
CA ASP C 426 -41.04 -18.26 -19.81
C ASP C 426 -39.82 -17.59 -20.43
N VAL C 427 -39.81 -16.26 -20.64
CA VAL C 427 -38.73 -15.59 -21.36
C VAL C 427 -37.30 -15.84 -20.90
N ASP C 428 -37.04 -15.96 -19.60
CA ASP C 428 -35.69 -16.24 -19.10
C ASP C 428 -35.34 -17.72 -18.90
N PHE C 429 -36.24 -18.62 -19.35
CA PHE C 429 -36.02 -20.06 -19.31
C PHE C 429 -35.99 -20.68 -20.70
N VAL C 430 -36.51 -19.96 -21.71
CA VAL C 430 -36.56 -20.41 -23.10
C VAL C 430 -35.22 -20.85 -23.67
N GLN C 431 -34.20 -19.98 -23.59
CA GLN C 431 -32.89 -20.30 -24.15
C GLN C 431 -32.11 -21.38 -23.43
N ALA C 432 -32.46 -21.58 -22.15
CA ALA C 432 -31.90 -22.64 -21.33
C ALA C 432 -32.48 -23.98 -21.81
N ARG C 433 -33.78 -23.95 -22.15
CA ARG C 433 -34.50 -25.11 -22.64
C ARG C 433 -34.05 -25.52 -24.03
N ASN C 434 -33.79 -24.56 -24.91
CA ASN C 434 -33.32 -24.87 -26.27
C ASN C 434 -31.84 -25.29 -26.21
N LEU C 435 -31.10 -24.89 -25.17
CA LEU C 435 -29.72 -25.35 -24.98
C LEU C 435 -29.77 -26.83 -24.59
N TYR C 436 -30.77 -27.24 -23.79
CA TYR C 436 -30.94 -28.64 -23.41
C TYR C 436 -31.26 -29.51 -24.63
N ARG C 437 -32.04 -28.99 -25.58
CA ARG C 437 -32.36 -29.71 -26.80
C ARG C 437 -31.14 -29.86 -27.69
N VAL C 438 -30.27 -28.85 -27.74
CA VAL C 438 -29.03 -28.91 -28.51
C VAL C 438 -28.10 -29.98 -27.93
N LEU C 439 -28.06 -30.13 -26.60
CA LEU C 439 -27.28 -31.18 -25.96
C LEU C 439 -27.86 -32.57 -26.20
N GLY C 440 -29.13 -32.65 -26.64
CA GLY C 440 -29.78 -33.90 -26.98
C GLY C 440 -29.32 -34.46 -28.32
N LYS C 441 -28.84 -33.58 -29.20
CA LYS C 441 -28.29 -33.98 -30.48
C LYS C 441 -26.87 -34.53 -30.36
N GLN C 442 -26.18 -34.24 -29.24
CA GLN C 442 -24.83 -34.70 -28.99
C GLN C 442 -24.87 -35.80 -27.94
N PRO C 443 -24.83 -37.10 -28.29
CA PRO C 443 -25.16 -38.22 -27.41
C PRO C 443 -24.33 -38.36 -26.14
N GLY C 444 -25.07 -38.53 -25.04
CA GLY C 444 -24.48 -38.65 -23.71
C GLY C 444 -24.43 -37.34 -22.91
N GLN C 445 -24.46 -36.18 -23.58
CA GLN C 445 -24.40 -34.89 -22.92
C GLN C 445 -25.57 -34.52 -22.03
N GLN C 446 -26.78 -35.03 -22.27
CA GLN C 446 -27.91 -34.79 -21.39
C GLN C 446 -27.80 -35.60 -20.10
N LYS C 447 -27.26 -36.84 -20.19
CA LYS C 447 -27.08 -37.67 -19.01
C LYS C 447 -25.95 -37.14 -18.15
N ASN C 448 -24.89 -36.64 -18.83
CA ASN C 448 -23.76 -36.03 -18.15
C ASN C 448 -24.16 -34.73 -17.49
N LEU C 449 -25.05 -33.93 -18.11
CA LEU C 449 -25.54 -32.70 -17.48
C LEU C 449 -26.24 -33.05 -16.18
N ALA C 450 -27.11 -34.06 -16.22
CA ALA C 450 -27.83 -34.49 -15.02
C ALA C 450 -26.90 -35.03 -13.95
N TYR C 451 -25.83 -35.74 -14.36
CA TYR C 451 -24.88 -36.31 -13.43
C TYR C 451 -24.02 -35.24 -12.75
N ASN C 452 -23.54 -34.29 -13.56
CA ASN C 452 -22.70 -33.17 -13.12
C ASN C 452 -23.40 -32.28 -12.12
N ILE C 453 -24.71 -32.07 -12.32
CA ILE C 453 -25.50 -31.28 -11.39
C ILE C 453 -25.78 -32.15 -10.18
N GLY C 454 -26.15 -33.43 -10.37
CA GLY C 454 -26.53 -34.31 -9.29
C GLY C 454 -25.47 -34.53 -8.22
N ILE C 455 -24.20 -34.71 -8.63
CA ILE C 455 -23.11 -34.93 -7.67
C ILE C 455 -22.74 -33.65 -6.92
N HIS C 456 -23.02 -32.48 -7.51
CA HIS C 456 -22.77 -31.20 -6.87
C HIS C 456 -23.89 -30.86 -5.88
N VAL C 457 -25.15 -31.06 -6.30
CA VAL C 457 -26.37 -30.81 -5.53
C VAL C 457 -26.52 -31.72 -4.32
N GLU C 458 -25.91 -32.92 -4.41
CA GLU C 458 -25.89 -33.93 -3.36
C GLU C 458 -25.33 -33.39 -2.04
N GLY C 459 -24.32 -32.51 -2.15
CA GLY C 459 -23.70 -31.84 -1.00
C GLY C 459 -24.58 -30.77 -0.35
N ALA C 460 -25.66 -30.31 -0.99
CA ALA C 460 -26.57 -29.34 -0.40
C ALA C 460 -27.57 -30.01 0.52
N CYS C 461 -28.16 -29.23 1.44
CA CYS C 461 -29.13 -29.75 2.39
C CYS C 461 -30.47 -29.91 1.68
N PRO C 462 -31.37 -30.85 2.05
CA PRO C 462 -32.61 -31.15 1.32
C PRO C 462 -33.57 -30.03 0.91
N GLN C 463 -33.64 -28.93 1.67
CA GLN C 463 -34.51 -27.79 1.35
C GLN C 463 -34.03 -27.09 0.08
N ILE C 464 -32.70 -26.86 0.02
CA ILE C 464 -32.07 -26.26 -1.14
C ILE C 464 -32.06 -27.23 -2.30
N GLN C 465 -31.92 -28.54 -2.06
CA GLN C 465 -31.98 -29.56 -3.11
C GLN C 465 -33.32 -29.52 -3.83
N GLN C 466 -34.40 -29.38 -3.05
CA GLN C 466 -35.74 -29.27 -3.61
C GLN C 466 -35.97 -28.04 -4.48
N ARG C 467 -35.38 -26.90 -4.11
CA ARG C 467 -35.47 -25.69 -4.90
C ARG C 467 -34.74 -25.85 -6.21
N VAL C 468 -33.61 -26.57 -6.18
CA VAL C 468 -32.82 -26.85 -7.38
C VAL C 468 -33.62 -27.72 -8.35
N TYR C 469 -34.30 -28.75 -7.84
CA TYR C 469 -35.12 -29.62 -8.68
C TYR C 469 -36.26 -28.83 -9.30
N ASP C 470 -36.88 -27.95 -8.51
CA ASP C 470 -37.94 -27.08 -8.99
C ASP C 470 -37.53 -26.13 -10.11
N MET C 471 -36.34 -25.53 -9.96
CA MET C 471 -35.82 -24.61 -10.96
C MET C 471 -35.52 -25.34 -12.26
N PHE C 472 -34.93 -26.54 -12.17
CA PHE C 472 -34.63 -27.30 -13.37
C PHE C 472 -35.84 -27.98 -13.98
N ALA C 473 -36.92 -28.20 -13.21
CA ALA C 473 -38.17 -28.74 -13.72
C ALA C 473 -38.85 -27.71 -14.62
N ARG C 474 -38.55 -26.43 -14.37
CA ARG C 474 -39.05 -25.34 -15.18
C ARG C 474 -38.41 -25.35 -16.58
N VAL C 475 -37.21 -25.96 -16.73
CA VAL C 475 -36.58 -26.12 -18.02
C VAL C 475 -37.12 -27.38 -18.69
N ASP C 476 -37.05 -28.50 -17.96
CA ASP C 476 -37.48 -29.80 -18.45
C ASP C 476 -37.70 -30.70 -17.25
N LYS C 477 -38.91 -31.26 -17.12
CA LYS C 477 -39.25 -32.13 -16.00
C LYS C 477 -38.44 -33.42 -15.98
N GLY C 478 -37.99 -33.88 -17.17
CA GLY C 478 -37.16 -35.06 -17.29
C GLY C 478 -35.77 -34.82 -16.69
N LEU C 479 -35.18 -33.64 -16.99
CA LEU C 479 -33.89 -33.20 -16.47
C LEU C 479 -33.89 -33.20 -14.96
N SER C 480 -34.95 -32.62 -14.39
CA SER C 480 -35.16 -32.51 -12.96
C SER C 480 -35.19 -33.88 -12.27
N GLU C 481 -35.92 -34.85 -12.86
CA GLU C 481 -35.99 -36.20 -12.33
C GLU C 481 -34.64 -36.90 -12.34
N ALA C 482 -33.89 -36.71 -13.43
CA ALA C 482 -32.58 -37.29 -13.59
C ALA C 482 -31.55 -36.73 -12.61
N ILE C 483 -31.64 -35.42 -12.29
CA ILE C 483 -30.77 -34.77 -11.31
C ILE C 483 -31.07 -35.33 -9.92
N LYS C 484 -32.35 -35.52 -9.62
CA LYS C 484 -32.77 -36.07 -8.35
C LYS C 484 -32.28 -37.51 -8.17
N LYS C 485 -32.28 -38.32 -9.25
CA LYS C 485 -31.80 -39.70 -9.20
C LYS C 485 -30.33 -39.80 -8.83
N VAL C 486 -29.48 -38.95 -9.42
CA VAL C 486 -28.05 -38.95 -9.11
C VAL C 486 -27.78 -38.39 -7.73
N ALA C 487 -28.50 -37.33 -7.33
CA ALA C 487 -28.29 -36.69 -6.02
C ALA C 487 -28.76 -37.51 -4.83
N GLU C 488 -29.67 -38.47 -5.08
CA GLU C 488 -30.15 -39.36 -4.03
C GLU C 488 -29.81 -40.80 -4.44
N ASP D 1 10.11 11.03 -21.98
CA ASP D 1 9.38 10.10 -22.84
C ASP D 1 8.21 10.77 -23.55
N VAL D 2 8.20 12.10 -23.75
CA VAL D 2 7.08 12.75 -24.42
C VAL D 2 7.12 12.46 -25.91
N ARG D 3 6.02 11.86 -26.40
CA ARG D 3 5.88 11.51 -27.80
C ARG D 3 5.92 12.74 -28.71
N GLU D 4 6.69 12.64 -29.82
CA GLU D 4 6.94 13.75 -30.73
C GLU D 4 5.70 14.44 -31.30
N ASP D 5 4.66 13.68 -31.66
CA ASP D 5 3.43 14.26 -32.19
C ASP D 5 2.51 14.92 -31.15
N ARG D 6 2.85 14.70 -29.87
CA ARG D 6 2.20 15.28 -28.70
C ARG D 6 0.68 15.14 -28.56
N VAL D 7 0.23 13.98 -29.04
CA VAL D 7 -1.16 13.54 -28.97
C VAL D 7 -1.48 13.23 -27.51
N VAL D 8 -2.47 13.92 -26.96
CA VAL D 8 -2.90 13.72 -25.58
C VAL D 8 -3.82 12.49 -25.52
N THR D 9 -3.41 11.52 -24.68
CA THR D 9 -4.10 10.26 -24.50
C THR D 9 -4.52 10.05 -23.05
N ASN D 10 -5.28 8.98 -22.78
CA ASN D 10 -5.52 8.55 -21.41
C ASN D 10 -4.38 7.61 -20.99
N SER D 11 -4.45 6.99 -19.80
CA SER D 11 -3.41 6.08 -19.31
C SER D 11 -3.04 4.90 -20.20
N THR D 12 -4.01 4.37 -20.96
CA THR D 12 -3.74 3.24 -21.82
C THR D 12 -3.55 3.61 -23.28
N GLY D 13 -3.09 4.86 -23.49
CA GLY D 13 -2.72 5.39 -24.79
C GLY D 13 -3.83 5.66 -25.79
N ASN D 14 -5.09 5.63 -25.35
CA ASN D 14 -6.20 5.90 -26.24
C ASN D 14 -6.38 7.40 -26.39
N PRO D 15 -6.47 7.97 -27.60
CA PRO D 15 -6.50 9.41 -27.86
C PRO D 15 -7.76 10.11 -27.36
N ILE D 16 -7.58 11.29 -26.76
CA ILE D 16 -8.69 12.09 -26.28
C ILE D 16 -9.04 13.14 -27.34
N ASN D 17 -10.32 13.12 -27.75
CA ASN D 17 -10.93 14.04 -28.71
C ASN D 17 -10.80 15.53 -28.43
N GLU D 18 -11.23 15.86 -27.20
CA GLU D 18 -11.35 17.21 -26.72
C GLU D 18 -10.94 17.16 -25.25
N PRO D 19 -10.05 18.05 -24.77
CA PRO D 19 -9.43 17.97 -23.44
C PRO D 19 -10.30 17.92 -22.21
N PHE D 20 -11.45 18.60 -22.28
CA PHE D 20 -12.32 18.75 -21.12
C PHE D 20 -13.73 18.19 -21.23
N VAL D 21 -14.14 17.54 -22.32
CA VAL D 21 -15.49 16.98 -22.40
C VAL D 21 -15.74 15.86 -21.40
N THR D 22 -16.90 15.91 -20.75
CA THR D 22 -17.36 14.82 -19.90
C THR D 22 -18.78 14.46 -20.30
N GLN D 23 -19.06 13.15 -20.35
CA GLN D 23 -20.35 12.63 -20.74
C GLN D 23 -21.45 12.74 -19.69
N ARG D 24 -22.61 13.15 -20.22
CA ARG D 24 -23.83 13.37 -19.45
C ARG D 24 -25.05 13.11 -20.34
N ILE D 25 -26.26 13.01 -19.79
CA ILE D 25 -27.45 12.88 -20.62
C ILE D 25 -27.83 14.30 -21.04
N GLY D 26 -27.90 14.51 -22.36
CA GLY D 26 -28.15 15.83 -22.92
C GLY D 26 -26.97 16.74 -22.61
N GLU D 27 -27.16 18.06 -22.60
CA GLU D 27 -26.06 18.96 -22.33
C GLU D 27 -25.89 19.26 -20.83
N HIS D 28 -26.97 19.13 -20.05
CA HIS D 28 -26.91 19.46 -18.63
C HIS D 28 -27.55 18.44 -17.69
N GLY D 29 -27.62 17.17 -18.11
CA GLY D 29 -28.15 16.11 -17.26
C GLY D 29 -27.07 15.48 -16.37
N PRO D 30 -27.34 14.35 -15.68
CA PRO D 30 -26.41 13.68 -14.76
C PRO D 30 -25.22 13.08 -15.49
N LEU D 31 -24.08 13.02 -14.79
CA LEU D 31 -22.86 12.47 -15.34
C LEU D 31 -22.93 10.94 -15.49
N LEU D 32 -22.31 10.38 -16.53
CA LEU D 32 -22.42 8.95 -16.79
C LEU D 32 -21.22 8.15 -16.34
N LEU D 33 -21.49 6.93 -15.85
CA LEU D 33 -20.45 6.02 -15.38
C LEU D 33 -19.54 5.59 -16.52
N GLN D 34 -20.03 5.55 -17.76
CA GLN D 34 -19.23 5.11 -18.90
C GLN D 34 -18.13 6.09 -19.31
N ASP D 35 -18.00 7.23 -18.63
CA ASP D 35 -16.91 8.12 -18.93
C ASP D 35 -15.69 7.72 -18.11
N TYR D 36 -14.99 6.76 -18.72
CA TYR D 36 -13.78 6.20 -18.16
C TYR D 36 -12.59 7.15 -18.22
N ASN D 37 -12.57 8.13 -19.15
CA ASN D 37 -11.51 9.11 -19.19
C ASN D 37 -11.57 10.10 -18.03
N LEU D 38 -12.78 10.42 -17.57
CA LEU D 38 -12.91 11.28 -16.41
C LEU D 38 -12.43 10.53 -15.17
N ILE D 39 -12.87 9.26 -15.00
CA ILE D 39 -12.48 8.44 -13.86
C ILE D 39 -10.98 8.18 -13.87
N ASP D 40 -10.39 7.95 -15.04
CA ASP D 40 -8.96 7.74 -15.18
C ASP D 40 -8.16 8.93 -14.65
N SER D 41 -8.55 10.15 -15.05
CA SER D 41 -7.86 11.35 -14.61
C SER D 41 -8.11 11.63 -13.14
N LEU D 42 -9.34 11.53 -12.65
CA LEU D 42 -9.63 11.82 -11.25
C LEU D 42 -9.02 10.81 -10.28
N ALA D 43 -9.01 9.53 -10.66
CA ALA D 43 -8.42 8.48 -9.84
C ALA D 43 -6.90 8.58 -9.80
N HIS D 44 -6.23 8.99 -10.90
CA HIS D 44 -4.80 9.17 -10.83
C HIS D 44 -4.48 10.42 -10.01
N PHE D 45 -5.34 11.45 -10.07
CA PHE D 45 -5.15 12.66 -9.27
C PHE D 45 -5.18 12.29 -7.79
N ASN D 46 -6.11 11.40 -7.39
CA ASN D 46 -6.19 10.96 -6.00
C ASN D 46 -5.00 10.18 -5.48
N ARG D 47 -4.15 9.70 -6.40
CA ARG D 47 -3.00 8.89 -6.08
C ARG D 47 -1.66 9.55 -6.38
N GLU D 48 -1.63 10.88 -6.44
CA GLU D 48 -0.41 11.62 -6.74
C GLU D 48 0.64 11.64 -5.62
N ASN D 49 0.14 11.67 -4.40
CA ASN D 49 0.99 11.76 -3.22
C ASN D 49 1.40 10.44 -2.59
N ILE D 50 2.67 10.41 -2.21
CA ILE D 50 3.28 9.32 -1.44
C ILE D 50 3.57 9.90 -0.06
N PRO D 51 3.70 9.16 1.05
CA PRO D 51 4.00 9.75 2.35
C PRO D 51 5.32 10.51 2.33
N GLN D 52 5.38 11.62 3.07
CA GLN D 52 6.60 12.40 3.16
C GLN D 52 7.62 11.66 4.00
N ARG D 53 8.90 11.97 3.75
CA ARG D 53 10.02 11.43 4.51
C ARG D 53 9.85 11.77 5.98
N ASN D 54 10.22 10.81 6.84
CA ASN D 54 10.15 11.00 8.28
C ASN D 54 11.54 10.70 8.85
N PRO D 55 12.36 11.69 9.22
CA PRO D 55 12.11 13.10 9.03
C PRO D 55 12.72 13.61 7.70
N HIS D 56 13.06 14.91 7.63
CA HIS D 56 13.60 15.59 6.46
C HIS D 56 12.58 15.58 5.33
N ALA D 57 11.32 15.90 5.65
CA ALA D 57 10.24 15.89 4.67
C ALA D 57 10.36 16.95 3.58
N HIS D 58 10.83 18.13 3.98
CA HIS D 58 10.98 19.25 3.08
C HIS D 58 12.39 19.38 2.52
N GLY D 59 12.57 19.45 1.19
CA GLY D 59 13.91 19.58 0.64
C GLY D 59 13.98 19.96 -0.83
N SER D 60 15.22 20.18 -1.26
CA SER D 60 15.58 20.58 -2.61
C SER D 60 16.64 19.64 -3.18
N GLY D 61 16.76 19.52 -4.51
CA GLY D 61 17.77 18.63 -5.08
C GLY D 61 18.43 19.18 -6.33
N ALA D 62 19.57 18.59 -6.70
CA ALA D 62 20.31 18.96 -7.91
C ALA D 62 21.31 17.89 -8.28
N PHE D 63 21.53 17.72 -9.57
CA PHE D 63 22.57 16.82 -10.06
C PHE D 63 23.89 17.53 -10.27
N GLY D 64 24.98 16.74 -10.34
CA GLY D 64 26.31 17.27 -10.56
C GLY D 64 27.33 16.15 -10.69
N TYR D 65 28.54 16.37 -10.17
CA TYR D 65 29.60 15.38 -10.19
C TYR D 65 30.60 15.56 -9.06
N PHE D 66 31.34 14.49 -8.81
CA PHE D 66 32.45 14.47 -7.89
C PHE D 66 33.68 14.30 -8.76
N GLU D 67 34.76 15.00 -8.41
CA GLU D 67 35.99 14.85 -9.13
C GLU D 67 37.09 14.60 -8.12
N VAL D 68 37.94 13.61 -8.38
CA VAL D 68 39.08 13.34 -7.51
C VAL D 68 40.13 14.40 -7.81
N THR D 69 40.64 15.10 -6.79
CA THR D 69 41.72 16.06 -7.03
C THR D 69 43.03 15.59 -6.40
N ASP D 70 42.95 14.70 -5.40
CA ASP D 70 44.12 14.21 -4.69
C ASP D 70 44.10 12.70 -4.53
N ASP D 71 45.29 12.11 -4.43
CA ASP D 71 45.41 10.66 -4.24
C ASP D 71 45.24 10.26 -2.79
N ILE D 72 44.20 9.46 -2.52
CA ILE D 72 43.96 8.91 -1.20
C ILE D 72 43.80 7.39 -1.34
N THR D 73 44.43 6.79 -2.37
CA THR D 73 44.35 5.34 -2.58
C THR D 73 45.05 4.53 -1.50
N ASP D 74 45.95 5.18 -0.76
CA ASP D 74 46.57 4.60 0.42
C ASP D 74 45.57 4.43 1.57
N ILE D 75 44.54 5.29 1.60
CA ILE D 75 43.47 5.22 2.59
C ILE D 75 42.31 4.35 2.11
N CYS D 76 41.87 4.53 0.86
CA CYS D 76 40.67 3.86 0.37
C CYS D 76 40.79 3.32 -1.04
N GLY D 77 40.46 2.04 -1.16
CA GLY D 77 40.56 1.33 -2.43
C GLY D 77 39.32 1.40 -3.31
N SER D 78 38.27 2.19 -2.99
CA SER D 78 37.06 2.30 -3.82
C SER D 78 37.37 2.85 -5.20
N ALA D 79 36.74 2.28 -6.23
CA ALA D 79 36.95 2.67 -7.63
C ALA D 79 36.73 4.15 -7.96
N MET D 80 35.88 4.86 -7.20
CA MET D 80 35.64 6.27 -7.45
C MET D 80 36.81 7.15 -7.04
N PHE D 81 37.79 6.62 -6.31
CA PHE D 81 38.97 7.36 -5.90
C PHE D 81 40.23 6.89 -6.62
N SER D 82 40.16 5.99 -7.63
CA SER D 82 41.37 5.45 -8.23
C SER D 82 42.29 6.41 -8.96
N LYS D 83 41.80 7.25 -9.88
CA LYS D 83 42.65 8.20 -10.60
C LYS D 83 42.37 9.63 -10.24
N ILE D 84 43.37 10.53 -10.34
CA ILE D 84 43.13 11.97 -10.13
C ILE D 84 42.50 12.51 -11.40
N GLY D 85 41.44 13.30 -11.21
CA GLY D 85 40.69 13.88 -12.30
C GLY D 85 39.48 13.03 -12.69
N LYS D 86 39.31 11.87 -12.04
CA LYS D 86 38.19 10.97 -12.29
C LYS D 86 36.86 11.54 -11.79
N ARG D 87 35.84 11.54 -12.66
CA ARG D 87 34.53 12.06 -12.32
C ARG D 87 33.44 11.01 -12.18
N THR D 88 32.62 11.21 -11.15
CA THR D 88 31.50 10.35 -10.86
C THR D 88 30.26 11.22 -10.74
N LYS D 89 29.25 10.89 -11.54
CA LYS D 89 27.95 11.55 -11.52
C LYS D 89 27.30 11.43 -10.14
N CYS D 90 26.72 12.52 -9.64
CA CYS D 90 26.01 12.46 -8.37
C CYS D 90 24.70 13.23 -8.32
N LEU D 91 23.89 12.93 -7.29
CA LEU D 91 22.65 13.62 -7.02
C LEU D 91 22.65 14.03 -5.55
N THR D 92 22.47 15.31 -5.27
CA THR D 92 22.43 15.80 -3.89
C THR D 92 21.04 16.31 -3.54
N ARG D 93 20.53 15.89 -2.38
CA ARG D 93 19.29 16.42 -1.86
C ARG D 93 19.62 17.10 -0.56
N PHE D 94 19.30 18.40 -0.53
CA PHE D 94 19.41 19.21 0.68
C PHE D 94 18.06 19.22 1.36
N SER D 95 17.97 19.47 2.67
CA SER D 95 16.68 19.43 3.35
C SER D 95 16.71 20.01 4.74
N THR D 96 15.53 20.24 5.32
CA THR D 96 15.46 20.60 6.73
C THR D 96 15.15 19.30 7.49
N VAL D 97 14.88 19.32 8.80
CA VAL D 97 14.60 18.09 9.55
C VAL D 97 13.17 17.95 10.10
N GLY D 98 12.70 18.82 11.00
CA GLY D 98 11.42 18.63 11.68
C GLY D 98 10.15 18.97 10.92
N GLY D 99 10.23 19.97 10.04
CA GLY D 99 9.06 20.46 9.32
C GLY D 99 8.53 19.50 8.29
N ASP D 100 7.21 19.59 8.10
CA ASP D 100 6.52 18.81 7.08
C ASP D 100 6.84 19.30 5.66
N LYS D 101 6.35 18.56 4.68
CA LYS D 101 6.59 18.82 3.27
C LYS D 101 6.37 20.24 2.79
N GLY D 102 5.40 20.99 3.32
CA GLY D 102 5.19 22.34 2.82
C GLY D 102 5.71 23.45 3.71
N SER D 103 6.64 23.13 4.62
CA SER D 103 7.16 24.14 5.54
C SER D 103 8.22 25.00 4.87
N ALA D 104 8.52 26.12 5.54
CA ALA D 104 9.49 27.07 5.04
C ALA D 104 10.94 26.62 5.09
N ASP D 105 11.69 27.20 4.16
CA ASP D 105 13.11 26.97 4.03
C ASP D 105 13.98 27.60 5.09
N THR D 106 13.65 28.82 5.52
CA THR D 106 14.51 29.54 6.44
C THR D 106 14.06 29.46 7.89
N VAL D 107 14.04 28.23 8.40
CA VAL D 107 13.69 27.97 9.79
C VAL D 107 14.91 27.48 10.54
N ARG D 108 14.89 27.40 11.87
CA ARG D 108 16.00 26.85 12.62
C ARG D 108 15.85 25.33 12.64
N ASP D 109 16.89 24.71 12.10
CA ASP D 109 16.97 23.27 11.96
C ASP D 109 18.35 22.87 11.50
N PRO D 110 18.80 21.61 11.67
CA PRO D 110 19.87 21.05 10.86
C PRO D 110 19.41 20.97 9.42
N ARG D 111 20.38 21.00 8.50
CA ARG D 111 20.08 20.79 7.12
C ARG D 111 20.70 19.47 6.71
N GLY D 112 19.96 18.64 5.96
CA GLY D 112 20.52 17.43 5.41
C GLY D 112 21.33 17.76 4.17
N PHE D 113 22.33 16.93 3.90
CA PHE D 113 23.24 17.05 2.79
C PHE D 113 23.58 15.62 2.39
N ALA D 114 22.69 15.05 1.58
CA ALA D 114 22.81 13.66 1.14
C ALA D 114 23.19 13.57 -0.32
N THR D 115 24.30 12.88 -0.62
CA THR D 115 24.73 12.75 -2.01
C THR D 115 24.75 11.29 -2.42
N LYS D 116 24.31 11.03 -3.65
CA LYS D 116 24.28 9.71 -4.24
C LYS D 116 25.28 9.70 -5.38
N PHE D 117 26.34 8.90 -5.23
CA PHE D 117 27.36 8.72 -6.25
C PHE D 117 27.10 7.44 -7.03
N TYR D 118 27.01 7.56 -8.35
CA TYR D 118 26.77 6.41 -9.21
C TYR D 118 28.11 5.85 -9.67
N THR D 119 28.73 4.99 -8.82
CA THR D 119 30.04 4.44 -9.13
C THR D 119 29.96 3.11 -9.89
N GLU D 120 31.11 2.68 -10.42
CA GLU D 120 31.27 1.40 -11.12
C GLU D 120 31.04 0.18 -10.23
N GLU D 121 31.08 0.38 -8.91
CA GLU D 121 30.88 -0.67 -7.92
C GLU D 121 29.54 -0.46 -7.19
N GLY D 122 28.57 0.11 -7.90
CA GLY D 122 27.25 0.38 -7.36
C GLY D 122 27.13 1.77 -6.78
N ASN D 123 25.96 2.13 -6.29
CA ASN D 123 25.79 3.45 -5.71
C ASN D 123 26.38 3.58 -4.32
N LEU D 124 26.69 4.82 -3.96
CA LEU D 124 27.25 5.15 -2.67
C LEU D 124 26.43 6.33 -2.17
N ASP D 125 25.88 6.27 -0.96
CA ASP D 125 25.16 7.40 -0.42
C ASP D 125 25.91 7.95 0.78
N TRP D 126 26.31 9.22 0.68
CA TRP D 126 26.88 9.91 1.82
C TRP D 126 25.73 10.72 2.42
N VAL D 127 25.03 10.06 3.36
CA VAL D 127 23.86 10.67 3.99
C VAL D 127 24.33 11.44 5.23
N TYR D 128 24.70 12.70 4.94
CA TYR D 128 25.31 13.61 5.92
C TYR D 128 24.40 14.75 6.33
N ASN D 129 24.72 15.41 7.44
CA ASN D 129 24.05 16.64 7.82
C ASN D 129 25.01 17.82 7.71
N ASN D 130 24.55 19.06 7.94
CA ASN D 130 25.42 20.23 7.85
C ASN D 130 26.08 20.57 9.19
N THR D 131 26.11 19.59 10.10
CA THR D 131 26.67 19.76 11.43
C THR D 131 27.65 18.63 11.76
N PRO D 132 28.73 18.87 12.52
CA PRO D 132 29.75 17.86 12.85
C PRO D 132 29.24 16.72 13.70
N VAL D 133 28.29 17.04 14.59
CA VAL D 133 27.73 16.08 15.53
C VAL D 133 26.22 15.89 15.36
N PHE D 134 25.55 15.27 16.33
CA PHE D 134 24.10 15.14 16.32
C PHE D 134 23.62 15.03 17.77
N PHE D 135 22.31 15.13 17.94
CA PHE D 135 21.68 15.17 19.26
C PHE D 135 21.78 13.89 20.09
N ILE D 136 21.95 12.71 19.47
CA ILE D 136 21.95 11.46 20.22
C ILE D 136 23.09 10.52 19.91
N ARG D 137 23.38 9.64 20.88
CA ARG D 137 24.33 8.56 20.70
C ARG D 137 23.70 7.19 21.02
N ASP D 138 22.37 7.16 21.27
CA ASP D 138 21.60 5.94 21.47
C ASP D 138 20.55 5.82 20.38
N PRO D 139 20.51 4.79 19.53
CA PRO D 139 19.60 4.72 18.39
C PRO D 139 18.11 4.64 18.74
N SER D 140 17.83 4.03 19.89
CA SER D 140 16.47 3.89 20.40
C SER D 140 15.81 5.22 20.77
N LYS D 141 16.66 6.22 20.96
CA LYS D 141 16.27 7.55 21.34
C LYS D 141 15.74 8.38 20.17
N PHE D 142 15.98 7.94 18.92
CA PHE D 142 15.58 8.71 17.76
C PHE D 142 14.08 8.86 17.53
N PRO D 143 13.15 7.89 17.63
CA PRO D 143 11.71 8.13 17.57
C PRO D 143 11.26 9.18 18.57
N HIS D 144 11.78 9.09 19.81
CA HIS D 144 11.44 10.02 20.89
C HIS D 144 11.88 11.45 20.58
N PHE D 145 13.13 11.58 20.11
CA PHE D 145 13.69 12.86 19.76
C PHE D 145 12.94 13.55 18.60
N ILE D 146 12.72 12.87 17.46
CA ILE D 146 12.05 13.48 16.34
C ILE D 146 10.62 13.86 16.70
N HIS D 147 9.94 13.08 17.54
CA HIS D 147 8.60 13.43 17.99
C HIS D 147 8.58 14.77 18.73
N THR D 148 9.60 15.03 19.57
CA THR D 148 9.65 16.31 20.30
C THR D 148 10.04 17.48 19.40
N GLN D 149 10.64 17.18 18.23
CA GLN D 149 10.97 18.19 17.24
C GLN D 149 9.78 18.55 16.36
N LYS D 150 8.75 17.70 16.32
CA LYS D 150 7.61 17.96 15.49
C LYS D 150 6.44 18.61 16.22
N ARG D 151 5.21 18.08 16.17
CA ARG D 151 4.07 18.73 16.75
C ARG D 151 3.48 17.93 17.89
N ASN D 152 2.88 18.65 18.84
CA ASN D 152 2.18 18.06 19.96
C ASN D 152 1.06 17.14 19.45
N PRO D 153 0.88 15.91 19.98
CA PRO D 153 -0.12 14.95 19.50
C PRO D 153 -1.55 15.47 19.54
N GLN D 154 -1.88 16.34 20.51
CA GLN D 154 -3.21 16.91 20.64
C GLN D 154 -3.39 18.24 19.92
N THR D 155 -2.57 19.24 20.25
CA THR D 155 -2.72 20.59 19.73
C THR D 155 -2.23 20.80 18.30
N ASN D 156 -1.36 19.91 17.83
CA ASN D 156 -0.69 19.95 16.53
C ASN D 156 0.21 21.17 16.35
N LEU D 157 0.53 21.85 17.45
CA LEU D 157 1.42 23.01 17.42
C LEU D 157 2.82 22.52 17.77
N ARG D 158 3.84 23.26 17.36
CA ARG D 158 5.19 22.91 17.76
C ARG D 158 5.30 23.45 19.18
N ASP D 159 5.67 22.53 20.06
CA ASP D 159 5.68 22.81 21.48
C ASP D 159 7.06 22.86 22.10
N ALA D 160 7.34 24.03 22.68
CA ALA D 160 8.63 24.28 23.31
C ALA D 160 8.87 23.43 24.55
N ASP D 161 7.79 23.03 25.26
CA ASP D 161 7.92 22.15 26.41
C ASP D 161 8.44 20.77 26.06
N MET D 162 7.94 20.13 24.97
CA MET D 162 8.42 18.82 24.55
C MET D 162 9.88 18.89 24.16
N PHE D 163 10.17 19.91 23.33
CA PHE D 163 11.49 20.17 22.78
C PHE D 163 12.55 20.23 23.87
N TRP D 164 12.38 21.17 24.80
CA TRP D 164 13.34 21.33 25.87
C TRP D 164 13.22 20.29 26.96
N ASP D 165 12.07 19.60 27.13
CA ASP D 165 11.93 18.56 28.15
C ASP D 165 12.80 17.37 27.79
N PHE D 166 12.82 16.96 26.52
CA PHE D 166 13.66 15.87 26.07
C PHE D 166 15.15 16.20 26.23
N LEU D 167 15.57 17.38 25.74
CA LEU D 167 16.98 17.77 25.76
C LEU D 167 17.57 18.02 27.15
N THR D 168 16.75 18.42 28.13
CA THR D 168 17.24 18.67 29.47
C THR D 168 17.12 17.46 30.39
N THR D 169 16.53 16.36 29.92
CA THR D 169 16.46 15.12 30.70
C THR D 169 17.89 14.65 30.86
N PRO D 170 18.37 14.31 32.08
CA PRO D 170 19.78 14.08 32.41
C PRO D 170 20.55 13.15 31.48
N GLU D 171 19.99 11.96 31.23
CA GLU D 171 20.59 10.99 30.34
C GLU D 171 20.56 11.35 28.86
N ASN D 172 19.85 12.44 28.51
CA ASN D 172 19.81 12.95 27.14
C ASN D 172 20.65 14.20 26.95
N GLN D 173 21.25 14.76 28.00
CA GLN D 173 21.97 16.04 27.96
C GLN D 173 23.26 15.90 27.14
N VAL D 174 23.68 14.75 26.68
CA VAL D 174 24.81 14.60 25.77
C VAL D 174 24.51 15.25 24.40
N ALA D 175 23.26 15.71 24.22
CA ALA D 175 22.81 16.47 23.07
C ALA D 175 23.33 17.91 23.02
N ILE D 176 23.82 18.40 24.16
CA ILE D 176 24.26 19.77 24.35
C ILE D 176 25.25 20.30 23.31
N HIS D 177 26.21 19.51 22.79
CA HIS D 177 27.14 20.03 21.77
C HIS D 177 26.35 20.40 20.52
N GLN D 178 25.37 19.56 20.15
CA GLN D 178 24.54 19.80 18.99
C GLN D 178 23.52 20.92 19.20
N VAL D 179 23.01 21.10 20.42
CA VAL D 179 22.07 22.18 20.72
C VAL D 179 22.78 23.52 20.54
N MET D 180 24.06 23.59 20.93
CA MET D 180 24.89 24.77 20.77
C MET D 180 25.01 25.19 19.30
N ILE D 181 25.34 24.25 18.41
CA ILE D 181 25.44 24.51 16.97
C ILE D 181 24.07 24.89 16.38
N LEU D 182 23.00 24.22 16.84
CA LEU D 182 21.65 24.45 16.33
C LEU D 182 21.19 25.88 16.58
N PHE D 183 21.39 26.36 17.81
CA PHE D 183 20.99 27.70 18.16
C PHE D 183 21.99 28.79 17.83
N SER D 184 23.11 28.45 17.17
CA SER D 184 23.99 29.48 16.65
C SER D 184 23.39 29.91 15.30
N ASP D 185 23.90 30.96 14.65
CA ASP D 185 23.35 31.40 13.36
C ASP D 185 23.60 30.41 12.24
N ARG D 186 24.48 29.44 12.47
CA ARG D 186 24.73 28.32 11.56
C ARG D 186 23.49 27.43 11.47
N GLY D 187 22.60 27.52 12.48
CA GLY D 187 21.33 26.85 12.51
C GLY D 187 20.31 27.42 11.53
N THR D 188 20.54 28.64 11.02
CA THR D 188 19.70 29.24 9.99
C THR D 188 20.60 29.75 8.85
N PRO D 189 21.13 28.91 7.94
CA PRO D 189 22.00 29.35 6.85
C PRO D 189 21.30 30.22 5.82
N ALA D 190 22.05 31.10 5.15
CA ALA D 190 21.49 31.96 4.11
C ALA D 190 20.96 31.20 2.91
N ASN D 191 21.60 30.06 2.64
CA ASN D 191 21.18 29.13 1.60
C ASN D 191 22.02 27.86 1.66
N TYR D 192 21.66 26.88 0.83
CA TYR D 192 22.33 25.59 0.77
C TYR D 192 23.74 25.65 0.18
N ARG D 193 23.99 26.68 -0.63
CA ARG D 193 25.29 26.87 -1.25
C ARG D 193 26.34 27.38 -0.26
N SER D 194 25.89 27.95 0.86
CA SER D 194 26.82 28.50 1.83
C SER D 194 26.76 27.82 3.20
N MET D 195 26.82 26.49 3.12
CA MET D 195 26.87 25.63 4.29
C MET D 195 27.75 24.41 4.03
N HIS D 196 28.24 23.83 5.13
CA HIS D 196 29.08 22.64 5.06
C HIS D 196 28.31 21.33 5.16
N GLY D 197 29.05 20.25 4.93
CA GLY D 197 28.54 18.89 5.03
C GLY D 197 29.52 18.12 5.89
N TYR D 198 29.03 17.23 6.75
CA TYR D 198 29.91 16.46 7.61
C TYR D 198 29.34 15.08 7.81
N SER D 199 30.28 14.14 7.85
CA SER D 199 30.03 12.73 8.09
C SER D 199 29.23 12.43 9.34
N GLY D 200 29.53 13.16 10.43
CA GLY D 200 28.93 12.94 11.73
C GLY D 200 29.61 11.74 12.39
N HIS D 201 29.30 10.57 11.84
CA HIS D 201 29.85 9.31 12.30
C HIS D 201 31.26 9.11 11.77
N THR D 202 31.92 8.17 12.47
CA THR D 202 33.22 7.67 12.06
C THR D 202 32.89 6.52 11.11
N TYR D 203 33.55 6.46 9.98
CA TYR D 203 33.41 5.34 9.06
C TYR D 203 34.73 4.58 9.03
N LYS D 204 34.77 3.40 8.44
CA LYS D 204 36.00 2.64 8.28
C LYS D 204 36.32 2.46 6.81
N TRP D 205 37.37 3.14 6.34
CA TRP D 205 37.77 3.00 4.95
C TRP D 205 39.05 2.19 4.90
N SER D 206 39.17 1.28 3.93
CA SER D 206 40.41 0.54 3.78
C SER D 206 40.94 0.44 2.36
N ASN D 207 42.27 0.36 2.22
CA ASN D 207 42.90 0.26 0.92
C ASN D 207 42.90 -1.18 0.43
N LYS D 208 43.41 -1.37 -0.80
CA LYS D 208 43.47 -2.71 -1.39
C LYS D 208 44.48 -3.64 -0.74
N ASN D 209 45.42 -3.11 0.06
CA ASN D 209 46.40 -3.95 0.75
C ASN D 209 45.81 -4.51 2.04
N GLY D 210 44.67 -4.00 2.50
CA GLY D 210 44.01 -4.50 3.70
C GLY D 210 44.20 -3.61 4.93
N ASP D 211 44.94 -2.51 4.79
CA ASP D 211 45.14 -1.57 5.88
C ASP D 211 43.92 -0.67 6.00
N TRP D 212 43.43 -0.39 7.21
CA TRP D 212 42.25 0.44 7.40
C TRP D 212 42.41 1.60 8.36
N HIS D 213 41.49 2.56 8.25
CA HIS D 213 41.47 3.74 9.10
C HIS D 213 40.06 4.19 9.44
N TYR D 214 39.94 4.72 10.64
CA TYR D 214 38.75 5.42 11.07
C TYR D 214 38.79 6.76 10.34
N VAL D 215 37.69 7.09 9.64
CA VAL D 215 37.62 8.26 8.78
C VAL D 215 36.43 9.14 9.14
N GLN D 216 36.60 10.47 9.05
CA GLN D 216 35.48 11.39 9.15
C GLN D 216 35.58 12.37 8.01
N VAL D 217 34.49 12.53 7.27
CA VAL D 217 34.46 13.36 6.07
C VAL D 217 33.92 14.76 6.33
N HIS D 218 34.50 15.73 5.60
CA HIS D 218 34.21 17.15 5.73
C HIS D 218 34.00 17.72 4.34
N ILE D 219 32.76 18.11 4.00
CA ILE D 219 32.45 18.71 2.71
C ILE D 219 32.30 20.20 2.90
N LYS D 220 33.41 20.93 2.70
CA LYS D 220 33.48 22.37 2.91
C LYS D 220 33.03 23.22 1.72
N THR D 221 32.20 24.24 1.93
CA THR D 221 31.73 25.10 0.85
C THR D 221 32.77 26.09 0.34
N ASP D 222 32.83 26.13 -0.99
CA ASP D 222 33.72 27.04 -1.69
C ASP D 222 33.17 28.46 -1.84
N GLN D 223 31.88 28.63 -1.56
CA GLN D 223 31.23 29.94 -1.54
C GLN D 223 31.37 30.56 -0.15
N GLY D 224 31.77 29.77 0.85
CA GLY D 224 31.98 30.25 2.21
C GLY D 224 30.71 30.26 3.05
N ILE D 225 30.84 30.11 4.37
CA ILE D 225 29.71 30.13 5.29
C ILE D 225 29.05 31.51 5.29
N LYS D 226 27.76 31.49 5.01
CA LYS D 226 26.97 32.70 5.09
C LYS D 226 25.68 32.32 5.82
N ASN D 227 25.37 33.07 6.87
CA ASN D 227 24.21 32.82 7.70
C ASN D 227 23.23 33.97 7.72
N LEU D 228 22.06 33.68 8.28
CA LEU D 228 21.01 34.66 8.51
C LEU D 228 20.79 34.75 10.00
N THR D 229 20.31 35.90 10.49
CA THR D 229 19.91 36.00 11.89
C THR D 229 18.47 35.46 11.97
N ILE D 230 17.93 35.23 13.17
CA ILE D 230 16.58 34.66 13.29
C ILE D 230 15.48 35.62 12.86
N GLU D 231 15.65 36.95 13.00
CA GLU D 231 14.66 37.92 12.55
C GLU D 231 14.56 37.91 11.03
N GLU D 232 15.72 37.82 10.35
CA GLU D 232 15.78 37.74 8.90
C GLU D 232 15.13 36.47 8.38
N ALA D 233 15.48 35.35 9.02
CA ALA D 233 14.95 34.04 8.66
C ALA D 233 13.44 33.95 8.81
N THR D 234 12.90 34.56 9.87
CA THR D 234 11.46 34.59 10.13
C THR D 234 10.73 35.48 9.14
N LYS D 235 11.31 36.61 8.69
CA LYS D 235 10.66 37.47 7.70
C LYS D 235 10.54 36.71 6.40
N ILE D 236 11.65 36.10 5.94
CA ILE D 236 11.68 35.34 4.71
C ILE D 236 10.80 34.09 4.77
N ALA D 237 10.59 33.47 5.94
CA ALA D 237 9.69 32.31 6.05
C ALA D 237 8.26 32.64 5.61
N GLY D 238 7.73 33.81 5.96
CA GLY D 238 6.40 34.22 5.54
C GLY D 238 6.40 34.78 4.12
N SER D 239 7.44 35.56 3.80
CA SER D 239 7.64 36.21 2.51
C SER D 239 7.85 35.21 1.38
N ASN D 240 8.92 34.41 1.44
CA ASN D 240 9.17 33.37 0.46
C ASN D 240 9.53 32.06 1.16
N PRO D 241 8.56 31.14 1.40
CA PRO D 241 8.77 29.81 1.98
C PRO D 241 9.75 28.93 1.25
N ASP D 242 9.96 29.23 -0.04
CA ASP D 242 10.87 28.44 -0.85
C ASP D 242 12.10 29.20 -1.29
N TYR D 243 12.63 30.00 -0.35
CA TYR D 243 13.79 30.85 -0.57
C TYR D 243 15.06 30.12 -0.98
N CYS D 244 15.40 29.03 -0.27
CA CYS D 244 16.59 28.26 -0.59
C CYS D 244 16.40 27.39 -1.83
N GLN D 245 15.18 26.92 -2.12
CA GLN D 245 14.92 26.18 -3.35
C GLN D 245 15.10 27.07 -4.56
N GLN D 246 14.56 28.30 -4.45
CA GLN D 246 14.65 29.30 -5.51
C GLN D 246 16.10 29.68 -5.74
N ASP D 247 16.87 29.87 -4.66
CA ASP D 247 18.28 30.22 -4.73
C ASP D 247 19.13 29.17 -5.42
N LEU D 248 18.97 27.88 -5.07
CA LEU D 248 19.74 26.81 -5.67
C LEU D 248 19.37 26.62 -7.13
N PHE D 249 18.07 26.69 -7.45
CA PHE D 249 17.60 26.51 -8.83
C PHE D 249 18.16 27.61 -9.71
N GLU D 250 17.98 28.89 -9.30
CA GLU D 250 18.45 30.03 -10.06
C GLU D 250 19.96 30.13 -10.18
N ALA D 251 20.70 29.69 -9.16
CA ALA D 251 22.16 29.70 -9.21
C ALA D 251 22.67 28.75 -10.28
N ILE D 252 22.14 27.52 -10.33
CA ILE D 252 22.55 26.56 -11.35
C ILE D 252 22.08 27.00 -12.74
N GLN D 253 20.87 27.58 -12.81
CA GLN D 253 20.27 28.06 -14.06
C GLN D 253 21.08 29.18 -14.69
N ASN D 254 21.66 30.06 -13.86
CA ASN D 254 22.49 31.15 -14.34
C ASN D 254 23.96 30.77 -14.56
N GLY D 255 24.32 29.49 -14.40
CA GLY D 255 25.70 29.06 -14.61
C GLY D 255 26.62 29.30 -13.42
N ASN D 256 26.14 29.85 -12.30
CA ASN D 256 26.96 30.05 -11.11
C ASN D 256 26.85 28.80 -10.23
N TYR D 257 27.57 27.78 -10.68
CA TYR D 257 27.54 26.45 -10.06
C TYR D 257 28.19 26.37 -8.68
N PRO D 258 27.47 25.97 -7.63
CA PRO D 258 28.05 25.75 -6.31
C PRO D 258 28.97 24.54 -6.26
N SER D 259 30.10 24.72 -5.58
CA SER D 259 31.04 23.63 -5.39
C SER D 259 31.46 23.52 -3.93
N TRP D 260 31.92 22.32 -3.59
CA TRP D 260 32.37 22.00 -2.25
C TRP D 260 33.68 21.21 -2.31
N THR D 261 34.63 21.50 -1.42
CA THR D 261 35.85 20.70 -1.36
C THR D 261 35.71 19.65 -0.26
N VAL D 262 35.94 18.39 -0.68
CA VAL D 262 35.87 17.22 0.19
C VAL D 262 37.23 16.95 0.86
N TYR D 263 37.18 16.79 2.18
CA TYR D 263 38.34 16.54 3.03
C TYR D 263 38.06 15.38 3.97
N ILE D 264 39.10 14.72 4.46
CA ILE D 264 38.95 13.64 5.42
C ILE D 264 39.97 13.76 6.54
N GLN D 265 39.57 13.27 7.70
CA GLN D 265 40.49 13.10 8.81
C GLN D 265 40.64 11.60 8.91
N THR D 266 41.87 11.14 9.10
CA THR D 266 42.09 9.70 9.26
C THR D 266 42.73 9.43 10.61
N MET D 267 42.55 8.18 11.05
CA MET D 267 43.02 7.76 12.35
C MET D 267 43.20 6.25 12.37
N THR D 268 44.14 5.78 13.17
CA THR D 268 44.41 4.36 13.34
C THR D 268 43.65 3.81 14.55
N GLU D 269 43.52 2.48 14.64
CA GLU D 269 42.90 1.84 15.81
C GLU D 269 43.66 2.15 17.10
N ARG D 270 44.99 2.23 16.96
CA ARG D 270 45.90 2.59 18.05
C ARG D 270 45.67 4.03 18.49
N ASP D 271 45.48 4.98 17.56
CA ASP D 271 45.19 6.37 17.92
C ASP D 271 43.85 6.53 18.59
N ALA D 272 42.89 5.68 18.20
CA ALA D 272 41.55 5.66 18.77
C ALA D 272 41.57 5.33 20.25
N LYS D 273 42.56 4.50 20.66
CA LYS D 273 42.76 4.11 22.05
C LYS D 273 43.34 5.23 22.91
N LYS D 274 44.13 6.11 22.28
CA LYS D 274 44.77 7.21 22.97
C LYS D 274 43.93 8.49 22.97
N LEU D 275 42.63 8.32 22.69
CA LEU D 275 41.67 9.41 22.61
C LEU D 275 40.87 9.59 23.89
N PRO D 276 40.54 10.80 24.39
CA PRO D 276 39.76 11.04 25.62
C PRO D 276 38.32 10.51 25.61
N PHE D 277 37.77 10.48 24.38
CA PHE D 277 36.42 10.02 24.09
C PHE D 277 36.42 8.85 23.10
N SER D 278 35.23 8.30 22.84
CA SER D 278 35.06 7.19 21.93
C SER D 278 34.92 7.63 20.47
N VAL D 279 35.57 6.92 19.53
CA VAL D 279 35.40 7.20 18.11
C VAL D 279 34.01 6.81 17.61
N PHE D 280 33.28 6.02 18.42
CA PHE D 280 31.92 5.59 18.13
C PHE D 280 30.87 6.57 18.64
N ASP D 281 31.29 7.70 19.20
CA ASP D 281 30.37 8.71 19.71
C ASP D 281 30.17 9.87 18.74
N LEU D 282 28.91 9.95 18.29
CA LEU D 282 28.42 10.96 17.36
C LEU D 282 28.48 12.39 17.89
N THR D 283 28.42 12.56 19.21
CA THR D 283 28.43 13.88 19.81
C THR D 283 29.83 14.46 19.95
N LYS D 284 30.87 13.72 19.53
CA LYS D 284 32.24 14.17 19.65
C LYS D 284 32.90 14.43 18.31
N VAL D 285 33.74 15.47 18.28
CA VAL D 285 34.52 15.81 17.09
C VAL D 285 35.99 15.54 17.35
N TRP D 286 36.68 15.16 16.27
CA TRP D 286 38.11 14.91 16.30
C TRP D 286 38.84 16.24 16.15
N PRO D 287 39.73 16.60 17.09
CA PRO D 287 40.53 17.83 17.03
C PRO D 287 41.43 17.91 15.78
N GLN D 288 41.27 19.01 15.03
CA GLN D 288 42.02 19.18 13.78
C GLN D 288 43.52 19.46 13.88
N GLY D 289 43.97 19.85 15.08
CA GLY D 289 45.40 20.02 15.34
C GLY D 289 46.10 18.67 15.28
N GLN D 290 45.59 17.71 16.06
CA GLN D 290 46.13 16.36 16.08
C GLN D 290 45.85 15.57 14.81
N PHE D 291 44.64 15.75 14.26
CA PHE D 291 44.21 15.03 13.06
C PHE D 291 43.81 16.06 12.01
N PRO D 292 44.75 16.51 11.15
CA PRO D 292 44.48 17.53 10.14
C PRO D 292 43.61 17.05 8.99
N LEU D 293 42.94 18.01 8.32
CA LEU D 293 42.13 17.70 7.15
C LEU D 293 43.02 17.44 5.95
N ARG D 294 42.67 16.37 5.23
CA ARG D 294 43.40 15.95 4.06
C ARG D 294 42.46 15.99 2.86
N ARG D 295 42.81 16.78 1.84
CA ARG D 295 41.95 16.96 0.67
C ARG D 295 41.82 15.73 -0.21
N VAL D 296 40.60 15.53 -0.73
CA VAL D 296 40.26 14.36 -1.53
C VAL D 296 39.79 14.72 -2.93
N GLY D 297 38.85 15.66 -3.00
CA GLY D 297 38.26 16.05 -4.28
C GLY D 297 37.27 17.20 -4.16
N LYS D 298 36.36 17.26 -5.14
CA LYS D 298 35.35 18.32 -5.22
C LYS D 298 33.97 17.81 -5.66
N ILE D 299 32.92 18.43 -5.11
CA ILE D 299 31.55 18.18 -5.54
C ILE D 299 31.05 19.46 -6.19
N VAL D 300 30.68 19.37 -7.47
CA VAL D 300 30.10 20.49 -8.21
C VAL D 300 28.68 20.12 -8.63
N LEU D 301 27.71 20.94 -8.20
CA LEU D 301 26.32 20.77 -8.61
C LEU D 301 26.07 21.73 -9.78
N ASN D 302 25.87 21.15 -10.96
CA ASN D 302 25.76 21.94 -12.17
C ASN D 302 24.52 21.66 -13.02
N GLU D 303 23.56 20.92 -12.49
CA GLU D 303 22.38 20.56 -13.27
C GLU D 303 21.13 20.46 -12.43
N ASN D 304 20.10 21.22 -12.78
CA ASN D 304 18.81 21.11 -12.12
C ASN D 304 18.06 19.87 -12.59
N PRO D 305 17.23 19.23 -11.76
CA PRO D 305 16.31 18.20 -12.22
C PRO D 305 15.21 18.74 -13.13
N LEU D 306 14.79 17.86 -14.04
CA LEU D 306 13.67 18.15 -14.93
C LEU D 306 12.33 18.01 -14.20
N ASN D 307 12.15 16.99 -13.36
CA ASN D 307 10.92 16.80 -12.62
C ASN D 307 11.29 16.58 -11.16
N PHE D 308 10.83 17.50 -10.30
CA PHE D 308 11.09 17.41 -8.87
C PHE D 308 10.54 16.15 -8.22
N PHE D 309 9.30 15.71 -8.53
CA PHE D 309 8.73 14.53 -7.90
C PHE D 309 9.50 13.25 -8.26
N ALA D 310 9.68 13.03 -9.55
CA ALA D 310 10.32 11.83 -10.06
C ALA D 310 11.78 11.67 -9.67
N GLN D 311 12.51 12.79 -9.66
CA GLN D 311 13.94 12.75 -9.39
C GLN D 311 14.39 13.17 -8.01
N VAL D 312 13.66 14.04 -7.31
CA VAL D 312 14.09 14.46 -5.99
C VAL D 312 13.23 13.82 -4.92
N GLU D 313 11.89 13.87 -5.06
CA GLU D 313 10.98 13.32 -4.07
C GLU D 313 11.04 11.80 -4.02
N GLN D 314 11.24 11.14 -5.17
CA GLN D 314 11.39 9.71 -5.20
C GLN D 314 12.83 9.24 -4.98
N ALA D 315 13.78 10.15 -4.73
CA ALA D 315 15.15 9.76 -4.43
C ALA D 315 15.21 9.10 -3.06
N ALA D 316 16.01 8.04 -3.01
CA ALA D 316 16.16 7.27 -1.80
C ALA D 316 17.64 7.18 -1.46
N PHE D 317 17.97 7.64 -0.26
CA PHE D 317 19.34 7.68 0.24
C PHE D 317 19.43 6.81 1.49
N ALA D 318 20.51 6.03 1.60
CA ALA D 318 20.71 5.10 2.70
C ALA D 318 22.19 4.92 3.04
N PRO D 319 22.61 5.00 4.31
CA PRO D 319 23.96 4.63 4.76
C PRO D 319 24.38 3.21 4.37
N SER D 320 23.41 2.29 4.29
CA SER D 320 23.67 0.93 3.85
C SER D 320 23.98 0.79 2.37
N THR D 321 23.80 1.86 1.59
CA THR D 321 24.18 1.86 0.18
C THR D 321 25.60 2.38 0.18
N THR D 322 26.51 1.42 0.12
CA THR D 322 27.93 1.72 0.18
C THR D 322 28.70 0.87 -0.81
N VAL D 323 29.87 1.37 -1.24
CA VAL D 323 30.72 0.64 -2.18
C VAL D 323 31.81 -0.16 -1.48
N PRO D 324 32.49 -1.12 -2.13
CA PRO D 324 33.72 -1.76 -1.65
C PRO D 324 34.69 -0.78 -0.98
N TYR D 325 35.31 -1.26 0.12
CA TYR D 325 36.32 -0.55 0.90
C TYR D 325 35.79 0.60 1.76
N GLN D 326 34.47 0.84 1.76
CA GLN D 326 33.85 1.82 2.65
C GLN D 326 32.79 1.10 3.48
N GLU D 327 32.98 1.14 4.80
CA GLU D 327 32.12 0.45 5.74
C GLU D 327 31.78 1.31 6.95
N ALA D 328 30.74 0.91 7.67
CA ALA D 328 30.30 1.63 8.86
C ALA D 328 31.10 1.21 10.08
N SER D 329 31.33 2.16 11.00
CA SER D 329 31.94 1.84 12.29
C SER D 329 30.90 1.31 13.26
N ALA D 330 31.30 0.92 14.49
CA ALA D 330 30.37 0.42 15.49
C ALA D 330 29.60 1.52 16.25
N ASP D 331 29.57 2.75 15.70
CA ASP D 331 28.76 3.85 16.20
C ASP D 331 27.30 3.37 16.21
N PRO D 332 26.62 3.25 17.37
CA PRO D 332 25.30 2.63 17.52
C PRO D 332 24.21 3.31 16.70
N VAL D 333 24.35 4.64 16.53
CA VAL D 333 23.42 5.40 15.73
C VAL D 333 23.59 5.02 14.27
N LEU D 334 24.83 4.97 13.74
CA LEU D 334 25.05 4.56 12.36
C LEU D 334 24.65 3.12 12.11
N GLN D 335 24.85 2.27 13.12
CA GLN D 335 24.51 0.85 13.04
C GLN D 335 23.02 0.67 12.81
N ALA D 336 22.18 1.40 13.56
CA ALA D 336 20.74 1.37 13.35
C ALA D 336 20.34 2.01 12.04
N ARG D 337 21.07 3.04 11.57
CA ARG D 337 20.79 3.69 10.30
C ARG D 337 21.01 2.76 9.12
N LEU D 338 21.84 1.71 9.27
CA LEU D 338 22.04 0.71 8.24
C LEU D 338 20.75 -0.08 7.99
N PHE D 339 19.86 -0.11 8.99
CA PHE D 339 18.57 -0.73 8.83
C PHE D 339 17.52 0.27 8.36
N SER D 340 17.33 1.35 9.10
CA SER D 340 16.23 2.28 8.91
C SER D 340 15.89 2.90 7.56
N TYR D 341 16.89 3.30 6.78
CA TYR D 341 16.61 3.98 5.54
C TYR D 341 16.05 3.10 4.46
N ALA D 342 16.66 1.94 4.18
CA ALA D 342 16.14 1.02 3.17
C ALA D 342 14.74 0.51 3.54
N ASP D 343 14.49 0.35 4.84
CA ASP D 343 13.19 -0.05 5.36
C ASP D 343 12.16 1.04 5.10
N ALA D 344 12.56 2.30 5.37
CA ALA D 344 11.70 3.44 5.11
C ALA D 344 11.39 3.55 3.63
N HIS D 345 12.36 3.24 2.75
CA HIS D 345 12.17 3.29 1.32
C HIS D 345 11.16 2.28 0.81
N ARG D 346 11.19 1.07 1.38
CA ARG D 346 10.26 0.02 0.98
C ARG D 346 8.82 0.42 1.25
N TYR D 347 8.59 1.17 2.33
CA TYR D 347 7.26 1.65 2.64
C TYR D 347 6.84 2.88 1.81
N ARG D 348 7.71 3.90 1.83
CA ARG D 348 7.49 5.20 1.20
C ARG D 348 7.31 5.14 -0.29
N LEU D 349 8.27 4.45 -0.91
CA LEU D 349 8.34 4.32 -2.35
C LEU D 349 7.85 2.98 -2.87
N GLY D 350 8.13 1.88 -2.16
CA GLY D 350 7.69 0.56 -2.60
C GLY D 350 8.82 -0.47 -2.60
N PRO D 351 8.52 -1.79 -2.61
CA PRO D 351 9.52 -2.85 -2.62
C PRO D 351 10.57 -2.82 -3.72
N ASN D 352 10.17 -2.29 -4.87
CA ASN D 352 11.07 -2.17 -5.99
C ASN D 352 11.47 -0.72 -6.25
N PHE D 353 11.69 0.04 -5.17
CA PHE D 353 12.13 1.43 -5.24
C PHE D 353 13.46 1.66 -5.96
N HIS D 354 14.31 0.63 -5.99
CA HIS D 354 15.62 0.69 -6.65
C HIS D 354 15.52 0.65 -8.16
N GLN D 355 14.32 0.35 -8.69
CA GLN D 355 14.07 0.38 -10.13
C GLN D 355 13.59 1.77 -10.58
N ILE D 356 13.36 2.71 -9.66
CA ILE D 356 13.06 4.09 -10.01
C ILE D 356 14.36 4.69 -10.55
N PRO D 357 14.41 5.34 -11.73
CA PRO D 357 15.63 5.83 -12.37
C PRO D 357 16.69 6.52 -11.52
N VAL D 358 16.36 7.48 -10.66
CA VAL D 358 17.41 8.12 -9.85
C VAL D 358 18.00 7.20 -8.80
N ASN D 359 17.28 6.14 -8.41
CA ASN D 359 17.77 5.21 -7.42
C ASN D 359 18.48 4.02 -8.04
N CYS D 360 18.38 3.92 -9.37
CA CYS D 360 18.96 2.84 -10.12
C CYS D 360 20.49 2.98 -10.21
N PRO D 361 21.27 1.94 -9.93
CA PRO D 361 22.72 1.92 -10.15
C PRO D 361 23.07 1.82 -11.64
N TYR D 362 22.97 2.89 -12.43
CA TYR D 362 23.16 2.77 -13.87
C TYR D 362 24.58 2.35 -14.29
N ALA D 363 25.59 2.71 -13.48
CA ALA D 363 26.98 2.36 -13.75
C ALA D 363 27.43 0.99 -13.23
N SER D 364 26.53 0.28 -12.56
CA SER D 364 26.81 -1.06 -12.07
C SER D 364 25.46 -1.76 -11.89
N LYS D 365 24.90 -2.18 -13.02
CA LYS D 365 23.57 -2.79 -13.08
C LYS D 365 23.24 -3.86 -12.04
N PHE D 366 22.09 -3.67 -11.40
CA PHE D 366 21.56 -4.62 -10.44
C PHE D 366 21.24 -5.95 -11.12
N PHE D 367 21.86 -6.99 -10.58
CA PHE D 367 21.61 -8.36 -11.01
C PHE D 367 21.77 -9.27 -9.81
N ASN D 368 20.67 -9.95 -9.50
CA ASN D 368 20.67 -10.91 -8.42
C ASN D 368 19.51 -11.84 -8.68
N PRO D 369 19.76 -13.13 -8.96
CA PRO D 369 18.73 -14.11 -9.28
C PRO D 369 17.69 -14.38 -8.21
N ALA D 370 17.98 -14.10 -6.94
CA ALA D 370 17.03 -14.33 -5.86
C ALA D 370 16.24 -13.09 -5.45
N ILE D 371 16.56 -11.88 -5.97
CA ILE D 371 15.76 -10.69 -5.69
C ILE D 371 14.83 -10.54 -6.89
N ARG D 372 13.62 -11.09 -6.73
CA ARG D 372 12.62 -11.16 -7.80
C ARG D 372 11.24 -10.73 -7.36
N ASP D 373 10.36 -10.54 -8.36
CA ASP D 373 8.95 -10.20 -8.18
C ASP D 373 8.65 -8.94 -7.39
N GLY D 374 7.52 -8.86 -6.67
CA GLY D 374 7.18 -7.65 -5.94
C GLY D 374 6.35 -6.71 -6.79
N PRO D 375 5.52 -5.84 -6.18
CA PRO D 375 4.74 -4.79 -6.82
C PRO D 375 5.59 -3.91 -7.72
N MET D 376 5.06 -3.63 -8.90
CA MET D 376 5.71 -2.73 -9.84
C MET D 376 7.14 -3.12 -10.20
N ASN D 377 7.32 -4.38 -10.62
CA ASN D 377 8.60 -4.82 -11.13
C ASN D 377 8.55 -4.45 -12.61
N VAL D 378 9.24 -3.35 -12.94
CA VAL D 378 9.19 -2.77 -14.27
C VAL D 378 10.40 -2.95 -15.16
N ASN D 379 11.48 -3.61 -14.73
CA ASN D 379 12.67 -3.76 -15.57
C ASN D 379 12.84 -5.13 -16.24
N GLY D 380 11.77 -5.92 -16.26
CA GLY D 380 11.79 -7.24 -16.90
C GLY D 380 11.85 -8.40 -15.91
N ASN D 381 12.26 -8.16 -14.65
CA ASN D 381 12.38 -9.18 -13.61
C ASN D 381 13.35 -10.32 -14.01
N PHE D 382 14.40 -9.90 -14.73
CA PHE D 382 15.45 -10.77 -15.30
C PHE D 382 14.96 -11.91 -16.19
N GLY D 383 13.73 -11.76 -16.73
CA GLY D 383 13.15 -12.72 -17.65
C GLY D 383 13.06 -14.12 -17.08
N SER D 384 13.55 -15.07 -17.89
CA SER D 384 13.52 -16.49 -17.52
C SER D 384 14.70 -16.95 -16.65
N GLU D 385 15.60 -16.05 -16.20
CA GLU D 385 16.68 -16.41 -15.29
C GLU D 385 16.21 -17.24 -14.11
N PRO D 386 16.88 -18.35 -13.74
CA PRO D 386 16.57 -19.11 -12.53
C PRO D 386 16.48 -18.24 -11.29
N THR D 387 15.53 -18.55 -10.41
CA THR D 387 15.34 -17.78 -9.19
C THR D 387 16.26 -18.18 -8.04
N TYR D 388 17.29 -18.96 -8.37
CA TYR D 388 18.33 -19.42 -7.44
C TYR D 388 19.62 -19.51 -8.27
N LEU D 389 20.68 -20.05 -7.67
CA LEU D 389 21.93 -20.23 -8.39
C LEU D 389 21.99 -21.60 -9.03
N ALA D 390 21.45 -21.64 -10.26
CA ALA D 390 21.42 -22.85 -11.06
C ALA D 390 22.82 -23.26 -11.48
N ASN D 391 23.12 -24.55 -11.34
CA ASN D 391 24.43 -25.08 -11.68
C ASN D 391 24.79 -25.08 -13.17
N ASP D 392 23.78 -25.05 -14.05
CA ASP D 392 24.03 -24.96 -15.48
C ASP D 392 24.16 -23.52 -15.97
N LYS D 393 24.11 -22.53 -15.07
CA LYS D 393 24.31 -21.14 -15.43
C LYS D 393 25.56 -20.62 -14.73
N SER D 394 26.07 -19.48 -15.23
CA SER D 394 27.28 -18.88 -14.71
C SER D 394 27.02 -17.66 -13.82
N TYR D 395 27.70 -17.52 -12.68
CA TYR D 395 27.52 -16.35 -11.83
C TYR D 395 28.87 -15.85 -11.35
N THR D 396 29.12 -14.55 -11.54
CA THR D 396 30.39 -13.97 -11.15
C THR D 396 30.28 -13.18 -9.85
N TYR D 397 31.17 -13.54 -8.94
CA TYR D 397 31.31 -12.87 -7.66
C TYR D 397 32.68 -12.25 -7.68
N ILE D 398 32.76 -10.92 -7.83
CA ILE D 398 34.05 -10.26 -7.89
C ILE D 398 34.58 -9.92 -6.51
N GLN D 399 35.90 -9.69 -6.45
CA GLN D 399 36.64 -9.33 -5.24
C GLN D 399 36.47 -10.30 -4.07
N GLN D 400 36.55 -11.60 -4.35
CA GLN D 400 36.34 -12.63 -3.35
C GLN D 400 37.31 -12.63 -2.18
N ASP D 401 38.52 -12.12 -2.44
CA ASP D 401 39.56 -12.00 -1.42
C ASP D 401 39.45 -10.71 -0.62
N ARG D 402 38.65 -9.72 -1.07
CA ARG D 402 38.45 -8.47 -0.33
C ARG D 402 37.66 -8.75 0.94
N PRO D 403 38.21 -8.40 2.11
CA PRO D 403 37.49 -8.49 3.38
C PRO D 403 36.41 -7.41 3.54
N ILE D 404 35.33 -7.70 4.27
CA ILE D 404 34.33 -6.68 4.55
C ILE D 404 34.76 -5.97 5.82
N GLN D 405 34.68 -6.66 6.97
CA GLN D 405 35.10 -6.12 8.25
C GLN D 405 35.88 -7.09 9.11
N GLN D 406 36.11 -8.35 8.69
CA GLN D 406 36.84 -9.34 9.50
C GLN D 406 38.32 -9.05 9.73
N HIS D 407 38.87 -8.13 8.93
CA HIS D 407 40.24 -7.69 9.03
C HIS D 407 40.43 -6.55 10.01
N GLN D 408 39.33 -6.10 10.64
CA GLN D 408 39.35 -4.95 11.54
C GLN D 408 39.24 -5.31 13.03
N GLU D 409 38.40 -4.69 13.86
CA GLU D 409 38.37 -4.95 15.30
C GLU D 409 37.92 -6.35 15.70
N VAL D 410 38.43 -6.84 16.83
CA VAL D 410 38.01 -8.12 17.37
C VAL D 410 37.18 -7.76 18.60
N TRP D 411 35.96 -8.28 18.59
CA TRP D 411 35.00 -8.00 19.65
C TRP D 411 34.92 -9.13 20.66
N ASN D 412 34.70 -8.71 21.90
CA ASN D 412 34.60 -9.64 23.00
C ASN D 412 33.57 -9.13 24.00
N GLY D 413 32.69 -10.04 24.41
CA GLY D 413 31.65 -9.70 25.36
C GLY D 413 30.39 -10.49 25.10
N PRO D 414 29.46 -10.58 26.05
CA PRO D 414 28.10 -11.06 25.81
C PRO D 414 27.23 -10.04 25.08
N ALA D 415 25.98 -10.43 24.76
CA ALA D 415 25.00 -9.51 24.21
C ALA D 415 24.52 -8.67 25.40
N ILE D 416 24.92 -7.39 25.47
CA ILE D 416 24.53 -6.50 26.56
C ILE D 416 23.50 -5.46 26.10
N PRO D 417 22.35 -5.34 26.81
CA PRO D 417 21.38 -4.26 26.69
C PRO D 417 22.02 -3.02 27.28
N TYR D 418 22.40 -2.10 26.41
CA TYR D 418 23.10 -0.91 26.85
C TYR D 418 22.47 0.41 26.46
N HIS D 419 22.40 1.30 27.44
CA HIS D 419 21.94 2.67 27.26
C HIS D 419 23.13 3.57 27.61
N TRP D 420 23.69 4.20 26.56
CA TRP D 420 24.80 5.12 26.67
C TRP D 420 24.34 6.52 27.12
N ALA D 421 23.81 6.55 28.34
CA ALA D 421 23.38 7.77 29.01
C ALA D 421 24.55 8.71 29.22
N THR D 422 24.24 10.01 29.31
CA THR D 422 25.23 11.08 29.55
C THR D 422 26.12 10.69 30.72
N SER D 423 27.41 10.66 30.40
CA SER D 423 28.45 10.35 31.38
C SER D 423 28.45 11.31 32.55
N PRO D 424 28.60 10.82 33.79
CA PRO D 424 28.88 11.64 34.96
C PRO D 424 30.16 12.45 34.74
N GLY D 425 30.14 13.70 35.19
CA GLY D 425 31.32 14.53 35.05
C GLY D 425 31.24 15.49 33.87
N ASP D 426 32.40 15.79 33.31
CA ASP D 426 32.48 16.84 32.33
C ASP D 426 32.79 16.47 30.89
N VAL D 427 33.12 15.19 30.62
CA VAL D 427 33.51 14.75 29.29
C VAL D 427 32.52 15.06 28.16
N ASP D 428 31.20 15.01 28.40
CA ASP D 428 30.20 15.32 27.37
C ASP D 428 29.82 16.78 27.29
N PHE D 429 30.43 17.64 28.12
CA PHE D 429 30.18 19.07 28.09
C PHE D 429 31.38 19.88 27.63
N VAL D 430 32.58 19.25 27.64
CA VAL D 430 33.83 19.89 27.23
C VAL D 430 33.80 20.51 25.84
N GLN D 431 33.34 19.77 24.83
CA GLN D 431 33.34 20.27 23.45
C GLN D 431 32.29 21.32 23.17
N ALA D 432 31.17 21.31 23.91
CA ALA D 432 30.18 22.37 23.77
C ALA D 432 30.75 23.67 24.35
N ARG D 433 31.56 23.52 25.40
CA ARG D 433 32.21 24.63 26.05
C ARG D 433 33.32 25.22 25.19
N ASN D 434 34.08 24.38 24.50
CA ASN D 434 35.12 24.90 23.61
C ASN D 434 34.48 25.48 22.34
N LEU D 435 33.28 25.02 21.97
CA LEU D 435 32.55 25.59 20.83
C LEU D 435 32.10 27.00 21.21
N TYR D 436 31.74 27.23 22.48
CA TYR D 436 31.39 28.56 22.97
C TYR D 436 32.60 29.48 22.88
N ARG D 437 33.81 28.97 23.20
CA ARG D 437 35.06 29.70 23.11
C ARG D 437 35.32 30.16 21.68
N VAL D 438 35.08 29.29 20.68
CA VAL D 438 35.28 29.61 19.27
C VAL D 438 34.32 30.69 18.79
N LEU D 439 33.08 30.70 19.31
CA LEU D 439 32.10 31.74 18.97
C LEU D 439 32.45 33.10 19.56
N GLY D 440 33.33 33.15 20.56
CA GLY D 440 33.83 34.39 21.13
C GLY D 440 34.79 35.12 20.19
N LYS D 441 35.44 34.38 19.28
CA LYS D 441 36.32 34.99 18.29
C LYS D 441 35.55 35.71 17.20
N GLN D 442 34.36 35.22 16.87
CA GLN D 442 33.50 35.81 15.86
C GLN D 442 32.63 36.88 16.52
N PRO D 443 32.69 38.17 16.15
CA PRO D 443 31.96 39.26 16.80
C PRO D 443 30.45 39.22 16.75
N GLY D 444 29.85 39.26 17.95
CA GLY D 444 28.39 39.25 18.11
C GLY D 444 27.73 37.87 18.15
N GLN D 445 28.46 36.80 17.84
CA GLN D 445 27.91 35.45 17.82
C GLN D 445 27.49 34.83 19.13
N GLN D 446 28.14 35.17 20.25
CA GLN D 446 27.74 34.64 21.54
C GLN D 446 26.45 35.30 22.01
N LYS D 447 26.28 36.58 21.64
CA LYS D 447 25.08 37.35 21.96
C LYS D 447 23.91 36.81 21.17
N ASN D 448 24.14 36.52 19.87
CA ASN D 448 23.12 35.93 19.01
C ASN D 448 22.74 34.54 19.46
N LEU D 449 23.69 33.72 19.95
CA LEU D 449 23.40 32.38 20.47
C LEU D 449 22.45 32.47 21.65
N ALA D 450 22.75 33.36 22.60
CA ALA D 450 21.92 33.52 23.78
C ALA D 450 20.54 34.08 23.46
N TYR D 451 20.46 34.90 22.43
CA TYR D 451 19.20 35.48 22.00
C TYR D 451 18.33 34.40 21.37
N ASN D 452 18.91 33.63 20.44
CA ASN D 452 18.25 32.55 19.75
C ASN D 452 17.70 31.48 20.68
N ILE D 453 18.42 31.18 21.78
CA ILE D 453 17.92 30.22 22.75
C ILE D 453 16.88 30.89 23.61
N GLY D 454 17.12 32.13 24.05
CA GLY D 454 16.22 32.85 24.93
C GLY D 454 14.82 33.09 24.38
N ILE D 455 14.67 33.43 23.09
CA ILE D 455 13.35 33.66 22.49
C ILE D 455 12.56 32.37 22.25
N HIS D 456 13.27 31.24 22.14
CA HIS D 456 12.67 29.94 21.96
C HIS D 456 12.22 29.36 23.30
N VAL D 457 13.10 29.44 24.31
CA VAL D 457 12.85 28.95 25.66
C VAL D 457 11.74 29.75 26.34
N GLU D 458 11.56 31.00 25.90
CA GLU D 458 10.55 31.90 26.40
C GLU D 458 9.14 31.30 26.41
N GLY D 459 8.85 30.46 25.40
CA GLY D 459 7.57 29.78 25.26
C GLY D 459 7.36 28.58 26.17
N ALA D 460 8.41 28.08 26.83
CA ALA D 460 8.29 26.95 27.76
C ALA D 460 7.80 27.37 29.14
N CYS D 461 7.28 26.39 29.89
CA CYS D 461 6.74 26.60 31.22
C CYS D 461 7.90 26.73 32.23
N PRO D 462 7.75 27.44 33.38
CA PRO D 462 8.84 27.81 34.28
C PRO D 462 9.80 26.72 34.74
N GLN D 463 9.28 25.53 35.07
CA GLN D 463 10.09 24.40 35.53
C GLN D 463 11.08 23.92 34.48
N ILE D 464 10.61 23.78 33.24
CA ILE D 464 11.46 23.35 32.13
C ILE D 464 12.42 24.48 31.78
N GLN D 465 11.99 25.75 31.89
CA GLN D 465 12.88 26.88 31.66
C GLN D 465 14.09 26.88 32.58
N GLN D 466 13.87 26.56 33.87
CA GLN D 466 14.95 26.51 34.84
C GLN D 466 15.94 25.41 34.54
N ARG D 467 15.47 24.24 34.07
CA ARG D 467 16.33 23.13 33.69
C ARG D 467 17.21 23.46 32.49
N VAL D 468 16.69 24.32 31.60
CA VAL D 468 17.44 24.79 30.43
C VAL D 468 18.55 25.72 30.90
N TYR D 469 18.27 26.60 31.88
CA TYR D 469 19.27 27.50 32.41
C TYR D 469 20.40 26.74 33.11
N ASP D 470 20.07 25.73 33.92
CA ASP D 470 21.07 24.92 34.61
C ASP D 470 21.93 24.12 33.66
N MET D 471 21.34 23.62 32.57
CA MET D 471 22.08 22.86 31.58
C MET D 471 23.11 23.73 30.86
N PHE D 472 22.71 24.94 30.45
CA PHE D 472 23.61 25.87 29.80
C PHE D 472 24.60 26.51 30.76
N ALA D 473 24.25 26.55 32.07
CA ALA D 473 25.12 27.06 33.11
C ALA D 473 26.37 26.20 33.26
N ARG D 474 26.16 24.92 32.99
CA ARG D 474 27.21 23.94 33.03
C ARG D 474 28.19 24.09 31.86
N VAL D 475 27.81 24.82 30.80
CA VAL D 475 28.71 25.12 29.70
C VAL D 475 29.48 26.39 30.08
N ASP D 476 28.70 27.41 30.46
CA ASP D 476 29.22 28.72 30.84
C ASP D 476 28.09 29.42 31.58
N LYS D 477 28.40 29.93 32.78
CA LYS D 477 27.39 30.61 33.58
C LYS D 477 26.96 31.96 33.02
N GLY D 478 27.83 32.64 32.27
CA GLY D 478 27.51 33.91 31.62
C GLY D 478 26.48 33.70 30.52
N LEU D 479 26.60 32.57 29.80
CA LEU D 479 25.66 32.18 28.75
C LEU D 479 24.28 31.96 29.36
N SER D 480 24.23 31.19 30.44
CA SER D 480 22.99 30.90 31.17
C SER D 480 22.25 32.15 31.62
N GLU D 481 22.99 33.16 32.12
CA GLU D 481 22.39 34.41 32.57
C GLU D 481 21.85 35.21 31.40
N ALA D 482 22.60 35.20 30.28
CA ALA D 482 22.21 35.90 29.06
C ALA D 482 20.94 35.33 28.41
N ILE D 483 20.76 34.00 28.47
CA ILE D 483 19.57 33.33 27.95
C ILE D 483 18.38 33.69 28.84
N LYS D 484 18.61 33.68 30.15
CA LYS D 484 17.60 34.01 31.14
C LYS D 484 17.13 35.45 30.99
N LYS D 485 18.02 36.38 30.60
CA LYS D 485 17.62 37.77 30.39
C LYS D 485 16.71 37.90 29.18
N VAL D 486 17.01 37.18 28.10
CA VAL D 486 16.20 37.22 26.89
C VAL D 486 14.85 36.50 27.09
N ALA D 487 14.82 35.42 27.86
CA ALA D 487 13.60 34.68 28.13
C ALA D 487 12.62 35.45 29.01
N GLU D 488 13.15 36.32 29.87
CA GLU D 488 12.34 37.20 30.70
C GLU D 488 11.94 38.46 29.94
#